data_7X9N
# 
_entry.id   7X9N 
# 
_audit_conform.dict_name       mmcif_pdbx.dic 
_audit_conform.dict_version    5.380 
_audit_conform.dict_location   http://mmcif.pdb.org/dictionaries/ascii/mmcif_pdbx.dic 
# 
loop_
_database_2.database_id 
_database_2.database_code 
_database_2.pdbx_database_accession 
_database_2.pdbx_DOI 
PDB   7X9N         pdb_00007x9n 10.2210/pdb7x9n/pdb 
WWPDB D_1300028381 ?            ?                   
# 
_pdbx_database_status.status_code                     REL 
_pdbx_database_status.status_code_sf                  REL 
_pdbx_database_status.status_code_mr                  ? 
_pdbx_database_status.entry_id                        7X9N 
_pdbx_database_status.recvd_initial_deposition_date   2022-03-15 
_pdbx_database_status.SG_entry                        N 
_pdbx_database_status.deposit_site                    PDBJ 
_pdbx_database_status.process_site                    PDBJ 
_pdbx_database_status.status_code_cs                  ? 
_pdbx_database_status.status_code_nmr_data            ? 
_pdbx_database_status.methods_development_category    ? 
_pdbx_database_status.pdb_format_compatible           Y 
# 
loop_
_audit_author.name 
_audit_author.pdbx_ordinal 
_audit_author.identifier_ORCID 
'Nakamura, T.' 1 ? 
'Yamagata, Y.' 2 ? 
# 
_citation.abstract                  ? 
_citation.abstract_id_CAS           ? 
_citation.book_id_ISBN              ? 
_citation.book_publisher            ? 
_citation.book_publisher_city       ? 
_citation.book_title                ? 
_citation.coordinate_linkage        ? 
_citation.country                   US 
_citation.database_id_Medline       ? 
_citation.details                   ? 
_citation.id                        primary 
_citation.journal_abbrev            Proc.Natl.Acad.Sci.USA 
_citation.journal_id_ASTM           PNASA6 
_citation.journal_id_CSD            0040 
_citation.journal_id_ISSN           1091-6490 
_citation.journal_full              ? 
_citation.journal_issue             ? 
_citation.journal_volume            119 
_citation.language                  ? 
_citation.page_first                e2203118119 
_citation.page_last                 e2203118119 
_citation.title                     'Visualization of mutagenic nucleotide processing by Escherichia coli MutT, a Nudix hydrolase.' 
_citation.year                      2022 
_citation.database_id_CSD           ? 
_citation.pdbx_database_id_DOI      10.1073/pnas.2203118119 
_citation.pdbx_database_id_PubMed   35594391 
_citation.pdbx_database_id_patent   ? 
_citation.unpublished_flag          ? 
# 
loop_
_citation_author.citation_id 
_citation_author.name 
_citation_author.ordinal 
_citation_author.identifier_ORCID 
primary 'Nakamura, T.' 1 0000-0003-2013-3057 
primary 'Yamagata, Y.' 2 0000-0003-0007-4985 
# 
_cell.angle_alpha                  90.000 
_cell.angle_alpha_esd              ? 
_cell.angle_beta                   90.000 
_cell.angle_beta_esd               ? 
_cell.angle_gamma                  90.000 
_cell.angle_gamma_esd              ? 
_cell.entry_id                     7X9N 
_cell.details                      ? 
_cell.formula_units_Z              ? 
_cell.length_a                     38.348 
_cell.length_a_esd                 ? 
_cell.length_b                     55.931 
_cell.length_b_esd                 ? 
_cell.length_c                     59.079 
_cell.length_c_esd                 ? 
_cell.volume                       126715.120 
_cell.volume_esd                   ? 
_cell.Z_PDB                        4 
_cell.reciprocal_angle_alpha       ? 
_cell.reciprocal_angle_beta        ? 
_cell.reciprocal_angle_gamma       ? 
_cell.reciprocal_angle_alpha_esd   ? 
_cell.reciprocal_angle_beta_esd    ? 
_cell.reciprocal_angle_gamma_esd   ? 
_cell.reciprocal_length_a          ? 
_cell.reciprocal_length_b          ? 
_cell.reciprocal_length_c          ? 
_cell.reciprocal_length_a_esd      ? 
_cell.reciprocal_length_b_esd      ? 
_cell.reciprocal_length_c_esd      ? 
_cell.pdbx_unique_axis             ? 
# 
_symmetry.entry_id                         7X9N 
_symmetry.cell_setting                     ? 
_symmetry.Int_Tables_number                19 
_symmetry.space_group_name_Hall            'P 2ac 2ab' 
_symmetry.space_group_name_H-M             'P 21 21 21' 
_symmetry.pdbx_full_space_group_name_H-M   ? 
# 
loop_
_entity.id 
_entity.type 
_entity.src_method 
_entity.pdbx_description 
_entity.formula_weight 
_entity.pdbx_number_of_molecules 
_entity.pdbx_ec 
_entity.pdbx_mutation 
_entity.pdbx_fragment 
_entity.details 
1 polymer     man 7,8-dihydro-8-oxoguanine-triphosphatase     14945.029 1   3.6.1.55,3.6.1.- ? ? ? 
2 non-polymer syn 'SULFATE ION'                               96.063    1   ?                ? ? ? 
3 non-polymer syn "8-OXO-2'-DEOXYGUANOSINE-5'-TRIPHOSPHATE"   523.180   1   ?                ? ? ? 
4 non-polymer syn "8-OXO-2'-DEOXY-GUANOSINE-5'-MONOPHOSPHATE" 363.221   1   ?                ? ? ? 
5 non-polymer syn 'MAGNESIUM ION'                             24.305    3   ?                ? ? ? 
6 water       nat water                                       18.015    137 ?                ? ? ? 
# 
_entity_name_com.entity_id   1 
_entity_name_com.name        
;8-oxo-dGTP diphosphatase,8-oxo-dGTP diphosphatase MutT,Mutator MutT protein,Mutator mutT protein (7,8-dihydro-8-oxoguanine-triphosphatase),Nucleoside triphosphate hydrolase,Nucleoside triphosphate pyrophosphohydrolase,marked preference for dGTP,dGTP-preferring nucleoside triphosphate pyrophosphohydrolase
;
# 
_entity_poly.entity_id                      1 
_entity_poly.type                           'polypeptide(L)' 
_entity_poly.nstd_linkage                   no 
_entity_poly.nstd_monomer                   no 
_entity_poly.pdbx_seq_one_letter_code       
;MKKLQIAVGIIRNENNEIFITRRAADAHMANKLEFPGGKIEMGETPEQAVVRELQEEVGITPQHFSLFEKLEYEFPDRHI
TLWFWLVERWEGEPWGKEGQPGEWMSLVGLNADDFPPANEPVIAKLKRL
;
_entity_poly.pdbx_seq_one_letter_code_can   
;MKKLQIAVGIIRNENNEIFITRRAADAHMANKLEFPGGKIEMGETPEQAVVRELQEEVGITPQHFSLFEKLEYEFPDRHI
TLWFWLVERWEGEPWGKEGQPGEWMSLVGLNADDFPPANEPVIAKLKRL
;
_entity_poly.pdbx_strand_id                 A 
_entity_poly.pdbx_target_identifier         ? 
# 
loop_
_entity_poly_seq.entity_id 
_entity_poly_seq.num 
_entity_poly_seq.mon_id 
_entity_poly_seq.hetero 
1 1   MET n 
1 2   LYS n 
1 3   LYS n 
1 4   LEU n 
1 5   GLN n 
1 6   ILE n 
1 7   ALA n 
1 8   VAL n 
1 9   GLY n 
1 10  ILE n 
1 11  ILE n 
1 12  ARG n 
1 13  ASN n 
1 14  GLU n 
1 15  ASN n 
1 16  ASN n 
1 17  GLU n 
1 18  ILE n 
1 19  PHE n 
1 20  ILE n 
1 21  THR n 
1 22  ARG n 
1 23  ARG n 
1 24  ALA n 
1 25  ALA n 
1 26  ASP n 
1 27  ALA n 
1 28  HIS n 
1 29  MET n 
1 30  ALA n 
1 31  ASN n 
1 32  LYS n 
1 33  LEU n 
1 34  GLU n 
1 35  PHE n 
1 36  PRO n 
1 37  GLY n 
1 38  GLY n 
1 39  LYS n 
1 40  ILE n 
1 41  GLU n 
1 42  MET n 
1 43  GLY n 
1 44  GLU n 
1 45  THR n 
1 46  PRO n 
1 47  GLU n 
1 48  GLN n 
1 49  ALA n 
1 50  VAL n 
1 51  VAL n 
1 52  ARG n 
1 53  GLU n 
1 54  LEU n 
1 55  GLN n 
1 56  GLU n 
1 57  GLU n 
1 58  VAL n 
1 59  GLY n 
1 60  ILE n 
1 61  THR n 
1 62  PRO n 
1 63  GLN n 
1 64  HIS n 
1 65  PHE n 
1 66  SER n 
1 67  LEU n 
1 68  PHE n 
1 69  GLU n 
1 70  LYS n 
1 71  LEU n 
1 72  GLU n 
1 73  TYR n 
1 74  GLU n 
1 75  PHE n 
1 76  PRO n 
1 77  ASP n 
1 78  ARG n 
1 79  HIS n 
1 80  ILE n 
1 81  THR n 
1 82  LEU n 
1 83  TRP n 
1 84  PHE n 
1 85  TRP n 
1 86  LEU n 
1 87  VAL n 
1 88  GLU n 
1 89  ARG n 
1 90  TRP n 
1 91  GLU n 
1 92  GLY n 
1 93  GLU n 
1 94  PRO n 
1 95  TRP n 
1 96  GLY n 
1 97  LYS n 
1 98  GLU n 
1 99  GLY n 
1 100 GLN n 
1 101 PRO n 
1 102 GLY n 
1 103 GLU n 
1 104 TRP n 
1 105 MET n 
1 106 SER n 
1 107 LEU n 
1 108 VAL n 
1 109 GLY n 
1 110 LEU n 
1 111 ASN n 
1 112 ALA n 
1 113 ASP n 
1 114 ASP n 
1 115 PHE n 
1 116 PRO n 
1 117 PRO n 
1 118 ALA n 
1 119 ASN n 
1 120 GLU n 
1 121 PRO n 
1 122 VAL n 
1 123 ILE n 
1 124 ALA n 
1 125 LYS n 
1 126 LEU n 
1 127 LYS n 
1 128 ARG n 
1 129 LEU n 
# 
_entity_src_gen.entity_id                          1 
_entity_src_gen.pdbx_src_id                        1 
_entity_src_gen.pdbx_alt_source_flag               sample 
_entity_src_gen.pdbx_seq_type                      'Biological sequence' 
_entity_src_gen.pdbx_beg_seq_num                   1 
_entity_src_gen.pdbx_end_seq_num                   129 
_entity_src_gen.gene_src_common_name               ? 
_entity_src_gen.gene_src_genus                     ? 
_entity_src_gen.pdbx_gene_src_gene                 ? 
_entity_src_gen.gene_src_species                   ? 
_entity_src_gen.gene_src_strain                    ? 
_entity_src_gen.gene_src_tissue                    ? 
_entity_src_gen.gene_src_tissue_fraction           ? 
_entity_src_gen.gene_src_details                   ? 
_entity_src_gen.pdbx_gene_src_fragment             ? 
_entity_src_gen.pdbx_gene_src_scientific_name      'Escherichia coli' 
_entity_src_gen.pdbx_gene_src_ncbi_taxonomy_id     562 
_entity_src_gen.pdbx_gene_src_variant              ? 
_entity_src_gen.pdbx_gene_src_cell_line            ? 
_entity_src_gen.pdbx_gene_src_atcc                 ? 
_entity_src_gen.pdbx_gene_src_organ                ? 
_entity_src_gen.pdbx_gene_src_organelle            ? 
_entity_src_gen.pdbx_gene_src_cell                 ? 
_entity_src_gen.pdbx_gene_src_cellular_location    ? 
_entity_src_gen.host_org_common_name               ? 
_entity_src_gen.pdbx_host_org_scientific_name      'Escherichia coli' 
_entity_src_gen.pdbx_host_org_ncbi_taxonomy_id     562 
_entity_src_gen.host_org_genus                     ? 
_entity_src_gen.pdbx_host_org_gene                 ? 
_entity_src_gen.pdbx_host_org_organ                ? 
_entity_src_gen.host_org_species                   ? 
_entity_src_gen.pdbx_host_org_tissue               ? 
_entity_src_gen.pdbx_host_org_tissue_fraction      ? 
_entity_src_gen.pdbx_host_org_strain               ? 
_entity_src_gen.pdbx_host_org_variant              ? 
_entity_src_gen.pdbx_host_org_cell_line            ? 
_entity_src_gen.pdbx_host_org_atcc                 ? 
_entity_src_gen.pdbx_host_org_culture_collection   ? 
_entity_src_gen.pdbx_host_org_cell                 ? 
_entity_src_gen.pdbx_host_org_organelle            ? 
_entity_src_gen.pdbx_host_org_cellular_location    ? 
_entity_src_gen.pdbx_host_org_vector_type          ? 
_entity_src_gen.pdbx_host_org_vector               ? 
_entity_src_gen.host_org_details                   ? 
_entity_src_gen.expression_system_id               ? 
_entity_src_gen.plasmid_name                       ? 
_entity_src_gen.plasmid_details                    ? 
_entity_src_gen.pdbx_description                   ? 
# 
_struct_ref.id                         1 
_struct_ref.db_name                    UNP 
_struct_ref.db_code                    A0A037YRW7_ECOLX 
_struct_ref.pdbx_db_accession          A0A037YRW7 
_struct_ref.pdbx_db_isoform            ? 
_struct_ref.entity_id                  1 
_struct_ref.pdbx_seq_one_letter_code   
;MKKLQIAVGIIRNENNEIFITRRAADAHMANKLEFPGGKIEMGETPEQAVVRELQEEVGITPQHFSLFEKLEYEFPDRHI
TLWFWLVERWEGEPWGKEGQPGEWMSLVGLNADDFPPANEPVIAKLKRL
;
_struct_ref.pdbx_align_begin           1 
# 
_struct_ref_seq.align_id                      1 
_struct_ref_seq.ref_id                        1 
_struct_ref_seq.pdbx_PDB_id_code              7X9N 
_struct_ref_seq.pdbx_strand_id                A 
_struct_ref_seq.seq_align_beg                 1 
_struct_ref_seq.pdbx_seq_align_beg_ins_code   ? 
_struct_ref_seq.seq_align_end                 129 
_struct_ref_seq.pdbx_seq_align_end_ins_code   ? 
_struct_ref_seq.pdbx_db_accession             A0A037YRW7 
_struct_ref_seq.db_align_beg                  1 
_struct_ref_seq.pdbx_db_align_beg_ins_code    ? 
_struct_ref_seq.db_align_end                  129 
_struct_ref_seq.pdbx_db_align_end_ins_code    ? 
_struct_ref_seq.pdbx_auth_seq_align_beg       1 
_struct_ref_seq.pdbx_auth_seq_align_end       129 
# 
loop_
_chem_comp.id 
_chem_comp.type 
_chem_comp.mon_nstd_flag 
_chem_comp.name 
_chem_comp.pdbx_synonyms 
_chem_comp.formula 
_chem_comp.formula_weight 
8DG non-polymer         . "8-OXO-2'-DEOXYGUANOSINE-5'-TRIPHOSPHATE"   ?                                                       
'C10 H16 N5 O14 P3' 523.180 
8OG 'DNA linking'       n "8-OXO-2'-DEOXY-GUANOSINE-5'-MONOPHOSPHATE" "8-OXO-7,8-DIHYDRO-2'-DEOXY-GUANOSINE-5'-MONOPHOSPHATE" 
'C10 H14 N5 O8 P'   363.221 
ALA 'L-peptide linking' y ALANINE                                     ?                                                       
'C3 H7 N O2'        89.093  
ARG 'L-peptide linking' y ARGININE                                    ?                                                       
'C6 H15 N4 O2 1'    175.209 
ASN 'L-peptide linking' y ASPARAGINE                                  ?                                                       
'C4 H8 N2 O3'       132.118 
ASP 'L-peptide linking' y 'ASPARTIC ACID'                             ?                                                       
'C4 H7 N O4'        133.103 
GLN 'L-peptide linking' y GLUTAMINE                                   ?                                                       
'C5 H10 N2 O3'      146.144 
GLU 'L-peptide linking' y 'GLUTAMIC ACID'                             ?                                                       
'C5 H9 N O4'        147.129 
GLY 'peptide linking'   y GLYCINE                                     ?                                                       
'C2 H5 N O2'        75.067  
HIS 'L-peptide linking' y HISTIDINE                                   ?                                                       
'C6 H10 N3 O2 1'    156.162 
HOH non-polymer         . WATER                                       ?                                                       
'H2 O'              18.015  
ILE 'L-peptide linking' y ISOLEUCINE                                  ?                                                       
'C6 H13 N O2'       131.173 
LEU 'L-peptide linking' y LEUCINE                                     ?                                                       
'C6 H13 N O2'       131.173 
LYS 'L-peptide linking' y LYSINE                                      ?                                                       
'C6 H15 N2 O2 1'    147.195 
MET 'L-peptide linking' y METHIONINE                                  ?                                                       
'C5 H11 N O2 S'     149.211 
MG  non-polymer         . 'MAGNESIUM ION'                             ?                                                       
'Mg 2'              24.305  
PHE 'L-peptide linking' y PHENYLALANINE                               ?                                                       
'C9 H11 N O2'       165.189 
PRO 'L-peptide linking' y PROLINE                                     ?                                                       
'C5 H9 N O2'        115.130 
SER 'L-peptide linking' y SERINE                                      ?                                                       
'C3 H7 N O3'        105.093 
SO4 non-polymer         . 'SULFATE ION'                               ?                                                       
'O4 S -2'           96.063  
THR 'L-peptide linking' y THREONINE                                   ?                                                       
'C4 H9 N O3'        119.119 
TRP 'L-peptide linking' y TRYPTOPHAN                                  ?                                                       
'C11 H12 N2 O2'     204.225 
TYR 'L-peptide linking' y TYROSINE                                    ?                                                       
'C9 H11 N O3'       181.189 
VAL 'L-peptide linking' y VALINE                                      ?                                                       
'C5 H11 N O2'       117.146 
# 
_exptl.absorpt_coefficient_mu     ? 
_exptl.absorpt_correction_T_max   ? 
_exptl.absorpt_correction_T_min   ? 
_exptl.absorpt_correction_type    ? 
_exptl.absorpt_process_details    ? 
_exptl.entry_id                   7X9N 
_exptl.crystals_number            1 
_exptl.details                    ? 
_exptl.method                     'X-RAY DIFFRACTION' 
_exptl.method_details             ? 
# 
_exptl_crystal.colour                      ? 
_exptl_crystal.density_diffrn              ? 
_exptl_crystal.density_Matthews            2.12 
_exptl_crystal.density_method              ? 
_exptl_crystal.density_percent_sol         41.97 
_exptl_crystal.description                 ? 
_exptl_crystal.F_000                       ? 
_exptl_crystal.id                          1 
_exptl_crystal.preparation                 ? 
_exptl_crystal.size_max                    ? 
_exptl_crystal.size_mid                    ? 
_exptl_crystal.size_min                    ? 
_exptl_crystal.size_rad                    ? 
_exptl_crystal.colour_lustre               ? 
_exptl_crystal.colour_modifier             ? 
_exptl_crystal.colour_primary              ? 
_exptl_crystal.density_meas                ? 
_exptl_crystal.density_meas_esd            ? 
_exptl_crystal.density_meas_gt             ? 
_exptl_crystal.density_meas_lt             ? 
_exptl_crystal.density_meas_temp           ? 
_exptl_crystal.density_meas_temp_esd       ? 
_exptl_crystal.density_meas_temp_gt        ? 
_exptl_crystal.density_meas_temp_lt        ? 
_exptl_crystal.pdbx_crystal_image_url      ? 
_exptl_crystal.pdbx_crystal_image_format   ? 
_exptl_crystal.pdbx_mosaicity              ? 
_exptl_crystal.pdbx_mosaicity_esd          ? 
# 
_exptl_crystal_grow.apparatus       ? 
_exptl_crystal_grow.atmosphere      ? 
_exptl_crystal_grow.crystal_id      1 
_exptl_crystal_grow.details         ? 
_exptl_crystal_grow.method          'VAPOR DIFFUSION, HANGING DROP' 
_exptl_crystal_grow.method_ref      ? 
_exptl_crystal_grow.pH              ? 
_exptl_crystal_grow.pressure        ? 
_exptl_crystal_grow.pressure_esd    ? 
_exptl_crystal_grow.seeding         ? 
_exptl_crystal_grow.seeding_ref     ? 
_exptl_crystal_grow.temp            288 
_exptl_crystal_grow.temp_details    ? 
_exptl_crystal_grow.temp_esd        ? 
_exptl_crystal_grow.time            ? 
_exptl_crystal_grow.pdbx_details    'potassium sodium tartrate, sodium citrate, ammonium sulfate' 
_exptl_crystal_grow.pdbx_pH_range   ? 
# 
_diffrn.ambient_environment              ? 
_diffrn.ambient_temp                     100 
_diffrn.ambient_temp_details             ? 
_diffrn.ambient_temp_esd                 ? 
_diffrn.crystal_id                       1 
_diffrn.crystal_support                  ? 
_diffrn.crystal_treatment                ? 
_diffrn.details                          ? 
_diffrn.id                               1 
_diffrn.ambient_pressure                 ? 
_diffrn.ambient_pressure_esd             ? 
_diffrn.ambient_pressure_gt              ? 
_diffrn.ambient_pressure_lt              ? 
_diffrn.ambient_temp_gt                  ? 
_diffrn.ambient_temp_lt                  ? 
_diffrn.pdbx_serial_crystal_experiment   N 
# 
_diffrn_detector.details                      ? 
_diffrn_detector.detector                     PIXEL 
_diffrn_detector.diffrn_id                    1 
_diffrn_detector.type                         'DECTRIS PILATUS 2M' 
_diffrn_detector.area_resol_mean              ? 
_diffrn_detector.dtime                        ? 
_diffrn_detector.pdbx_frames_total            ? 
_diffrn_detector.pdbx_collection_time_total   ? 
_diffrn_detector.pdbx_collection_date         2014-02-14 
_diffrn_detector.pdbx_frequency               ? 
# 
_diffrn_radiation.collimation                      ? 
_diffrn_radiation.diffrn_id                        1 
_diffrn_radiation.filter_edge                      ? 
_diffrn_radiation.inhomogeneity                    ? 
_diffrn_radiation.monochromator                    ? 
_diffrn_radiation.polarisn_norm                    ? 
_diffrn_radiation.polarisn_ratio                   ? 
_diffrn_radiation.probe                            ? 
_diffrn_radiation.type                             ? 
_diffrn_radiation.xray_symbol                      ? 
_diffrn_radiation.wavelength_id                    1 
_diffrn_radiation.pdbx_monochromatic_or_laue_m_l   M 
_diffrn_radiation.pdbx_wavelength_list             ? 
_diffrn_radiation.pdbx_wavelength                  ? 
_diffrn_radiation.pdbx_diffrn_protocol             'SINGLE WAVELENGTH' 
_diffrn_radiation.pdbx_analyzer                    ? 
_diffrn_radiation.pdbx_scattering_type             x-ray 
# 
_diffrn_radiation_wavelength.id           1 
_diffrn_radiation_wavelength.wavelength   1.1 
_diffrn_radiation_wavelength.wt           1.0 
# 
_diffrn_source.current                     ? 
_diffrn_source.details                     ? 
_diffrn_source.diffrn_id                   1 
_diffrn_source.power                       ? 
_diffrn_source.size                        ? 
_diffrn_source.source                      SYNCHROTRON 
_diffrn_source.target                      ? 
_diffrn_source.type                        'PHOTON FACTORY BEAMLINE BL-1A' 
_diffrn_source.voltage                     ? 
_diffrn_source.take-off_angle              ? 
_diffrn_source.pdbx_wavelength_list        1.1 
_diffrn_source.pdbx_wavelength             ? 
_diffrn_source.pdbx_synchrotron_beamline   BL-1A 
_diffrn_source.pdbx_synchrotron_site       'Photon Factory' 
# 
_reflns.B_iso_Wilson_estimate                          13.22 
_reflns.entry_id                                       7X9N 
_reflns.data_reduction_details                         ? 
_reflns.data_reduction_method                          ? 
_reflns.d_resolution_high                              1.70 
_reflns.d_resolution_low                               31.63 
_reflns.details                                        ? 
_reflns.limit_h_max                                    ? 
_reflns.limit_h_min                                    ? 
_reflns.limit_k_max                                    ? 
_reflns.limit_k_min                                    ? 
_reflns.limit_l_max                                    ? 
_reflns.limit_l_min                                    ? 
_reflns.number_all                                     ? 
_reflns.number_obs                                     14231 
_reflns.observed_criterion                             ? 
_reflns.observed_criterion_F_max                       ? 
_reflns.observed_criterion_F_min                       ? 
_reflns.observed_criterion_I_max                       ? 
_reflns.observed_criterion_I_min                       ? 
_reflns.observed_criterion_sigma_F                     ? 
_reflns.observed_criterion_sigma_I                     ? 
_reflns.percent_possible_obs                           98.2 
_reflns.R_free_details                                 ? 
_reflns.Rmerge_F_all                                   ? 
_reflns.Rmerge_F_obs                                   ? 
_reflns.Friedel_coverage                               ? 
_reflns.number_gt                                      ? 
_reflns.threshold_expression                           ? 
_reflns.pdbx_redundancy                                4.3 
_reflns.pdbx_Rmerge_I_obs                              ? 
_reflns.pdbx_Rmerge_I_all                              ? 
_reflns.pdbx_Rsym_value                                0.123 
_reflns.pdbx_netI_over_av_sigmaI                       ? 
_reflns.pdbx_netI_over_sigmaI                          17.1 
_reflns.pdbx_res_netI_over_av_sigmaI_2                 ? 
_reflns.pdbx_res_netI_over_sigmaI_2                    ? 
_reflns.pdbx_chi_squared                               ? 
_reflns.pdbx_scaling_rejects                           ? 
_reflns.pdbx_d_res_high_opt                            ? 
_reflns.pdbx_d_res_low_opt                             ? 
_reflns.pdbx_d_res_opt_method                          ? 
_reflns.phase_calculation_details                      ? 
_reflns.pdbx_Rrim_I_all                                ? 
_reflns.pdbx_Rpim_I_all                                ? 
_reflns.pdbx_d_opt                                     ? 
_reflns.pdbx_number_measured_all                       ? 
_reflns.pdbx_diffrn_id                                 1 
_reflns.pdbx_ordinal                                   1 
_reflns.pdbx_CC_half                                   ? 
_reflns.pdbx_CC_star                                   ? 
_reflns.pdbx_R_split                                   ? 
_reflns.pdbx_aniso_diffraction_limit_axis_1_ortho[1]   ? 
_reflns.pdbx_aniso_diffraction_limit_axis_1_ortho[2]   ? 
_reflns.pdbx_aniso_diffraction_limit_axis_1_ortho[3]   ? 
_reflns.pdbx_aniso_diffraction_limit_axis_2_ortho[1]   ? 
_reflns.pdbx_aniso_diffraction_limit_axis_2_ortho[2]   ? 
_reflns.pdbx_aniso_diffraction_limit_axis_2_ortho[3]   ? 
_reflns.pdbx_aniso_diffraction_limit_axis_3_ortho[1]   ? 
_reflns.pdbx_aniso_diffraction_limit_axis_3_ortho[2]   ? 
_reflns.pdbx_aniso_diffraction_limit_axis_3_ortho[3]   ? 
_reflns.pdbx_aniso_diffraction_limit_1                 ? 
_reflns.pdbx_aniso_diffraction_limit_2                 ? 
_reflns.pdbx_aniso_diffraction_limit_3                 ? 
_reflns.pdbx_aniso_B_tensor_eigenvector_1_ortho[1]     ? 
_reflns.pdbx_aniso_B_tensor_eigenvector_1_ortho[2]     ? 
_reflns.pdbx_aniso_B_tensor_eigenvector_1_ortho[3]     ? 
_reflns.pdbx_aniso_B_tensor_eigenvector_2_ortho[1]     ? 
_reflns.pdbx_aniso_B_tensor_eigenvector_2_ortho[2]     ? 
_reflns.pdbx_aniso_B_tensor_eigenvector_2_ortho[3]     ? 
_reflns.pdbx_aniso_B_tensor_eigenvector_3_ortho[1]     ? 
_reflns.pdbx_aniso_B_tensor_eigenvector_3_ortho[2]     ? 
_reflns.pdbx_aniso_B_tensor_eigenvector_3_ortho[3]     ? 
_reflns.pdbx_aniso_B_tensor_eigenvalue_1               ? 
_reflns.pdbx_aniso_B_tensor_eigenvalue_2               ? 
_reflns.pdbx_aniso_B_tensor_eigenvalue_3               ? 
_reflns.pdbx_orthogonalization_convention              ? 
_reflns.pdbx_percent_possible_ellipsoidal              ? 
_reflns.pdbx_percent_possible_spherical                ? 
_reflns.pdbx_percent_possible_ellipsoidal_anomalous    ? 
_reflns.pdbx_percent_possible_spherical_anomalous      ? 
_reflns.pdbx_redundancy_anomalous                      ? 
_reflns.pdbx_CC_half_anomalous                         ? 
_reflns.pdbx_absDiff_over_sigma_anomalous              ? 
_reflns.pdbx_percent_possible_anomalous                ? 
_reflns.pdbx_observed_signal_threshold                 ? 
_reflns.pdbx_signal_type                               ? 
_reflns.pdbx_signal_details                            ? 
_reflns.pdbx_signal_software_id                        ? 
# 
_reflns_shell.d_res_high                                    1.70 
_reflns_shell.d_res_low                                     1.73 
_reflns_shell.meanI_over_sigI_all                           ? 
_reflns_shell.meanI_over_sigI_obs                           ? 
_reflns_shell.number_measured_all                           ? 
_reflns_shell.number_measured_obs                           ? 
_reflns_shell.number_possible                               ? 
_reflns_shell.number_unique_all                             ? 
_reflns_shell.number_unique_obs                             610 
_reflns_shell.percent_possible_all                          ? 
_reflns_shell.percent_possible_obs                          ? 
_reflns_shell.Rmerge_F_all                                  ? 
_reflns_shell.Rmerge_F_obs                                  ? 
_reflns_shell.Rmerge_I_all                                  ? 
_reflns_shell.Rmerge_I_obs                                  0.301 
_reflns_shell.meanI_over_sigI_gt                            ? 
_reflns_shell.meanI_over_uI_all                             ? 
_reflns_shell.meanI_over_uI_gt                              ? 
_reflns_shell.number_measured_gt                            ? 
_reflns_shell.number_unique_gt                              ? 
_reflns_shell.percent_possible_gt                           ? 
_reflns_shell.Rmerge_F_gt                                   ? 
_reflns_shell.Rmerge_I_gt                                   ? 
_reflns_shell.pdbx_redundancy                               ? 
_reflns_shell.pdbx_Rsym_value                               ? 
_reflns_shell.pdbx_chi_squared                              ? 
_reflns_shell.pdbx_netI_over_sigmaI_all                     ? 
_reflns_shell.pdbx_netI_over_sigmaI_obs                     ? 
_reflns_shell.pdbx_Rrim_I_all                               ? 
_reflns_shell.pdbx_Rpim_I_all                               ? 
_reflns_shell.pdbx_rejects                                  ? 
_reflns_shell.pdbx_ordinal                                  1 
_reflns_shell.pdbx_diffrn_id                                1 
_reflns_shell.pdbx_CC_half                                  ? 
_reflns_shell.pdbx_CC_star                                  ? 
_reflns_shell.pdbx_R_split                                  ? 
_reflns_shell.pdbx_percent_possible_ellipsoidal             ? 
_reflns_shell.pdbx_percent_possible_spherical               ? 
_reflns_shell.pdbx_percent_possible_ellipsoidal_anomalous   ? 
_reflns_shell.pdbx_percent_possible_spherical_anomalous     ? 
_reflns_shell.pdbx_redundancy_anomalous                     ? 
_reflns_shell.pdbx_CC_half_anomalous                        ? 
_reflns_shell.pdbx_absDiff_over_sigma_anomalous             ? 
_reflns_shell.pdbx_percent_possible_anomalous               ? 
# 
_refine.aniso_B[1][1]                            ? 
_refine.aniso_B[1][2]                            ? 
_refine.aniso_B[1][3]                            ? 
_refine.aniso_B[2][2]                            ? 
_refine.aniso_B[2][3]                            ? 
_refine.aniso_B[3][3]                            ? 
_refine.B_iso_max                                ? 
_refine.B_iso_mean                               17.44 
_refine.B_iso_min                                ? 
_refine.correlation_coeff_Fo_to_Fc               ? 
_refine.correlation_coeff_Fo_to_Fc_free          ? 
_refine.details                                  ? 
_refine.diff_density_max                         ? 
_refine.diff_density_max_esd                     ? 
_refine.diff_density_min                         ? 
_refine.diff_density_min_esd                     ? 
_refine.diff_density_rms                         ? 
_refine.diff_density_rms_esd                     ? 
_refine.entry_id                                 7X9N 
_refine.pdbx_refine_id                           'X-RAY DIFFRACTION' 
_refine.ls_abs_structure_details                 ? 
_refine.ls_abs_structure_Flack                   ? 
_refine.ls_abs_structure_Flack_esd               ? 
_refine.ls_abs_structure_Rogers                  ? 
_refine.ls_abs_structure_Rogers_esd              ? 
_refine.ls_d_res_high                            1.70 
_refine.ls_d_res_low                             31.63 
_refine.ls_extinction_coef                       ? 
_refine.ls_extinction_coef_esd                   ? 
_refine.ls_extinction_expression                 ? 
_refine.ls_extinction_method                     ? 
_refine.ls_goodness_of_fit_all                   ? 
_refine.ls_goodness_of_fit_all_esd               ? 
_refine.ls_goodness_of_fit_obs                   ? 
_refine.ls_goodness_of_fit_obs_esd               ? 
_refine.ls_hydrogen_treatment                    ? 
_refine.ls_matrix_type                           ? 
_refine.ls_number_constraints                    ? 
_refine.ls_number_parameters                     ? 
_refine.ls_number_reflns_all                     ? 
_refine.ls_number_reflns_obs                     14183 
_refine.ls_number_reflns_R_free                  697 
_refine.ls_number_reflns_R_work                  13486 
_refine.ls_number_restraints                     ? 
_refine.ls_percent_reflns_obs                    98.16 
_refine.ls_percent_reflns_R_free                 4.91 
_refine.ls_R_factor_all                          ? 
_refine.ls_R_factor_obs                          0.1623 
_refine.ls_R_factor_R_free                       0.2037 
_refine.ls_R_factor_R_free_error                 ? 
_refine.ls_R_factor_R_free_error_details         ? 
_refine.ls_R_factor_R_work                       0.1602 
_refine.ls_R_Fsqd_factor_obs                     ? 
_refine.ls_R_I_factor_obs                        ? 
_refine.ls_redundancy_reflns_all                 ? 
_refine.ls_redundancy_reflns_obs                 ? 
_refine.ls_restrained_S_all                      ? 
_refine.ls_restrained_S_obs                      ? 
_refine.ls_shift_over_esd_max                    ? 
_refine.ls_shift_over_esd_mean                   ? 
_refine.ls_structure_factor_coef                 ? 
_refine.ls_weighting_details                     ? 
_refine.ls_weighting_scheme                      ? 
_refine.ls_wR_factor_all                         ? 
_refine.ls_wR_factor_obs                         ? 
_refine.ls_wR_factor_R_free                      ? 
_refine.ls_wR_factor_R_work                      ? 
_refine.occupancy_max                            ? 
_refine.occupancy_min                            ? 
_refine.solvent_model_details                    'FLAT BULK SOLVENT MODEL' 
_refine.solvent_model_param_bsol                 ? 
_refine.solvent_model_param_ksol                 ? 
_refine.pdbx_R_complete                          ? 
_refine.ls_R_factor_gt                           ? 
_refine.ls_goodness_of_fit_gt                    ? 
_refine.ls_goodness_of_fit_ref                   ? 
_refine.ls_shift_over_su_max                     ? 
_refine.ls_shift_over_su_max_lt                  ? 
_refine.ls_shift_over_su_mean                    ? 
_refine.ls_shift_over_su_mean_lt                 ? 
_refine.pdbx_ls_sigma_I                          ? 
_refine.pdbx_ls_sigma_F                          1.38 
_refine.pdbx_ls_sigma_Fsqd                       ? 
_refine.pdbx_data_cutoff_high_absF               ? 
_refine.pdbx_data_cutoff_high_rms_absF           ? 
_refine.pdbx_data_cutoff_low_absF                ? 
_refine.pdbx_isotropic_thermal_model             ? 
_refine.pdbx_ls_cross_valid_method               'FREE R-VALUE' 
_refine.pdbx_method_to_determine_struct          'FOURIER SYNTHESIS' 
_refine.pdbx_starting_model                      3A6T 
_refine.pdbx_stereochemistry_target_values       'GeoStd + Monomer Library' 
_refine.pdbx_R_Free_selection_details            ? 
_refine.pdbx_stereochem_target_val_spec_case     ? 
_refine.pdbx_overall_ESU_R                       ? 
_refine.pdbx_overall_ESU_R_Free                  ? 
_refine.pdbx_solvent_vdw_probe_radii             1.1100 
_refine.pdbx_solvent_ion_probe_radii             ? 
_refine.pdbx_solvent_shrinkage_radii             0.9000 
_refine.pdbx_real_space_R                        ? 
_refine.pdbx_density_correlation                 ? 
_refine.pdbx_pd_number_of_powder_patterns        ? 
_refine.pdbx_pd_number_of_points                 ? 
_refine.pdbx_pd_meas_number_of_points            ? 
_refine.pdbx_pd_proc_ls_prof_R_factor            ? 
_refine.pdbx_pd_proc_ls_prof_wR_factor           ? 
_refine.pdbx_pd_Marquardt_correlation_coeff      ? 
_refine.pdbx_pd_Fsqrd_R_factor                   ? 
_refine.pdbx_pd_ls_matrix_band_width             ? 
_refine.pdbx_overall_phase_error                 18.9240 
_refine.pdbx_overall_SU_R_free_Cruickshank_DPI   ? 
_refine.pdbx_overall_SU_R_free_Blow_DPI          ? 
_refine.pdbx_overall_SU_R_Blow_DPI               ? 
_refine.pdbx_TLS_residual_ADP_flag               ? 
_refine.pdbx_diffrn_id                           1 
_refine.overall_SU_B                             ? 
_refine.overall_SU_ML                            0.1732 
_refine.overall_SU_R_Cruickshank_DPI             ? 
_refine.overall_SU_R_free                        ? 
_refine.overall_FOM_free_R_set                   ? 
_refine.overall_FOM_work_R_set                   ? 
_refine.pdbx_average_fsc_overall                 ? 
_refine.pdbx_average_fsc_work                    ? 
_refine.pdbx_average_fsc_free                    ? 
# 
_refine_hist.pdbx_refine_id                   'X-RAY DIFFRACTION' 
_refine_hist.cycle_id                         LAST 
_refine_hist.details                          ? 
_refine_hist.d_res_high                       1.70 
_refine_hist.d_res_low                        31.63 
_refine_hist.number_atoms_solvent             137 
_refine_hist.number_atoms_total               1255 
_refine_hist.number_reflns_all                ? 
_refine_hist.number_reflns_obs                ? 
_refine_hist.number_reflns_R_free             ? 
_refine_hist.number_reflns_R_work             ? 
_refine_hist.R_factor_all                     ? 
_refine_hist.R_factor_obs                     ? 
_refine_hist.R_factor_R_free                  ? 
_refine_hist.R_factor_R_work                  ? 
_refine_hist.pdbx_number_residues_total       ? 
_refine_hist.pdbx_B_iso_mean_ligand           ? 
_refine_hist.pdbx_B_iso_mean_solvent          ? 
_refine_hist.pdbx_number_atoms_protein        1054 
_refine_hist.pdbx_number_atoms_nucleic_acid   0 
_refine_hist.pdbx_number_atoms_ligand         64 
_refine_hist.pdbx_number_atoms_lipid          ? 
_refine_hist.pdbx_number_atoms_carb           ? 
_refine_hist.pdbx_pseudo_atom_details         ? 
# 
loop_
_refine_ls_restr.pdbx_refine_id 
_refine_ls_restr.criterion 
_refine_ls_restr.dev_ideal 
_refine_ls_restr.dev_ideal_target 
_refine_ls_restr.number 
_refine_ls_restr.rejects 
_refine_ls_restr.type 
_refine_ls_restr.weight 
_refine_ls_restr.pdbx_restraint_function 
'X-RAY DIFFRACTION' ? 0.0057  ? 1182 ? f_bond_d           ? ? 
'X-RAY DIFFRACTION' ? 1.3411  ? 1619 ? f_angle_d          ? ? 
'X-RAY DIFFRACTION' ? 0.0676  ? 161  ? f_chiral_restr     ? ? 
'X-RAY DIFFRACTION' ? 0.0057  ? 204  ? f_plane_restr      ? ? 
'X-RAY DIFFRACTION' ? 16.9083 ? 450  ? f_dihedral_angle_d ? ? 
# 
loop_
_refine_ls_shell.pdbx_refine_id 
_refine_ls_shell.d_res_high 
_refine_ls_shell.d_res_low 
_refine_ls_shell.number_reflns_all 
_refine_ls_shell.number_reflns_obs 
_refine_ls_shell.number_reflns_R_free 
_refine_ls_shell.number_reflns_R_work 
_refine_ls_shell.percent_reflns_obs 
_refine_ls_shell.percent_reflns_R_free 
_refine_ls_shell.R_factor_all 
_refine_ls_shell.R_factor_obs 
_refine_ls_shell.R_factor_R_free 
_refine_ls_shell.R_factor_R_free_error 
_refine_ls_shell.R_factor_R_work 
_refine_ls_shell.redundancy_reflns_all 
_refine_ls_shell.redundancy_reflns_obs 
_refine_ls_shell.wR_factor_all 
_refine_ls_shell.wR_factor_obs 
_refine_ls_shell.wR_factor_R_free 
_refine_ls_shell.wR_factor_R_work 
_refine_ls_shell.pdbx_R_complete 
_refine_ls_shell.pdbx_total_number_of_bins_used 
_refine_ls_shell.pdbx_phase_error 
_refine_ls_shell.pdbx_fsc_work 
_refine_ls_shell.pdbx_fsc_free 
'X-RAY DIFFRACTION' 1.70 1.83  . . 124 2522 93.23 . . . 0.2297 . 0.1785 . . . . . . . . . . . 
'X-RAY DIFFRACTION' 1.83 2.02  . . 149 2664 99.36 . . . 0.2130 . 0.1562 . . . . . . . . . . . 
'X-RAY DIFFRACTION' 2.02 2.31  . . 132 2709 99.44 . . . 0.1976 . 0.1565 . . . . . . . . . . . 
'X-RAY DIFFRACTION' 2.31 2.91  . . 146 2735 99.59 . . . 0.2091 . 0.1680 . . . . . . . . . . . 
'X-RAY DIFFRACTION' 2.91 31.63 . . 146 2856 99.08 . . . 0.1942 . 0.1548 . . . . . . . . . . . 
# 
_struct.entry_id                     7X9N 
_struct.title                        'Crystal structure of MutT-8-oxo-dGTP complex with three Mg2+ ions: Reaction using Mg2+' 
_struct.pdbx_model_details           ? 
_struct.pdbx_formula_weight          ? 
_struct.pdbx_formula_weight_method   ? 
_struct.pdbx_model_type_details      ? 
_struct.pdbx_CASP_flag               N 
# 
_struct_keywords.entry_id        7X9N 
_struct_keywords.text            'Nudix hydrolase, HYDROLASE' 
_struct_keywords.pdbx_keywords   HYDROLASE 
# 
loop_
_struct_asym.id 
_struct_asym.pdbx_blank_PDB_chainid_flag 
_struct_asym.pdbx_modified 
_struct_asym.entity_id 
_struct_asym.details 
A N N 1 ? 
B N N 2 ? 
C N N 3 ? 
D N N 4 ? 
E N N 5 ? 
F N N 5 ? 
G N N 5 ? 
H N N 6 ? 
# 
loop_
_struct_conf.conf_type_id 
_struct_conf.id 
_struct_conf.pdbx_PDB_helix_id 
_struct_conf.beg_label_comp_id 
_struct_conf.beg_label_asym_id 
_struct_conf.beg_label_seq_id 
_struct_conf.pdbx_beg_PDB_ins_code 
_struct_conf.end_label_comp_id 
_struct_conf.end_label_asym_id 
_struct_conf.end_label_seq_id 
_struct_conf.pdbx_end_PDB_ins_code 
_struct_conf.beg_auth_comp_id 
_struct_conf.beg_auth_asym_id 
_struct_conf.beg_auth_seq_id 
_struct_conf.end_auth_comp_id 
_struct_conf.end_auth_asym_id 
_struct_conf.end_auth_seq_id 
_struct_conf.pdbx_PDB_helix_class 
_struct_conf.details 
_struct_conf.pdbx_PDB_helix_length 
HELX_P HELX_P1 AA1 THR A 45  ? GLY A 59  ? THR A 45  GLY A 59  1 ? 15 
HELX_P HELX_P2 AA2 ASN A 111 ? PHE A 115 ? ASN A 111 PHE A 115 5 ? 5  
HELX_P HELX_P3 AA3 PRO A 116 ? ALA A 118 ? PRO A 116 ALA A 118 5 ? 3  
HELX_P HELX_P4 AA4 ASN A 119 ? LEU A 129 ? ASN A 119 LEU A 129 1 ? 11 
# 
_struct_conf_type.id          HELX_P 
_struct_conf_type.criteria    ? 
_struct_conf_type.reference   ? 
# 
loop_
_struct_conn.id 
_struct_conn.conn_type_id 
_struct_conn.pdbx_leaving_atom_flag 
_struct_conn.pdbx_PDB_id 
_struct_conn.ptnr1_label_asym_id 
_struct_conn.ptnr1_label_comp_id 
_struct_conn.ptnr1_label_seq_id 
_struct_conn.ptnr1_label_atom_id 
_struct_conn.pdbx_ptnr1_label_alt_id 
_struct_conn.pdbx_ptnr1_PDB_ins_code 
_struct_conn.pdbx_ptnr1_standard_comp_id 
_struct_conn.ptnr1_symmetry 
_struct_conn.ptnr2_label_asym_id 
_struct_conn.ptnr2_label_comp_id 
_struct_conn.ptnr2_label_seq_id 
_struct_conn.ptnr2_label_atom_id 
_struct_conn.pdbx_ptnr2_label_alt_id 
_struct_conn.pdbx_ptnr2_PDB_ins_code 
_struct_conn.ptnr1_auth_asym_id 
_struct_conn.ptnr1_auth_comp_id 
_struct_conn.ptnr1_auth_seq_id 
_struct_conn.ptnr2_auth_asym_id 
_struct_conn.ptnr2_auth_comp_id 
_struct_conn.ptnr2_auth_seq_id 
_struct_conn.ptnr2_symmetry 
_struct_conn.pdbx_ptnr3_label_atom_id 
_struct_conn.pdbx_ptnr3_label_seq_id 
_struct_conn.pdbx_ptnr3_label_comp_id 
_struct_conn.pdbx_ptnr3_label_asym_id 
_struct_conn.pdbx_ptnr3_label_alt_id 
_struct_conn.pdbx_ptnr3_PDB_ins_code 
_struct_conn.details 
_struct_conn.pdbx_dist_value 
_struct_conn.pdbx_value_order 
_struct_conn.pdbx_role 
metalc1  metalc ? ? A GLY 37 O   ? ? ? 1_555 E MG  . MG ? ? A GLY 37  A MG  204 1_555 ? ? ? ? ? ? ? 2.069 ? ? 
metalc2  metalc ? ? A GLU 53 OE2 ? ? ? 1_555 F MG  . MG ? ? A GLU 53  A MG  205 1_555 ? ? ? ? ? ? ? 2.421 ? ? 
metalc3  metalc ? ? A GLU 53 OE1 ? ? ? 1_555 G MG  . MG ? ? A GLU 53  A MG  206 1_555 ? ? ? ? ? ? ? 2.297 ? ? 
metalc4  metalc ? ? A GLU 57 OE2 ? ? ? 1_555 E MG  . MG ? ? A GLU 57  A MG  204 1_555 ? ? ? ? ? ? ? 2.062 ? ? 
metalc5  metalc ? ? A GLU 57 OE2 ? ? ? 1_555 G MG  . MG ? ? A GLU 57  A MG  206 1_555 ? ? ? ? ? ? ? 2.376 ? ? 
metalc6  metalc ? ? C 8DG .  O2B A ? ? 1_555 E MG  . MG ? ? A 8DG 202 A MG  204 1_555 ? ? ? ? ? ? ? 2.041 ? ? 
metalc7  metalc ? ? C 8DG .  O1A A ? ? 1_555 E MG  . MG ? ? A 8DG 202 A MG  204 1_555 ? ? ? ? ? ? ? 2.024 ? ? 
metalc8  metalc ? ? C 8DG .  O1B A ? ? 1_555 F MG  . MG ? ? A 8DG 202 A MG  205 1_555 ? ? ? ? ? ? ? 2.118 ? ? 
metalc9  metalc ? ? C 8DG .  O2B A ? ? 1_555 G MG  . MG ? ? A 8DG 202 A MG  206 1_555 ? ? ? ? ? ? ? 2.127 ? ? 
metalc10 metalc ? ? D 8OG .  OP2 B ? ? 1_555 E MG  . MG ? ? A 8OG 203 A MG  204 1_555 ? ? ? ? ? ? ? 2.215 ? ? 
metalc11 metalc ? ? E MG  .  MG  ? ? ? 1_555 H HOH . O  B ? A MG  204 A HOH 314 1_555 ? ? ? ? ? ? ? 2.160 ? ? 
metalc12 metalc ? ? E MG  .  MG  ? ? ? 1_555 H HOH . O  ? ? A MG  204 A HOH 328 1_555 ? ? ? ? ? ? ? 2.200 ? ? 
metalc13 metalc ? ? E MG  .  MG  ? ? ? 1_555 H HOH . O  ? ? A MG  204 A HOH 344 1_555 ? ? ? ? ? ? ? 2.088 ? ? 
metalc14 metalc ? ? F MG  .  MG  ? ? ? 1_555 H HOH . O  ? ? A MG  205 A HOH 302 1_555 ? ? ? ? ? ? ? 2.249 ? ? 
metalc15 metalc ? ? F MG  .  MG  ? ? ? 1_555 H HOH . O  ? ? A MG  205 A HOH 322 1_555 ? ? ? ? ? ? ? 2.292 ? ? 
metalc16 metalc ? ? F MG  .  MG  ? ? ? 1_555 H HOH . O  ? ? A MG  205 A HOH 400 1_555 ? ? ? ? ? ? ? 2.276 ? ? 
metalc17 metalc ? ? F MG  .  MG  ? ? ? 1_555 H HOH . O  C ? A MG  205 A HOH 422 1_555 ? ? ? ? ? ? ? 2.772 ? ? 
metalc18 metalc ? ? G MG  .  MG  ? ? ? 1_555 H HOH . O  ? ? A MG  206 A HOH 307 1_555 ? ? ? ? ? ? ? 2.198 ? ? 
metalc19 metalc ? ? G MG  .  MG  ? ? ? 1_555 H HOH . O  B ? A MG  206 A HOH 314 1_555 ? ? ? ? ? ? ? 1.983 ? ? 
metalc20 metalc ? ? G MG  .  MG  ? ? ? 1_555 H HOH . O  ? ? A MG  206 A HOH 325 1_555 ? ? ? ? ? ? ? 2.036 ? ? 
# 
_struct_conn_type.id          metalc 
_struct_conn_type.criteria    ? 
_struct_conn_type.reference   ? 
# 
loop_
_struct_sheet.id 
_struct_sheet.type 
_struct_sheet.number_strands 
_struct_sheet.details 
AA1 ? 4 ? 
AA2 ? 3 ? 
AA3 ? 2 ? 
# 
loop_
_struct_sheet_order.sheet_id 
_struct_sheet_order.range_id_1 
_struct_sheet_order.range_id_2 
_struct_sheet_order.offset 
_struct_sheet_order.sense 
AA1 1 2 ? anti-parallel 
AA1 2 3 ? parallel      
AA1 3 4 ? anti-parallel 
AA2 1 2 ? anti-parallel 
AA2 2 3 ? anti-parallel 
AA3 1 2 ? anti-parallel 
# 
loop_
_struct_sheet_range.sheet_id 
_struct_sheet_range.id 
_struct_sheet_range.beg_label_comp_id 
_struct_sheet_range.beg_label_asym_id 
_struct_sheet_range.beg_label_seq_id 
_struct_sheet_range.pdbx_beg_PDB_ins_code 
_struct_sheet_range.end_label_comp_id 
_struct_sheet_range.end_label_asym_id 
_struct_sheet_range.end_label_seq_id 
_struct_sheet_range.pdbx_end_PDB_ins_code 
_struct_sheet_range.beg_auth_comp_id 
_struct_sheet_range.beg_auth_asym_id 
_struct_sheet_range.beg_auth_seq_id 
_struct_sheet_range.end_auth_comp_id 
_struct_sheet_range.end_auth_asym_id 
_struct_sheet_range.end_auth_seq_id 
AA1 1 GLY A 37  ? LYS A 39  ? GLY A 37  LYS A 39  
AA1 2 LYS A 2   ? ILE A 11  ? LYS A 2   ILE A 11  
AA1 3 ARG A 78  ? VAL A 87  ? ARG A 78  VAL A 87  
AA1 4 SER A 66  ? GLU A 74  ? SER A 66  GLU A 74  
AA2 1 LEU A 33  ? GLU A 34  ? LEU A 33  GLU A 34  
AA2 2 GLU A 17  ? ARG A 22  ? GLU A 17  ARG A 22  
AA2 3 GLY A 102 ? SER A 106 ? GLY A 102 SER A 106 
AA3 1 THR A 61  ? GLN A 63  ? THR A 61  GLN A 63  
AA3 2 ARG A 89  ? GLU A 91  ? ARG A 89  GLU A 91  
# 
loop_
_pdbx_struct_sheet_hbond.sheet_id 
_pdbx_struct_sheet_hbond.range_id_1 
_pdbx_struct_sheet_hbond.range_id_2 
_pdbx_struct_sheet_hbond.range_1_label_atom_id 
_pdbx_struct_sheet_hbond.range_1_label_comp_id 
_pdbx_struct_sheet_hbond.range_1_label_asym_id 
_pdbx_struct_sheet_hbond.range_1_label_seq_id 
_pdbx_struct_sheet_hbond.range_1_PDB_ins_code 
_pdbx_struct_sheet_hbond.range_1_auth_atom_id 
_pdbx_struct_sheet_hbond.range_1_auth_comp_id 
_pdbx_struct_sheet_hbond.range_1_auth_asym_id 
_pdbx_struct_sheet_hbond.range_1_auth_seq_id 
_pdbx_struct_sheet_hbond.range_2_label_atom_id 
_pdbx_struct_sheet_hbond.range_2_label_comp_id 
_pdbx_struct_sheet_hbond.range_2_label_asym_id 
_pdbx_struct_sheet_hbond.range_2_label_seq_id 
_pdbx_struct_sheet_hbond.range_2_PDB_ins_code 
_pdbx_struct_sheet_hbond.range_2_auth_atom_id 
_pdbx_struct_sheet_hbond.range_2_auth_comp_id 
_pdbx_struct_sheet_hbond.range_2_auth_asym_id 
_pdbx_struct_sheet_hbond.range_2_auth_seq_id 
AA1 1 2 O GLY A 38 ? O GLY A 38 N ALA A 7   ? N ALA A 7   
AA1 2 3 N ILE A 10 ? N ILE A 10 O TRP A 85  ? O TRP A 85  
AA1 3 4 O PHE A 84 ? O PHE A 84 N GLU A 69  ? N GLU A 69  
AA2 1 2 O GLU A 34 ? O GLU A 34 N THR A 21  ? N THR A 21  
AA2 2 3 N ILE A 18 ? N ILE A 18 O MET A 105 ? O MET A 105 
AA3 1 2 N GLN A 63 ? N GLN A 63 O ARG A 89  ? O ARG A 89  
# 
_atom_sites.entry_id                    7X9N 
_atom_sites.Cartn_transf_matrix[1][1]   ? 
_atom_sites.Cartn_transf_matrix[1][2]   ? 
_atom_sites.Cartn_transf_matrix[1][3]   ? 
_atom_sites.Cartn_transf_matrix[2][1]   ? 
_atom_sites.Cartn_transf_matrix[2][2]   ? 
_atom_sites.Cartn_transf_matrix[2][3]   ? 
_atom_sites.Cartn_transf_matrix[3][1]   ? 
_atom_sites.Cartn_transf_matrix[3][2]   ? 
_atom_sites.Cartn_transf_matrix[3][3]   ? 
_atom_sites.Cartn_transf_vector[1]      ? 
_atom_sites.Cartn_transf_vector[2]      ? 
_atom_sites.Cartn_transf_vector[3]      ? 
_atom_sites.fract_transf_matrix[1][1]   -0.00556750 
_atom_sites.fract_transf_matrix[1][2]   -0.01461740 
_atom_sites.fract_transf_matrix[1][3]   -0.02086491 
_atom_sites.fract_transf_matrix[2][1]   0.01660812 
_atom_sites.fract_transf_matrix[2][2]   -0.00661720 
_atom_sites.fract_transf_matrix[2][3]   0.00020420 
_atom_sites.fract_transf_matrix[3][1]   -0.00512075 
_atom_sites.fract_transf_matrix[3][2]   -0.01253901 
_atom_sites.fract_transf_matrix[3][3]   0.01015089 
_atom_sites.fract_transf_vector[1]      0.001994 
_atom_sites.fract_transf_vector[2]      0.036035 
_atom_sites.fract_transf_vector[3]      0.380731 
_atom_sites.solution_primary            ? 
_atom_sites.solution_secondary          ? 
_atom_sites.solution_hydrogens          ? 
_atom_sites.special_details             ? 
# 
loop_
_atom_type.symbol 
_atom_type.scat_dispersion_real 
_atom_type.scat_dispersion_imag 
_atom_type.scat_Cromer_Mann_a1 
_atom_type.scat_Cromer_Mann_a2 
_atom_type.scat_Cromer_Mann_b1 
_atom_type.scat_Cromer_Mann_b2 
_atom_type.scat_Cromer_Mann_c 
_atom_type.scat_source 
_atom_type.scat_dispersion_source 
C  ? ? 3.54356 2.42580 25.62398 1.50364  0.0 
;2-Gaussian fit: Grosse-Kunstleve RW, Sauter NK, Adams PD: Newsletter of the IUCr Commission on Crystallographic Computing 2004, 3, 22-31.
;
? 
MG ? ? 9.41153 2.53737 2.59044  63.03566 0.0 
;2-Gaussian fit: Grosse-Kunstleve RW, Sauter NK, Adams PD: Newsletter of the IUCr Commission on Crystallographic Computing 2004, 3, 22-31.
;
? 
N  ? ? 4.01032 2.96436 19.97189 1.75589  0.0 
;2-Gaussian fit: Grosse-Kunstleve RW, Sauter NK, Adams PD: Newsletter of the IUCr Commission on Crystallographic Computing 2004, 3, 22-31.
;
? 
O  ? ? 4.49882 3.47563 15.80542 1.70748  0.0 
;2-Gaussian fit: Grosse-Kunstleve RW, Sauter NK, Adams PD: Newsletter of the IUCr Commission on Crystallographic Computing 2004, 3, 22-31.
;
? 
P  ? ? 9.51135 5.44231 1.42069  35.72801 0.0 
;2-Gaussian fit: Grosse-Kunstleve RW, Sauter NK, Adams PD: Newsletter of the IUCr Commission on Crystallographic Computing 2004, 3, 22-31.
;
? 
S  ? ? 9.55732 6.39887 1.23737  29.19336 0.0 
;2-Gaussian fit: Grosse-Kunstleve RW, Sauter NK, Adams PD: Newsletter of the IUCr Commission on Crystallographic Computing 2004, 3, 22-31.
;
? 
# 
loop_
_atom_site.group_PDB 
_atom_site.id 
_atom_site.type_symbol 
_atom_site.label_atom_id 
_atom_site.label_alt_id 
_atom_site.label_comp_id 
_atom_site.label_asym_id 
_atom_site.label_entity_id 
_atom_site.label_seq_id 
_atom_site.pdbx_PDB_ins_code 
_atom_site.Cartn_x 
_atom_site.Cartn_y 
_atom_site.Cartn_z 
_atom_site.occupancy 
_atom_site.B_iso_or_equiv 
_atom_site.pdbx_formal_charge 
_atom_site.auth_seq_id 
_atom_site.auth_comp_id 
_atom_site.auth_asym_id 
_atom_site.auth_atom_id 
_atom_site.pdbx_PDB_model_num 
ATOM   1    N  N     . MET A 1 1   ? -12.66849 7.64296   18.75451  1.000 69.52080 ? 1   MET A N     1 
ATOM   2    C  CA    . MET A 1 1   ? -11.73224 6.82690   17.99032  1.000 56.50006 ? 1   MET A CA    1 
ATOM   3    C  C     . MET A 1 1   ? -11.25785 7.55457   16.73405  1.000 50.37029 ? 1   MET A C     1 
ATOM   4    O  O     . MET A 1 1   ? -12.06385 8.14095   16.00965  1.000 54.34010 ? 1   MET A O     1 
ATOM   5    C  CB    . MET A 1 1   ? -12.37241 5.48958   17.61451  1.000 43.78763 ? 1   MET A CB    1 
ATOM   6    C  CG    . MET A 1 1   ? -11.51852 4.65364   16.68751  1.000 37.93819 ? 1   MET A CG    1 
ATOM   7    S  SD    . MET A 1 1   ? -12.05992 2.94643   16.51824  1.000 45.48211 ? 1   MET A SD    1 
ATOM   8    C  CE    . MET A 1 1   ? -11.72123 2.32633   18.17083  1.000 27.37832 ? 1   MET A CE    1 
ATOM   9    N  N     . LYS A 1 2   ? -9.94716  7.51059   16.48886  1.000 44.43408 ? 2   LYS A N     1 
ATOM   10   C  CA    . LYS A 1 2   ? -9.37680  8.14919   15.30937  1.000 39.03687 ? 2   LYS A CA    1 
ATOM   11   C  C     . LYS A 1 2   ? -9.96628  7.55172   14.03553  1.000 36.09838 ? 2   LYS A C     1 
ATOM   12   O  O     . LYS A 1 2   ? -10.12254 6.33455   13.91886  1.000 21.92937 ? 2   LYS A O     1 
ATOM   13   C  CB    . LYS A 1 2   ? -7.85638  7.97959   15.29994  1.000 45.63728 ? 2   LYS A CB    1 
ATOM   14   C  CG    . LYS A 1 2   ? -7.21752  7.86928   16.67652  1.000 53.91627 ? 2   LYS A CG    1 
ATOM   15   C  CD    . LYS A 1 2   ? -5.76920  7.41304   16.56844  1.000 49.22462 ? 2   LYS A CD    1 
ATOM   16   C  CE    . LYS A 1 2   ? -4.99805  8.26115   15.56729  1.000 47.70414 ? 2   LYS A CE    1 
ATOM   17   N  NZ    . LYS A 1 2   ? -3.56531  7.86665   15.48760  1.000 60.33940 ? 2   LYS A NZ    1 
ATOM   18   N  N     . LYS A 1 3   ? -10.30312 8.42231   13.08182  1.000 39.55964 ? 3   LYS A N     1 
ATOM   19   C  CA    . LYS A 1 3   ? -10.76312 8.02925   11.75395  1.000 32.64393 ? 3   LYS A CA    1 
ATOM   20   C  C     . LYS A 1 3   ? -9.78274  8.56386   10.71788  1.000 36.25044 ? 3   LYS A C     1 
ATOM   21   O  O     . LYS A 1 3   ? -9.49339  9.76508   10.70024  1.000 38.73530 ? 3   LYS A O     1 
ATOM   22   C  CB    . LYS A 1 3   ? -12.16631 8.56753   11.46256  1.000 31.51557 ? 3   LYS A CB    1 
ATOM   23   C  CG    . LYS A 1 3   ? -13.28459 7.94456   12.26989  1.000 43.58138 ? 3   LYS A CG    1 
ATOM   24   C  CD    . LYS A 1 3   ? -14.62264 8.52841   11.83421  1.000 61.03250 ? 3   LYS A CD    1 
ATOM   25   C  CE    . LYS A 1 3   ? -15.79603 7.82195   12.49226  1.000 56.13972 ? 3   LYS A CE    1 
ATOM   26   N  NZ    . LYS A 1 3   ? -17.10445 8.34600   11.99933  1.000 50.89644 ? 3   LYS A NZ    1 
ATOM   27   N  N     . LEU A 1 4   ? -9.28675  7.68254   9.84943   1.000 22.25878 ? 4   LEU A N     1 
ATOM   28   C  CA    . LEU A 1 4   ? -8.23365  8.03228   8.90347   1.000 19.42958 ? 4   LEU A CA    1 
ATOM   29   C  C     . LEU A 1 4   ? -8.56450  7.52363   7.50964   1.000 13.77429 ? 4   LEU A C     1 
ATOM   30   O  O     . LEU A 1 4   ? -9.14288  6.44818   7.35508   1.000 18.10628 ? 4   LEU A O     1 
ATOM   31   C  CB    . LEU A 1 4   ? -6.87305  7.44785   9.32480   1.000 23.83751 ? 4   LEU A CB    1 
ATOM   32   C  CG    . LEU A 1 4   ? -6.19087  7.91623   10.60934  1.000 30.28384 ? 4   LEU A CG    1 
ATOM   33   C  CD1   . LEU A 1 4   ? -6.75230  7.19011   11.81527  1.000 38.98209 ? 4   LEU A CD1   1 
ATOM   34   C  CD2   . LEU A 1 4   ? -4.69971  7.68642   10.50243  1.000 37.73485 ? 4   LEU A CD2   1 
ATOM   35   N  N     . GLN A 1 5   ? -8.18071  8.29615   6.49484   1.000 12.64601 ? 5   GLN A N     1 
ATOM   36   C  CA    . GLN A 1 5   ? -8.19300  7.83625   5.11184   1.000 10.65956 ? 5   GLN A CA    1 
ATOM   37   C  C     . GLN A 1 5   ? -6.75454  7.55691   4.70873   1.000 10.98537 ? 5   GLN A C     1 
ATOM   38   O  O     . GLN A 1 5   ? -5.88997  8.41908   4.88261   1.000 10.96277 ? 5   GLN A O     1 
ATOM   39   C  CB    . GLN A 1 5   ? -8.79175  8.88201   4.16902   1.000 15.20197 ? 5   GLN A CB    1 
ATOM   40   C  CG    . GLN A 1 5   ? -10.17125 9.38006   4.58690   1.000 13.20766 ? 5   GLN A CG    1 
ATOM   41   C  CD    . GLN A 1 5   ? -11.28682 8.42979   4.19926   1.000 19.48282 ? 5   GLN A CD    1 
ATOM   42   O  OE1   . GLN A 1 5   ? -11.32151 7.91909   3.07904   1.000 17.62301 ? 5   GLN A OE1   1 
ATOM   43   N  NE2   . GLN A 1 5   ? -12.21626 8.20044   5.11787   1.000 28.28097 ? 5   GLN A NE2   1 
ATOM   44   N  N     . ILE A 1 6   ? -6.51131  6.36715   4.15880   1.000 9.65822  ? 6   ILE A N     1 
ATOM   45   C  CA    . ILE A 1 6   ? -5.17165  5.89055   3.82403   1.000 11.28410 ? 6   ILE A CA    1 
ATOM   46   C  C     . ILE A 1 6   ? -5.14968  5.50573   2.34929   1.000 10.10973 ? 6   ILE A C     1 
ATOM   47   O  O     . ILE A 1 6   ? -6.03337  4.77850   1.88726   1.000 10.92513 ? 6   ILE A O     1 
ATOM   48   C  CB    . ILE A 1 6   ? -4.78048  4.66960   4.67750   1.000 9.15906  ? 6   ILE A CB    1 
ATOM   49   C  CG1   . ILE A 1 6   ? -4.85539  4.95515   6.18967   1.000 8.32233  ? 6   ILE A CG1   1 
ATOM   50   C  CG2   . ILE A 1 6   ? -3.41342  4.15327   4.24077   1.000 8.37937  ? 6   ILE A CG2   1 
ATOM   51   C  CD1   . ILE A 1 6   ? -3.98685  6.09057   6.66472   1.000 13.55186 ? 6   ILE A CD1   1 
ATOM   52   N  N     . ALA A 1 7   ? -4.14065  5.96746   1.61283   1.000 8.51052  ? 7   ALA A N     1 
ATOM   53   C  CA    . ALA A 1 7   ? -3.97147  5.58963   0.21265   1.000 7.93209  ? 7   ALA A CA    1 
ATOM   54   C  C     . ALA A 1 7   ? -2.72154  4.73192   0.07883   1.000 8.37577  ? 7   ALA A C     1 
ATOM   55   O  O     . ALA A 1 7   ? -1.65560  5.11763   0.56776   1.000 9.74808  ? 7   ALA A O     1 
ATOM   56   C  CB    . ALA A 1 7   ? -3.84784  6.82035   -0.69255  1.000 11.88755 ? 7   ALA A CB    1 
ATOM   57   N  N     . VAL A 1 8   ? -2.84635  3.57688   -0.58219  1.000 9.17624  ? 8   VAL A N     1 
ATOM   58   C  CA    . VAL A 1 8   ? -1.70853  2.68742   -0.77009  1.000 7.07481  ? 8   VAL A CA    1 
ATOM   59   C  C     . VAL A 1 8   ? -1.60542  2.27694   -2.23226  1.000 6.20187  ? 8   VAL A C     1 
ATOM   60   O  O     . VAL A 1 8   ? -2.57895  2.30941   -2.99008  1.000 8.29691  ? 8   VAL A O     1 
ATOM   61   C  CB    . VAL A 1 8   ? -1.77201  1.43231   0.14364   1.000 7.64626  ? 8   VAL A CB    1 
ATOM   62   C  CG1   . VAL A 1 8   ? -2.06138  1.83907   1.57563   1.000 9.49656  ? 8   VAL A CG1   1 
ATOM   63   C  CG2   . VAL A 1 8   ? -2.79923  0.43848   -0.34828  1.000 10.95654 ? 8   VAL A CG2   1 
ATOM   64   N  N     . GLY A 1 9   ? -0.39235  1.88353   -2.62153  1.000 6.90228  ? 9   GLY A N     1 
ATOM   65   C  CA    . GLY A 1 9   ? -0.12687  1.50240   -3.99387  1.000 6.42413  ? 9   GLY A CA    1 
ATOM   66   C  C     . GLY A 1 9   ? 0.31027   0.05828   -4.12988  1.000 7.36357  ? 9   GLY A C     1 
ATOM   67   O  O     . GLY A 1 9   ? 1.29034   -0.36169  -3.50228  1.000 9.13484  ? 9   GLY A O     1 
ATOM   68   N  N     . ILE A 1 10  ? -0.42904  -0.71129  -4.92322  1.000 6.31786  ? 10  ILE A N     1 
ATOM   69   C  CA    . ILE A 1 10  ? -0.06736  -2.08632  -5.26374  1.000 9.38682  ? 10  ILE A CA    1 
ATOM   70   C  C     . ILE A 1 10  ? 0.80083   -1.97757  -6.50894  1.000 10.78500 ? 10  ILE A C     1 
ATOM   71   O  O     . ILE A 1 10  ? 0.29652   -1.75325  -7.60510  1.000 10.29452 ? 10  ILE A O     1 
ATOM   72   C  CB    . ILE A 1 10  ? -1.30118  -2.95377  -5.52035  1.000 11.55408 ? 10  ILE A CB    1 
ATOM   73   C  CG1   . ILE A 1 10  ? -2.20927  -2.99818  -4.28583  1.000 6.61220  ? 10  ILE A CG1   1 
ATOM   74   C  CG2   . ILE A 1 10  ? -0.88475  -4.35724  -5.98178  1.000 10.62051 ? 10  ILE A CG2   1 
ATOM   75   C  CD1   . ILE A 1 10  ? -3.66248  -3.46948  -4.59397  1.000 11.11796 ? 10  ILE A CD1   1 
ATOM   76   N  N     . ILE A 1 11  ? 2.11057   -2.11625  -6.33134  1.000 5.46864  ? 11  ILE A N     1 
ATOM   77   C  CA    . ILE A 1 11  ? 3.09633   -1.84923  -7.37009  1.000 5.96689  ? 11  ILE A CA    1 
ATOM   78   C  C     . ILE A 1 11  ? 3.43912   -3.17852  -8.01881  1.000 12.47916 ? 11  ILE A C     1 
ATOM   79   O  O     . ILE A 1 11  ? 4.13289   -4.00176  -7.41848  1.000 9.62570  ? 11  ILE A O     1 
ATOM   80   C  CB    . ILE A 1 11  ? 4.34560   -1.18395  -6.77849  1.000 7.39367  ? 11  ILE A CB    1 
ATOM   81   C  CG1   . ILE A 1 11  ? 3.96876   0.14426   -6.10993  1.000 9.05641  ? 11  ILE A CG1   1 
ATOM   82   C  CG2   . ILE A 1 11  ? 5.40995   -0.98032  -7.85755  1.000 13.52943 ? 11  ILE A CG2   1 
ATOM   83   C  CD1   . ILE A 1 11  ? 4.96687   0.58781   -5.05852  1.000 10.31444 ? 11  ILE A CD1   1 
ATOM   84   N  N     . ARG A 1 12  ? 2.97597   -3.39533  -9.24560  1.000 10.87483 ? 12  ARG A N     1 
ATOM   85   C  CA    . ARG A 1 12  ? 3.06231   -4.70360  -9.89435  1.000 10.12607 ? 12  ARG A CA    1 
ATOM   86   C  C     . ARG A 1 12  ? 3.93877   -4.62549  -11.14154 1.000 11.96286 ? 12  ARG A C     1 
ATOM   87   O  O     . ARG A 1 12  ? 3.66957   -3.82406  -12.04485 1.000 13.14345 ? 12  ARG A O     1 
ATOM   88   C  CB    . ARG A 1 12  ? 1.65910   -5.19438  -10.25968 1.000 10.79186 ? 12  ARG A CB    1 
ATOM   89   C  CG    . ARG A 1 12  ? 1.62214   -6.54350  -10.95939 1.000 15.54554 ? 12  ARG A CG    1 
ATOM   90   C  CD    . ARG A 1 12  ? 0.32073   -6.65661  -11.74395 1.000 29.10603 ? 12  ARG A CD    1 
ATOM   91   N  NE    . ARG A 1 12  ? -0.02624  -8.03455  -12.06704 1.000 26.62304 ? 12  ARG A NE    1 
ATOM   92   C  CZ    . ARG A 1 12  ? -1.17451  -8.38894  -12.63719 1.000 48.45013 ? 12  ARG A CZ    1 
ATOM   93   N  NH1   . ARG A 1 12  ? -2.06953  -7.45956  -12.95448 1.000 29.52177 ? 12  ARG A NH1   1 
ATOM   94   N  NH2   . ARG A 1 12  ? -1.43076  -9.66677  -12.89091 1.000 45.95503 ? 12  ARG A NH2   1 
ATOM   95   N  N     . ASN A 1 13  ? 4.97361   -5.47266  -11.21411 1.000 9.36630  ? 13  ASN A N     1 
ATOM   96   C  CA    . ASN A 1 13  ? 5.84188   -5.42898  -12.38625 1.000 9.32870  ? 13  ASN A CA    1 
ATOM   97   C  C     . ASN A 1 13  ? 5.36100   -6.40973  -13.46180 1.000 16.55700 ? 13  ASN A C     1 
ATOM   98   O  O     . ASN A 1 13  ? 4.34530   -7.09274  -13.31218 1.000 17.40480 ? 13  ASN A O     1 
ATOM   99   C  CB    . ASN A 1 13  ? 7.30802   -5.67095  -11.99055 1.000 13.69198 ? 13  ASN A CB    1 
ATOM   100  C  CG    . ASN A 1 13  ? 7.60577   -7.11268  -11.56863 1.000 11.88424 ? 13  ASN A CG    1 
ATOM   101  O  OD1   . ASN A 1 13  ? 6.79631   -8.02070  -11.75634 1.000 13.40306 ? 13  ASN A OD1   1 
ATOM   102  N  ND2   . ASN A 1 13  ? 8.80932   -7.33059  -11.01223 1.000 12.75710 ? 13  ASN A ND2   1 
ATOM   103  N  N     . GLU A 1 14  ? 6.12282   -6.49848  -14.55775 1.000 17.77743 ? 14  GLU A N     1 
ATOM   104  C  CA    . GLU A 1 14  ? 5.72492   -7.34003  -15.68297 1.000 20.50914 ? 14  GLU A CA    1 
ATOM   105  C  C     . GLU A 1 14  ? 5.78391   -8.82740  -15.35784 1.000 26.92961 ? 14  GLU A C     1 
ATOM   106  O  O     . GLU A 1 14  ? 5.20342   -9.63163  -16.09553 1.000 29.21765 ? 14  GLU A O     1 
ATOM   107  C  CB    . GLU A 1 14  ? 6.61435   -7.05267  -16.89525 1.000 26.54534 ? 14  GLU A CB    1 
ATOM   108  C  CG    . GLU A 1 14  ? 6.48891   -5.64188  -17.45020 1.000 48.39854 ? 14  GLU A CG    1 
ATOM   109  C  CD    . GLU A 1 14  ? 7.53694   -5.33809  -18.50883 1.000 61.32168 ? 14  GLU A CD    1 
ATOM   110  O  OE1   . GLU A 1 14  ? 8.47719   -6.14712  -18.67037 1.000 54.90035 ? 14  GLU A OE1   1 
ATOM   111  O  OE2   . GLU A 1 14  ? 7.41825   -4.28949  -19.17929 1.000 77.47905 ? 14  GLU A OE2   1 
ATOM   112  N  N     . ASN A 1 15  ? 6.47272   -9.21349  -14.28506 1.000 18.29875 ? 15  ASN A N     1 
ATOM   113  C  CA    . ASN A 1 15  ? 6.63687   -10.61381 -13.91274 1.000 15.16145 ? 15  ASN A CA    1 
ATOM   114  C  C     . ASN A 1 15  ? 5.68617   -11.04186 -12.80177 1.000 14.42306 ? 15  ASN A C     1 
ATOM   115  O  O     . ASN A 1 15  ? 5.96079   -12.03634 -12.11586 1.000 18.04882 ? 15  ASN A O     1 
ATOM   116  C  CB    . ASN A 1 15  ? 8.07173   -10.88423 -13.47126 1.000 17.80027 ? 15  ASN A CB    1 
ATOM   117  C  CG    . ASN A 1 15  ? 9.04826   -10.89790 -14.62462 1.000 37.63372 ? 15  ASN A CG    1 
ATOM   118  O  OD1   . ASN A 1 15  ? 8.67616   -10.68663 -15.77692 1.000 43.94657 ? 15  ASN A OD1   1 
ATOM   119  N  ND2   . ASN A 1 15  ? 10.31407  -11.14549 -14.31525 1.000 42.87989 ? 15  ASN A ND2   1 
ATOM   120  N  N     A ASN A 1 16  ? 4.60071   -10.29598 -12.59474 0.560 13.47956 ? 16  ASN A N     1 
ATOM   121  N  N     B ASN A 1 16  ? 4.59035   -10.30865 -12.60060 0.440 13.51366 ? 16  ASN A N     1 
ATOM   122  C  CA    A ASN A 1 16  ? 3.58462   -10.61871 -11.59510 0.560 15.91751 ? 16  ASN A CA    1 
ATOM   123  C  CA    B ASN A 1 16  ? 3.58669   -10.63483 -11.58561 0.440 15.92087 ? 16  ASN A CA    1 
ATOM   124  C  C     A ASN A 1 16  ? 4.17059   -10.62830 -10.18248 0.560 14.80200 ? 16  ASN A C     1 
ATOM   125  C  C     B ASN A 1 16  ? 4.18405   -10.64034 -10.17889 0.440 14.79842 ? 16  ASN A C     1 
ATOM   126  O  O     A ASN A 1 16  ? 3.78331   -11.43640 -9.33679  0.560 16.28939 ? 16  ASN A O     1 
ATOM   127  O  O     B ASN A 1 16  ? 3.81319   -11.45585 -9.33239  0.440 16.26869 ? 16  ASN A O     1 
ATOM   128  C  CB    A ASN A 1 16  ? 2.90147   -11.95141 -11.91518 0.560 17.64181 ? 16  ASN A CB    1 
ATOM   129  C  CB    B ASN A 1 16  ? 2.89978   -11.96840 -11.89033 0.440 17.65142 ? 16  ASN A CB    1 
ATOM   130  C  CG    A ASN A 1 16  ? 1.51051   -12.04694 -11.32587 0.560 20.16162 ? 16  ASN A CG    1 
ATOM   131  C  CG    B ASN A 1 16  ? 1.88068   -11.85308 -12.99898 0.440 21.32539 ? 16  ASN A CG    1 
ATOM   132  O  OD1   A ASN A 1 16  ? 0.76618   -11.06662 -11.30412 0.560 23.81797 ? 16  ASN A OD1   1 
ATOM   133  O  OD1   B ASN A 1 16  ? 1.33758   -10.77588 -13.24627 0.440 25.68995 ? 16  ASN A OD1   1 
ATOM   134  N  ND2   A ASN A 1 16  ? 1.15307   -13.22893 -10.83860 0.560 29.89742 ? 16  ASN A ND2   1 
ATOM   135  N  ND2   B ASN A 1 16  ? 1.60737   -12.96509 -13.67176 0.440 28.90776 ? 16  ASN A ND2   1 
ATOM   136  N  N     . GLU A 1 17  ? 5.10394   -9.71778  -9.92086  1.000 8.78438  ? 17  GLU A N     1 
ATOM   137  C  CA    . GLU A 1 17  ? 5.66798   -9.52290  -8.59189  1.000 8.91073  ? 17  GLU A CA    1 
ATOM   138  C  C     . GLU A 1 17  ? 5.22708   -8.15512  -8.08519  1.000 10.60290 ? 17  GLU A C     1 
ATOM   139  O  O     . GLU A 1 17  ? 5.01857   -7.23302  -8.87552  1.000 10.58973 ? 17  GLU A O     1 
ATOM   140  C  CB    . GLU A 1 17  ? 7.19982   -9.62342  -8.60527  1.000 13.35709 ? 17  GLU A CB    1 
ATOM   141  C  CG    . GLU A 1 17  ? 7.69588   -10.99921 -9.04235  1.000 12.39281 ? 17  GLU A CG    1 
ATOM   142  C  CD    . GLU A 1 17  ? 9.12375   -11.00281 -9.54206  1.000 19.21689 ? 17  GLU A CD    1 
ATOM   143  O  OE1   . GLU A 1 17  ? 9.61648   -9.93890  -9.97521  1.000 16.40458 ? 17  GLU A OE1   1 
ATOM   144  O  OE2   . GLU A 1 17  ? 9.74543   -12.08713 -9.52571  1.000 17.53331 ? 17  GLU A OE2   1 
ATOM   145  N  N     . ILE A 1 18  ? 5.05350   -8.03946  -6.76762  1.000 8.73523  ? 18  ILE A N     1 
ATOM   146  C  CA    . ILE A 1 18  ? 4.59554   -6.80766  -6.12735  1.000 11.03075 ? 18  ILE A CA    1 
ATOM   147  C  C     . ILE A 1 18  ? 5.71322   -6.27196  -5.24863  1.000 9.07689  ? 18  ILE A C     1 
ATOM   148  O  O     . ILE A 1 18  ? 6.38264   -7.04247  -4.54876  1.000 10.68112 ? 18  ILE A O     1 
ATOM   149  C  CB    . ILE A 1 18  ? 3.33314   -7.04513  -5.27169  1.000 11.57469 ? 18  ILE A CB    1 
ATOM   150  C  CG1   . ILE A 1 18  ? 2.31826   -7.92345  -6.00155  1.000 11.23076 ? 18  ILE A CG1   1 
ATOM   151  C  CG2   . ILE A 1 18  ? 2.73017   -5.71888  -4.83637  1.000 13.15157 ? 18  ILE A CG2   1 
ATOM   152  C  CD1   . ILE A 1 18  ? 1.71290   -7.28099  -7.21746  1.000 14.29424 ? 18  ILE A CD1   1 
ATOM   153  N  N     . PHE A 1 19  ? 5.89864   -4.95270  -5.24625  1.000 7.15792  ? 19  PHE A N     1 
ATOM   154  C  CA    . PHE A 1 19  ? 6.91872   -4.35206  -4.39323  1.000 8.43507  ? 19  PHE A CA    1 
ATOM   155  C  C     . PHE A 1 19  ? 6.33075   -4.09908  -3.01005  1.000 12.22772 ? 19  PHE A C     1 
ATOM   156  O  O     . PHE A 1 19  ? 5.42345   -3.26960  -2.85164  1.000 9.30445  ? 19  PHE A O     1 
ATOM   157  C  CB    . PHE A 1 19  ? 7.47123   -3.06239  -4.99924  1.000 8.56730  ? 19  PHE A CB    1 
ATOM   158  C  CG    . PHE A 1 19  ? 8.65562   -2.53105  -4.25900  1.000 10.13386 ? 19  PHE A CG    1 
ATOM   159  C  CD1   . PHE A 1 19  ? 9.95082   -2.96712  -4.56781  1.000 8.62339  ? 19  PHE A CD1   1 
ATOM   160  C  CD2   . PHE A 1 19  ? 8.48499   -1.65133  -3.20003  1.000 6.55261  ? 19  PHE A CD2   1 
ATOM   161  C  CE1   . PHE A 1 19  ? 11.03747  -2.49027  -3.86080  1.000 10.55991 ? 19  PHE A CE1   1 
ATOM   162  C  CE2   . PHE A 1 19  ? 9.58463   -1.16588  -2.48251  1.000 6.62201  ? 19  PHE A CE2   1 
ATOM   163  C  CZ    . PHE A 1 19  ? 10.86122  -1.58721  -2.81419  1.000 8.17306  ? 19  PHE A CZ    1 
ATOM   164  N  N     . ILE A 1 20  ? 6.86717   -4.80248  -2.01425  1.000 9.35146  ? 20  ILE A N     1 
ATOM   165  C  CA    . ILE A 1 20  ? 6.29985   -4.88538  -0.67372  1.000 7.54337  ? 20  ILE A CA    1 
ATOM   166  C  C     . ILE A 1 20  ? 7.35315   -4.40265  0.31053   1.000 8.84815  ? 20  ILE A C     1 
ATOM   167  O  O     . ILE A 1 20  ? 8.51764   -4.81923  0.23165   1.000 10.30898 ? 20  ILE A O     1 
ATOM   168  C  CB    . ILE A 1 20  ? 5.87878   -6.33197  -0.34530  1.000 6.83041  ? 20  ILE A CB    1 
ATOM   169  C  CG1   . ILE A 1 20  ? 4.86364   -6.84432  -1.36522  1.000 9.13687  ? 20  ILE A CG1   1 
ATOM   170  C  CG2   . ILE A 1 20  ? 5.35116   -6.46624  1.09187   1.000 7.71803  ? 20  ILE A CG2   1 
ATOM   171  C  CD1   . ILE A 1 20  ? 3.54738   -6.11473  -1.30141  1.000 10.02520 ? 20  ILE A CD1   1 
ATOM   172  N  N     . THR A 1 21  ? 6.95057   -3.53640  1.23585   1.000 6.98096  ? 21  THR A N     1 
ATOM   173  C  CA    . THR A 1 21  ? 7.83113   -3.08477  2.30298   1.000 7.18401  ? 21  THR A CA    1 
ATOM   174  C  C     . THR A 1 21  ? 7.36433   -3.66133  3.63634   1.000 8.91213  ? 21  THR A C     1 
ATOM   175  O  O     . THR A 1 21  ? 6.27967   -4.22966  3.74276   1.000 9.10116  ? 21  THR A O     1 
ATOM   176  C  CB    . THR A 1 21  ? 7.89361   -1.55140  2.34439   1.000 8.37626  ? 21  THR A CB    1 
ATOM   177  O  OG1   . THR A 1 21  ? 6.57310   -0.99992  2.49787   1.000 10.04341 ? 21  THR A OG1   1 
ATOM   178  C  CG2   . THR A 1 21  ? 8.50270   -1.03262  1.04979   1.000 9.36594  ? 21  THR A CG2   1 
ATOM   179  N  N     . ARG A 1 22  ? 8.21364   -3.55699  4.65890   1.000 10.25302 ? 22  ARG A N     1 
ATOM   180  C  CA    . ARG A 1 22  ? 7.87045   -4.06396  5.98551   1.000 7.20660  ? 22  ARG A CA    1 
ATOM   181  C  C     . ARG A 1 22  ? 7.85485   -2.91078  6.97525   1.000 12.04696 ? 22  ARG A C     1 
ATOM   182  O  O     . ARG A 1 22  ? 8.78327   -2.09295  6.99817   1.000 9.31926  ? 22  ARG A O     1 
ATOM   183  C  CB    . ARG A 1 22  ? 8.85014   -5.15436  6.45675   1.000 8.69270  ? 22  ARG A CB    1 
ATOM   184  C  CG    . ARG A 1 22  ? 8.35631   -5.85491  7.72170   1.000 8.35500  ? 22  ARG A CG    1 
ATOM   185  C  CD    . ARG A 1 22  ? 9.31160   -6.95064  8.16570   1.000 10.83637 ? 22  ARG A CD    1 
ATOM   186  N  NE    . ARG A 1 22  ? 9.31427   -8.09331  7.25579   1.000 11.87686 ? 22  ARG A NE    1 
ATOM   187  C  CZ    . ARG A 1 22  ? 8.47079   -9.11661  7.32539   1.000 9.89348  ? 22  ARG A CZ    1 
ATOM   188  N  NH1   . ARG A 1 22  ? 7.51528   -9.14633  8.25232   1.000 15.33221 ? 22  ARG A NH1   1 
ATOM   189  N  NH2   . ARG A 1 22  ? 8.56843   -10.11435 6.45232   1.000 16.82109 ? 22  ARG A NH2   1 
ATOM   190  N  N     . ARG A 1 23  ? 6.78708   -2.83976  7.77658   1.000 11.25708 ? 23  ARG A N     1 
ATOM   191  C  CA    . ARG A 1 23  ? 6.58294   -1.70875  8.67218   1.000 7.18380  ? 23  ARG A CA    1 
ATOM   192  C  C     . ARG A 1 23  ? 7.52742   -1.77090  9.86723   1.000 10.07977 ? 23  ARG A C     1 
ATOM   193  O  O     . ARG A 1 23  ? 7.90619   -2.84857  10.33117  1.000 13.72273 ? 23  ARG A O     1 
ATOM   194  C  CB    . ARG A 1 23  ? 5.12529   -1.68100  9.13667   1.000 8.33258  ? 23  ARG A CB    1 
ATOM   195  C  CG    . ARG A 1 23  ? 4.17767   -1.53708  7.95767   1.000 9.35354  ? 23  ARG A CG    1 
ATOM   196  C  CD    . ARG A 1 23  ? 2.72013   -1.42926  8.38104   1.000 9.18043  ? 23  ARG A CD    1 
ATOM   197  N  NE    . ARG A 1 23  ? 2.44430   -0.35216  9.33229   1.000 12.06119 ? 23  ARG A NE    1 
ATOM   198  C  CZ    . ARG A 1 23  ? 2.25531   0.92241   9.00721   1.000 11.90994 ? 23  ARG A CZ    1 
ATOM   199  N  NH1   . ARG A 1 23  ? 2.36158   1.31752   7.73971   1.000 10.90698 ? 23  ARG A NH1   1 
ATOM   200  N  NH2   . ARG A 1 23  ? 1.97966   1.80547   9.96063   1.000 12.86814 ? 23  ARG A NH2   1 
ATOM   201  N  N     . ALA A 1 24  ? 7.91011   -0.59003  10.35510  1.000 10.56005 ? 24  ALA A N     1 
ATOM   202  C  CA    . ALA A 1 24  ? 8.82488   -0.46141  11.48067  1.000 12.03816 ? 24  ALA A CA    1 
ATOM   203  C  C     . ALA A 1 24  ? 8.25351   -1.12461  12.73264  1.000 16.54786 ? 24  ALA A C     1 
ATOM   204  O  O     . ALA A 1 24  ? 7.04397   -1.31337  12.88143  1.000 14.96205 ? 24  ALA A O     1 
ATOM   205  C  CB    . ALA A 1 24  ? 9.12625   1.01674   11.75448  1.000 13.18516 ? 24  ALA A CB    1 
ATOM   206  N  N     . ALA A 1 25  ? 9.15132   -1.47982  13.65553  1.000 14.71097 ? 25  ALA A N     1 
ATOM   207  C  CA    . ALA A 1 25  ? 8.73760   -2.24433  14.82519  1.000 15.11754 ? 25  ALA A CA    1 
ATOM   208  C  C     . ALA A 1 25  ? 7.92918   -1.42179  15.82194  1.000 22.43591 ? 25  ALA A C     1 
ATOM   209  O  O     . ALA A 1 25  ? 7.28282   -2.00375  16.69957  1.000 21.08209 ? 25  ALA A O     1 
ATOM   210  C  CB    . ALA A 1 25  ? 9.96582   -2.83639  15.52215  1.000 20.72784 ? 25  ALA A CB    1 
ATOM   211  N  N     . ASP A 1 26  ? 7.96770   -0.09047  15.73009  1.000 15.44013 ? 26  ASP A N     1 
ATOM   212  C  CA    . ASP A 1 26  ? 7.24719   0.76962   16.66083  1.000 20.50124 ? 26  ASP A CA    1 
ATOM   213  C  C     . ASP A 1 26  ? 6.06455   1.46902   15.99775  1.000 24.84396 ? 26  ASP A C     1 
ATOM   214  O  O     . ASP A 1 26  ? 5.53249   2.44425   16.53883  1.000 24.29564 ? 26  ASP A O     1 
ATOM   215  C  CB    . ASP A 1 26  ? 8.19808   1.79706   17.27081  1.000 21.65528 ? 26  ASP A CB    1 
ATOM   216  C  CG    . ASP A 1 26  ? 8.89992   2.63447   16.21815  1.000 31.18516 ? 26  ASP A CG    1 
ATOM   217  O  OD1   . ASP A 1 26  ? 8.64234   2.42359   15.01235  1.000 34.42964 ? 26  ASP A OD1   1 
ATOM   218  O  OD2   . ASP A 1 26  ? 9.71624   3.50332   16.59270  1.000 47.60406 ? 26  ASP A OD2   1 
ATOM   219  N  N     . ALA A 1 27  ? 5.65348   1.00109   14.83051  1.000 19.51566 ? 27  ALA A N     1 
ATOM   220  C  CA    . ALA A 1 27  ? 4.54528   1.60454   14.10980  1.000 16.87846 ? 27  ALA A CA    1 
ATOM   221  C  C     . ALA A 1 27  ? 3.25061   0.87826   14.44541  1.000 14.77475 ? 27  ALA A C     1 
ATOM   222  O  O     . ALA A 1 27  ? 3.25702   -0.23213  14.97790  1.000 14.70773 ? 27  ALA A O     1 
ATOM   223  C  CB    . ALA A 1 27  ? 4.81043   1.55342   12.60135  1.000 14.68697 ? 27  ALA A CB    1 
ATOM   224  N  N     . HIS A 1 28  ? 2.12112   1.52493   14.14253  1.000 10.92961 ? 28  HIS A N     1 
ATOM   225  C  CA    . HIS A 1 28  ? 0.88310   0.76609   14.06965  1.000 11.23493 ? 28  HIS A CA    1 
ATOM   226  C  C     . HIS A 1 28  ? 1.07143   -0.35686  13.05764  1.000 11.11028 ? 28  HIS A C     1 
ATOM   227  O  O     . HIS A 1 28  ? 1.72101   -0.17141  12.02700  1.000 15.18809 ? 28  HIS A O     1 
ATOM   228  C  CB    . HIS A 1 28  ? -0.29682  1.66670   13.66482  1.000 12.21450 ? 28  HIS A CB    1 
ATOM   229  C  CG    . HIS A 1 28  ? -1.61878  0.96216   13.68503  1.000 13.56510 ? 28  HIS A CG    1 
ATOM   230  N  ND1   . HIS A 1 28  ? -2.34871  0.71340   12.54431  1.000 11.24169 ? 28  HIS A ND1   1 
ATOM   231  C  CD2   . HIS A 1 28  ? -2.32945  0.43140   14.71017  1.000 13.46214 ? 28  HIS A CD2   1 
ATOM   232  C  CE1   . HIS A 1 28  ? -3.46085  0.06919   12.86495  1.000 12.90709 ? 28  HIS A CE1   1 
ATOM   233  N  NE2   . HIS A 1 28  ? -3.47278  -0.11485  14.17564  1.000 14.61899 ? 28  HIS A NE2   1 
ATOM   234  N  N     . MET A 1 29  ? 0.50207   -1.52541  13.35457  1.000 10.59662 ? 29  MET A N     1 
ATOM   235  C  CA    . MET A 1 29  ? 0.71587   -2.72424  12.54014  1.000 8.73486  ? 29  MET A CA    1 
ATOM   236  C  C     . MET A 1 29  ? 2.20822   -2.99047  12.38218  1.000 11.61717 ? 29  MET A C     1 
ATOM   237  O  O     . MET A 1 29  ? 2.72612   -3.21605  11.28095  1.000 10.76846 ? 29  MET A O     1 
ATOM   238  C  CB    . MET A 1 29  ? 0.01975   -2.61114  11.18314  1.000 10.58874 ? 29  MET A CB    1 
ATOM   239  C  CG    . MET A 1 29  ? -1.49747  -2.73349  11.27877  1.000 9.63547  ? 29  MET A CG    1 
ATOM   240  S  SD    . MET A 1 29  ? -1.97081  -4.38495  11.84465  1.000 14.11325 ? 29  MET A SD    1 
ATOM   241  C  CE    . MET A 1 29  ? -2.36745  -4.08689  13.57514  1.000 18.64464 ? 29  MET A CE    1 
ATOM   242  N  N     . ALA A 1 30  ? 2.90137   -2.96925  13.51840  1.000 10.70169 ? 30  ALA A N     1 
ATOM   243  C  CA    . ALA A 1 30  ? 4.35502   -3.12237  13.51899  1.000 13.31656 ? 30  ALA A CA    1 
ATOM   244  C  C     . ALA A 1 30  ? 4.78189   -4.45546  12.91300  1.000 10.90889 ? 30  ALA A C     1 
ATOM   245  O  O     . ALA A 1 30  ? 4.13210   -5.48600  13.10471  1.000 11.88795 ? 30  ALA A O     1 
ATOM   246  C  CB    . ALA A 1 30  ? 4.88581   -3.01331  14.94695  1.000 16.07395 ? 30  ALA A CB    1 
ATOM   247  N  N     . ASN A 1 31  ? 5.90030   -4.42677  12.18702  1.000 11.90379 ? 31  ASN A N     1 
ATOM   248  C  CA    . ASN A 1 31  ? 6.57538   -5.56423  11.56771  1.000 11.43385 ? 31  ASN A CA    1 
ATOM   249  C  C     . ASN A 1 31  ? 5.76486   -6.23300  10.46279  1.000 13.22740 ? 31  ASN A C     1 
ATOM   250  O  O     . ASN A 1 31  ? 6.22228   -7.24158  9.92125   1.000 10.40128 ? 31  ASN A O     1 
ATOM   251  C  CB    . ASN A 1 31  ? 6.98096   -6.63834  12.59317  1.000 12.77444 ? 31  ASN A CB    1 
ATOM   252  C  CG    . ASN A 1 31  ? 7.90126   -6.09490  13.66536  1.000 10.77165 ? 31  ASN A CG    1 
ATOM   253  O  OD1   . ASN A 1 31  ? 8.89434   -5.42737  13.36515  1.000 11.93008 ? 31  ASN A OD1   1 
ATOM   254  N  ND2   . ASN A 1 31  ? 7.56328   -6.35312  14.92504  1.000 11.20608 ? 31  ASN A ND2   1 
ATOM   255  N  N     . LYS A 1 32  ? 4.59157   -5.71418  10.10494  1.000 9.40356  ? 32  LYS A N     1 
ATOM   256  C  CA    . LYS A 1 32  ? 3.78078   -6.31719  9.05276   1.000 7.89762  ? 32  LYS A CA    1 
ATOM   257  C  C     . LYS A 1 32  ? 4.27450   -5.92334  7.66401   1.000 9.97980  ? 32  LYS A C     1 
ATOM   258  O  O     . LYS A 1 32  ? 4.79155   -4.81860  7.45198   1.000 10.73415 ? 32  LYS A O     1 
ATOM   259  C  CB    . LYS A 1 32  ? 2.31960   -5.87629  9.18377   1.000 9.18829  ? 32  LYS A CB    1 
ATOM   260  C  CG    . LYS A 1 32  ? 1.60554   -6.44774  10.39205  1.000 11.82025 ? 32  LYS A CG    1 
ATOM   261  C  CD    . LYS A 1 32  ? 1.35518   -7.92751  10.20700  1.000 13.20841 ? 32  LYS A CD    1 
ATOM   262  C  CE    . LYS A 1 32  ? 0.19764   -8.40418  11.06853  1.000 32.54954 ? 32  LYS A CE    1 
ATOM   263  N  NZ    . LYS A 1 32  ? 0.36600   -7.97051  12.47951  1.000 47.17532 ? 32  LYS A NZ    1 
ATOM   264  N  N     . LEU A 1 33  ? 4.07129   -6.82509  6.70273   1.000 6.91232  ? 33  LEU A N     1 
ATOM   265  C  CA    . LEU A 1 33  ? 4.24012   -6.46348  5.30202   1.000 10.01044 ? 33  LEU A CA    1 
ATOM   266  C  C     . LEU A 1 33  ? 3.11974   -5.51920  4.88445   1.000 7.67806  ? 33  LEU A C     1 
ATOM   267  O  O     . LEU A 1 33  ? 2.03147   -5.53338  5.46848   1.000 8.95433  ? 33  LEU A O     1 
ATOM   268  C  CB    . LEU A 1 33  ? 4.22781   -7.70783  4.41735   1.000 10.09578 ? 33  LEU A CB    1 
ATOM   269  C  CG    . LEU A 1 33  ? 5.38751   -8.68449  4.61465   1.000 7.92047  ? 33  LEU A CG    1 
ATOM   270  C  CD1   . LEU A 1 33  ? 5.26619   -9.81670  3.62176   1.000 8.87271  ? 33  LEU A CD1   1 
ATOM   271  C  CD2   . LEU A 1 33  ? 6.73691   -7.97943  4.48052   1.000 9.72652  ? 33  LEU A CD2   1 
ATOM   272  N  N     . GLU A 1 34  ? 3.39478   -4.68441  3.87504   1.000 9.51667  ? 34  GLU A N     1 
ATOM   273  C  CA    . GLU A 1 34  ? 2.46250   -3.62306  3.51023   1.000 7.59700  ? 34  GLU A CA    1 
ATOM   274  C  C     . GLU A 1 34  ? 2.67680   -3.21367  2.06141   1.000 9.53093  ? 34  GLU A C     1 
ATOM   275  O  O     . GLU A 1 34  ? 3.77130   -3.36109  1.51269   1.000 8.42892  ? 34  GLU A O     1 
ATOM   276  C  CB    . GLU A 1 34  ? 2.65249   -2.38146  4.38942   1.000 8.82283  ? 34  GLU A CB    1 
ATOM   277  C  CG    . GLU A 1 34  ? 4.10226   -1.88888  4.35361   1.000 8.98743  ? 34  GLU A CG    1 
ATOM   278  C  CD    . GLU A 1 34  ? 4.28367   -0.46483  4.83856   1.000 16.58548 ? 34  GLU A CD    1 
ATOM   279  O  OE1   . GLU A 1 34  ? 3.29268   0.14494   5.29696   1.000 11.66184 ? 34  GLU A OE1   1 
ATOM   280  O  OE2   . GLU A 1 34  ? 5.43481   0.03373   4.76953   1.000 13.37279 ? 34  GLU A OE2   1 
ATOM   281  N  N     . PHE A 1 35  ? 1.61519   -2.69491  1.46134   1.000 5.48113  ? 35  PHE A N     1 
ATOM   282  C  CA    . PHE A 1 35  ? 1.73086   -1.87450  0.25207   1.000 5.49411  ? 35  PHE A CA    1 
ATOM   283  C  C     . PHE A 1 35  ? 2.17288   -0.46922  0.64688   1.000 6.50103  ? 35  PHE A C     1 
ATOM   284  O  O     . PHE A 1 35  ? 1.62516   0.09554   1.59344   1.000 8.64569  ? 35  PHE A O     1 
ATOM   285  C  CB    . PHE A 1 35  ? 0.36860   -1.80838  -0.45685  1.000 5.49953  ? 35  PHE A CB    1 
ATOM   286  C  CG    . PHE A 1 35  ? -0.22207  -3.15230  -0.78249  1.000 8.65212  ? 35  PHE A CG    1 
ATOM   287  C  CD1   . PHE A 1 35  ? 0.45615   -4.05005  -1.59433  1.000 6.23206  ? 35  PHE A CD1   1 
ATOM   288  C  CD2   . PHE A 1 35  ? -1.47377  -3.50952  -0.29947  1.000 9.09457  ? 35  PHE A CD2   1 
ATOM   289  C  CE1   . PHE A 1 35  ? -0.09122  -5.28765  -1.90853  1.000 6.71931  ? 35  PHE A CE1   1 
ATOM   290  C  CE2   . PHE A 1 35  ? -2.03235  -4.73490  -0.61924  1.000 12.36704 ? 35  PHE A CE2   1 
ATOM   291  C  CZ    . PHE A 1 35  ? -1.34112  -5.63203  -1.41874  1.000 11.69079 ? 35  PHE A CZ    1 
ATOM   292  N  N     . PRO A 1 36  ? 3.14732   0.13438   -0.03350  1.000 9.14772  ? 36  PRO A N     1 
ATOM   293  C  CA    . PRO A 1 36  ? 3.54777   1.49186   0.35465   1.000 8.28088  ? 36  PRO A CA    1 
ATOM   294  C  C     . PRO A 1 36  ? 2.35803   2.44104   0.30835   1.000 7.52123  ? 36  PRO A C     1 
ATOM   295  O  O     . PRO A 1 36  ? 1.50418   2.33522   -0.56825  1.000 9.63791  ? 36  PRO A O     1 
ATOM   296  C  CB    . PRO A 1 36  ? 4.60626   1.85476   -0.69070  1.000 8.64134  ? 36  PRO A CB    1 
ATOM   297  C  CG    . PRO A 1 36  ? 5.22290   0.51142   -1.04021  1.000 8.71767  ? 36  PRO A CG    1 
ATOM   298  C  CD    . PRO A 1 36  ? 4.02598   -0.42420  -1.07895  1.000 9.55369  ? 36  PRO A CD    1 
ATOM   299  N  N     . GLY A 1 37  ? 2.29353   3.35709   1.26730   1.000 8.59114  ? 37  GLY A N     1 
ATOM   300  C  CA    . GLY A 1 37  ? 1.20334   4.31287   1.30604   1.000 7.64334  ? 37  GLY A CA    1 
ATOM   301  C  C     . GLY A 1 37  ? 1.11570   5.01519   2.64961   1.000 9.88661  ? 37  GLY A C     1 
ATOM   302  O  O     . GLY A 1 37  ? 1.97582   4.85801   3.51131   1.000 10.15926 ? 37  GLY A O     1 
ATOM   303  N  N     . GLY A 1 38  ? 0.05958   5.80881   2.80537   1.000 8.27043  ? 38  GLY A N     1 
ATOM   304  C  CA    . GLY A 1 38  ? -0.03486  6.61399   4.00745   1.000 9.74382  ? 38  GLY A CA    1 
ATOM   305  C  C     . GLY A 1 38  ? -1.26395  7.49293   4.00960   1.000 9.96791  ? 38  GLY A C     1 
ATOM   306  O  O     . GLY A 1 38  ? -2.15125  7.35824   3.16717   1.000 10.73824 ? 38  GLY A O     1 
ATOM   307  N  N     A LYS A 1 39  ? -1.28323  8.41960   4.96280   0.420 10.44549 ? 39  LYS A N     1 
ATOM   308  N  N     B LYS A 1 39  ? -1.30020  8.39664   4.98591   0.580 10.42244 ? 39  LYS A N     1 
ATOM   309  C  CA    A LYS A 1 39  ? -2.48541  9.19903   5.24245   0.420 9.49722  ? 39  LYS A CA    1 
ATOM   310  C  CA    B LYS A 1 39  ? -2.50503  9.18446   5.22790   0.580 9.41237  ? 39  LYS A CA    1 
ATOM   311  C  C     A LYS A 1 39  ? -2.74703  10.25197  4.16842   0.420 12.39656 ? 39  LYS A C     1 
ATOM   312  C  C     B LYS A 1 39  ? -2.74242  10.21096  4.12842   0.580 12.38976 ? 39  LYS A C     1 
ATOM   313  O  O     A LYS A 1 39  ? -1.83393  10.96325  3.73517   0.420 12.47598 ? 39  LYS A O     1 
ATOM   314  O  O     B LYS A 1 39  ? -1.81329  10.87195  3.65114   0.580 12.49397 ? 39  LYS A O     1 
ATOM   315  C  CB    A LYS A 1 39  ? -2.35000  9.85682   6.61519   0.420 14.15036 ? 39  LYS A CB    1 
ATOM   316  C  CB    B LYS A 1 39  ? -2.41460  9.89614   6.57614   0.580 14.19129 ? 39  LYS A CB    1 
ATOM   317  C  CG    A LYS A 1 39  ? -2.08002  8.84489   7.72576   0.420 18.96393 ? 39  LYS A CG    1 
ATOM   318  C  CG    B LYS A 1 39  ? -3.63947  10.74983  6.90606   0.580 15.17337 ? 39  LYS A CG    1 
ATOM   319  C  CD    A LYS A 1 39  ? -1.41170  9.44692   8.95162   0.420 21.09601 ? 39  LYS A CD    1 
ATOM   320  C  CD    B LYS A 1 39  ? -3.47145  11.46116  8.23634   0.580 23.44351 ? 39  LYS A CD    1 
ATOM   321  C  CE    A LYS A 1 39  ? -1.10836  8.35929   9.97384   0.420 24.71942 ? 39  LYS A CE    1 
ATOM   322  C  CE    B LYS A 1 39  ? -4.73224  12.21268  8.61368   0.580 28.19427 ? 39  LYS A CE    1 
ATOM   323  N  NZ    A LYS A 1 39  ? -0.55165  8.89597   11.24277  0.420 27.58528 ? 39  LYS A NZ    1 
ATOM   324  N  NZ    B LYS A 1 39  ? -4.58736  12.91106  9.91796   0.580 38.73288 ? 39  LYS A NZ    1 
ATOM   325  N  N     . ILE A 1 40  ? -4.01032  10.35392  3.75044   1.000 7.89021  ? 40  ILE A N     1 
ATOM   326  C  CA    . ILE A 1 40  ? -4.44044  11.39084  2.81507   1.000 10.60936 ? 40  ILE A CA    1 
ATOM   327  C  C     . ILE A 1 40  ? -4.59701  12.67861  3.60816   1.000 17.28080 ? 40  ILE A C     1 
ATOM   328  O  O     . ILE A 1 40  ? -5.35874  12.72603  4.58307   1.000 18.26585 ? 40  ILE A O     1 
ATOM   329  C  CB    . ILE A 1 40  ? -5.75953  10.99884  2.13564   1.000 10.71417 ? 40  ILE A CB    1 
ATOM   330  C  CG1   . ILE A 1 40  ? -5.60392  9.69293   1.35801   1.000 11.74359 ? 40  ILE A CG1   1 
ATOM   331  C  CG2   . ILE A 1 40  ? -6.30157  12.14019  1.25446   1.000 11.74697 ? 40  ILE A CG2   1 
ATOM   332  C  CD1   . ILE A 1 40  ? -6.92544  9.06284   0.95351   1.000 18.33716 ? 40  ILE A CD1   1 
ATOM   333  N  N     A GLU A 1 41  ? -3.88364  13.72135  3.19346   0.520 12.01544 ? 41  GLU A N     1 
ATOM   334  N  N     B GLU A 1 41  ? -3.88317  13.72267  3.19866   0.480 12.03116 ? 41  GLU A N     1 
ATOM   335  C  CA    A GLU A 1 41  ? -3.84401  14.96003  3.94985   0.520 14.16449 ? 41  GLU A CA    1 
ATOM   336  C  CA    B GLU A 1 41  ? -3.83513  14.95325  3.97097   0.480 14.18833 ? 41  GLU A CA    1 
ATOM   337  C  C     A GLU A 1 41  ? -4.98897  15.88094  3.54771   0.520 15.48000 ? 41  GLU A C     1 
ATOM   338  C  C     B GLU A 1 41  ? -4.92298  15.92139  3.51925   0.480 15.48100 ? 41  GLU A C     1 
ATOM   339  O  O     A GLU A 1 41  ? -5.62826  15.71143  2.50725   0.520 13.10457 ? 41  GLU A O     1 
ATOM   340  O  O     B GLU A 1 41  ? -5.46990  15.81436  2.41914   0.480 13.19290 ? 41  GLU A O     1 
ATOM   341  C  CB    A GLU A 1 41  ? -2.50533  15.67412  3.75476   0.520 20.41780 ? 41  GLU A CB    1 
ATOM   342  C  CB    B GLU A 1 41  ? -2.45276  15.59845  3.85623   0.480 20.55751 ? 41  GLU A CB    1 
ATOM   343  C  CG    A GLU A 1 41  ? -1.28195  14.83908  4.15080   0.520 17.69976 ? 41  GLU A CG    1 
ATOM   344  C  CG    B GLU A 1 41  ? -1.34443  14.70974  4.42806   0.480 17.62500 ? 41  GLU A CG    1 
ATOM   345  C  CD    A GLU A 1 41  ? -1.20273  14.56527  5.64503   0.520 24.85863 ? 41  GLU A CD    1 
ATOM   346  C  CD    B GLU A 1 41  ? 0.05760   15.16699  4.06606   0.480 27.54018 ? 41  GLU A CD    1 
ATOM   347  O  OE1   A GLU A 1 41  ? -1.94519  15.21133  6.41537   0.520 26.66092 ? 41  GLU A OE1   1 
ATOM   348  O  OE1   B GLU A 1 41  ? 0.19909   16.16104  3.31940   0.480 25.56734 ? 41  GLU A OE1   1 
ATOM   349  O  OE2   A GLU A 1 41  ? -0.39498  13.70336  6.05332   0.520 29.92544 ? 41  GLU A OE2   1 
ATOM   350  O  OE2   B GLU A 1 41  ? 1.02149   14.51497  4.53060   0.480 22.37664 ? 41  GLU A OE2   1 
ATOM   351  N  N     . MET A 1 42  ? -5.24978  16.85779  4.40771   1.000 18.95063 ? 42  MET A N     1 
ATOM   352  C  CA    . MET A 1 42  ? -6.22778  17.88417  4.08835   1.000 19.05001 ? 42  MET A CA    1 
ATOM   353  C  C     . MET A 1 42  ? -5.78056  18.63580  2.84129   1.000 13.60315 ? 42  MET A C     1 
ATOM   354  O  O     . MET A 1 42  ? -4.60107  18.98443  2.69975   1.000 17.85074 ? 42  MET A O     1 
ATOM   355  C  CB    . MET A 1 42  ? -6.38743  18.84645  5.26651   1.000 22.98656 ? 42  MET A CB    1 
ATOM   356  C  CG    . MET A 1 42  ? -7.41643  19.94242  5.04574   1.000 31.95515 ? 42  MET A CG    1 
ATOM   357  S  SD    . MET A 1 42  ? -9.10774  19.33247  5.16322   1.000 50.69708 ? 42  MET A SD    1 
ATOM   358  C  CE    . MET A 1 42  ? -9.18249  18.89581  6.89886   1.000 48.10528 ? 42  MET A CE    1 
ATOM   359  N  N     . GLY A 1 43  ? -6.71202  18.83627  1.91705   1.000 15.75952 ? 43  GLY A N     1 
ATOM   360  C  CA    . GLY A 1 43  ? -6.41674  19.55865  0.69729   1.000 15.67058 ? 43  GLY A CA    1 
ATOM   361  C  C     . GLY A 1 43  ? -5.80539  18.74039  -0.41860  1.000 14.40627 ? 43  GLY A C     1 
ATOM   362  O  O     . GLY A 1 43  ? -5.46809  19.31141  -1.46731  1.000 13.98308 ? 43  GLY A O     1 
ATOM   363  N  N     . GLU A 1 44  ? -5.62658  17.43031  -0.24090  1.000 13.58554 ? 44  GLU A N     1 
ATOM   364  C  CA    . GLU A 1 44  ? -5.15759  16.59061  -1.33002  1.000 12.21325 ? 44  GLU A CA    1 
ATOM   365  C  C     . GLU A 1 44  ? -6.14176  15.44822  -1.55688  1.000 9.01785  ? 44  GLU A C     1 
ATOM   366  O  O     . GLU A 1 44  ? -6.88617  15.05064  -0.65103  1.000 12.64577 ? 44  GLU A O     1 
ATOM   367  C  CB    . GLU A 1 44  ? -3.73353  16.05522  -1.06622  1.000 21.81044 ? 44  GLU A CB    1 
ATOM   368  C  CG    . GLU A 1 44  ? -3.70369  14.71241  -0.42716  1.000 14.83429 ? 44  GLU A CG    1 
ATOM   369  C  CD    . GLU A 1 44  ? -2.30000  14.24301  -0.04543  1.000 16.20773 ? 44  GLU A CD    1 
ATOM   370  O  OE1   . GLU A 1 44  ? -1.29613  14.63293  -0.67645  1.000 16.38770 ? 44  GLU A OE1   1 
ATOM   371  O  OE2   . GLU A 1 44  ? -2.21518  13.46939  0.90760   1.000 13.49527 ? 44  GLU A OE2   1 
ATOM   372  N  N     . THR A 1 45  ? -6.20296  14.97805  -2.79716  1.000 8.88236  ? 45  THR A N     1 
ATOM   373  C  CA    . THR A 1 45  ? -7.14369  13.93702  -3.18535  1.000 6.94679  ? 45  THR A CA    1 
ATOM   374  C  C     . THR A 1 45  ? -6.54017  12.56599  -2.92705  1.000 10.56711 ? 45  THR A C     1 
ATOM   375  O  O     . THR A 1 45  ? -5.33880  12.43839  -2.68205  1.000 10.79969 ? 45  THR A O     1 
ATOM   376  C  CB    . THR A 1 45  ? -7.48704  14.09432  -4.65995  1.000 9.00954  ? 45  THR A CB    1 
ATOM   377  O  OG1   . THR A 1 45  ? -6.30171  13.87074  -5.43201  1.000 10.93762 ? 45  THR A OG1   1 
ATOM   378  C  CG2   . THR A 1 45  ? -8.01717  15.51383  -4.93806  1.000 11.41953 ? 45  THR A CG2   1 
ATOM   379  N  N     . PRO A 1 46  ? -7.35565  11.50682  -2.97101  1.000 8.59238  ? 46  PRO A N     1 
ATOM   380  C  CA    . PRO A 1 46  ? -6.78181  10.15153  -2.85330  1.000 9.40295  ? 46  PRO A CA    1 
ATOM   381  C  C     . PRO A 1 46  ? -5.75537  9.83851   -3.93273  1.000 10.09270 ? 46  PRO A C     1 
ATOM   382  O  O     . PRO A 1 46  ? -4.73672  9.18303   -3.65660  1.000 11.14706 ? 46  PRO A O     1 
ATOM   383  C  CB    . PRO A 1 46  ? -8.01966  9.24925   -2.94821  1.000 9.24193  ? 46  PRO A CB    1 
ATOM   384  C  CG    . PRO A 1 46  ? -9.13318  10.11511  -2.35033  1.000 10.25418 ? 46  PRO A CG    1 
ATOM   385  C  CD    . PRO A 1 46  ? -8.83194  11.49777  -2.88320  1.000 9.81262  ? 46  PRO A CD    1 
ATOM   386  N  N     . GLU A 1 47  ? -5.99137  10.30796  -5.16100  1.000 10.05139 ? 47  GLU A N     1 
ATOM   387  C  CA    . GLU A 1 47  ? -5.01940  10.12321  -6.23452  1.000 10.67350 ? 47  GLU A CA    1 
ATOM   388  C  C     . GLU A 1 47  ? -3.72322  10.86742  -5.93694  1.000 10.36891 ? 47  GLU A C     1 
ATOM   389  O  O     . GLU A 1 47  ? -2.62676  10.32513  -6.13206  1.000 12.02391 ? 47  GLU A O     1 
ATOM   390  C  CB    . GLU A 1 47  ? -5.61917  10.59791  -7.56311  1.000 10.38488 ? 47  GLU A CB    1 
ATOM   391  C  CG    . GLU A 1 47  ? -6.88867  9.83041   -7.98271  1.000 12.16992 ? 47  GLU A CG    1 
ATOM   392  C  CD    . GLU A 1 47  ? -8.18798  10.50834  -7.55729  1.000 12.52599 ? 47  GLU A CD    1 
ATOM   393  O  OE1   . GLU A 1 47  ? -8.17891  11.31176  -6.60031  1.000 11.52832 ? 47  GLU A OE1   1 
ATOM   394  O  OE2   . GLU A 1 47  ? -9.22617  10.21216  -8.19009  1.000 14.54738 ? 47  GLU A OE2   1 
ATOM   395  N  N     . GLN A 1 48  ? -3.81999  12.11920  -5.48329  1.000 7.96160  ? 48  GLN A N     1 
ATOM   396  C  CA    . GLN A 1 48  ? -2.60901  12.86699  -5.14424  1.000 7.49673  ? 48  GLN A CA    1 
ATOM   397  C  C     . GLN A 1 48  ? -1.87590  12.22489  -3.97517  1.000 8.98068  ? 48  GLN A C     1 
ATOM   398  O  O     . GLN A 1 48  ? -0.63737  12.20290  -3.94280  1.000 12.53472 ? 48  GLN A O     1 
ATOM   399  C  CB    . GLN A 1 48  ? -2.96676  14.31343  -4.82357  1.000 10.70798 ? 48  GLN A CB    1 
ATOM   400  C  CG    . GLN A 1 48  ? -3.38534  15.10817  -6.05228  1.000 12.59650 ? 48  GLN A CG    1 
ATOM   401  C  CD    . GLN A 1 48  ? -3.98589  16.43303  -5.68412  1.000 11.69613 ? 48  GLN A CD    1 
ATOM   402  O  OE1   . GLN A 1 48  ? -4.51716  16.58946  -4.59837  1.000 10.84871 ? 48  GLN A OE1   1 
ATOM   403  N  NE2   . GLN A 1 48  ? -3.88139  17.41324  -6.58493  1.000 18.46667 ? 48  GLN A NE2   1 
ATOM   404  N  N     . ALA A 1 49  ? -2.62587  11.67450  -3.01577  1.000 7.40009  ? 49  ALA A N     1 
ATOM   405  C  CA    . ALA A 1 49  ? -2.00044  11.04560  -1.85471  1.000 9.39915  ? 49  ALA A CA    1 
ATOM   406  C  C     . ALA A 1 49  ? -1.17850  9.81660   -2.23787  1.000 8.45147  ? 49  ALA A C     1 
ATOM   407  O  O     . ALA A 1 49  ? -0.08786  9.60665   -1.69691  1.000 10.45779 ? 49  ALA A O     1 
ATOM   408  C  CB    . ALA A 1 49  ? -3.06391  10.67520  -0.82278  1.000 11.16353 ? 49  ALA A CB    1 
ATOM   409  N  N     . VAL A 1 50  ? -1.69161  8.95801   -3.12543  1.000 8.99609  ? 50  VAL A N     1 
ATOM   410  C  CA    . VAL A 1 50  ? -0.92081  7.75173   -3.42963  1.000 7.53137  ? 50  VAL A CA    1 
ATOM   411  C  C     . VAL A 1 50  ? 0.33311   8.10773   -4.21984  1.000 6.79990  ? 50  VAL A C     1 
ATOM   412  O  O     . VAL A 1 50  ? 1.38504   7.47305   -4.04965  1.000 9.37754  ? 50  VAL A O     1 
ATOM   413  C  CB    . VAL A 1 50  ? -1.77842  6.69276   -4.15488  1.000 9.13570  ? 50  VAL A CB    1 
ATOM   414  C  CG1   . VAL A 1 50  ? -2.14593  7.13459   -5.56366  1.000 11.22022 ? 50  VAL A CG1   1 
ATOM   415  C  CG2   . VAL A 1 50  ? -1.02822  5.35618   -4.20357  1.000 10.08815 ? 50  VAL A CG2   1 
ATOM   416  N  N     . VAL A 1 51  ? 0.26973   9.15523   -5.04551  1.000 7.83439  ? 51  VAL A N     1 
ATOM   417  C  CA    . VAL A 1 51  ? 1.47228   9.62037   -5.73850  1.000 7.50928  ? 51  VAL A CA    1 
ATOM   418  C  C     . VAL A 1 51  ? 2.50117   10.12079  -4.73638  1.000 6.71832  ? 51  VAL A C     1 
ATOM   419  O  O     . VAL A 1 51  ? 3.68250   9.75002   -4.78686  1.000 9.11341  ? 51  VAL A O     1 
ATOM   420  C  CB    . VAL A 1 51  ? 1.11506   10.72171  -6.75095  1.000 9.82885  ? 51  VAL A CB    1 
ATOM   421  C  CG1   . VAL A 1 51  ? 2.39277   11.38978  -7.24372  1.000 9.26840  ? 51  VAL A CG1   1 
ATOM   422  C  CG2   . VAL A 1 51  ? 0.33729   10.12517  -7.91521  1.000 10.08325 ? 51  VAL A CG2   1 
ATOM   423  N  N     . ARG A 1 52  ? 2.07690   11.01808  -3.84202  1.000 9.88069  ? 52  ARG A N     1 
ATOM   424  C  CA    . ARG A 1 52  ? 2.99976   11.59994  -2.87116  1.000 11.82280 ? 52  ARG A CA    1 
ATOM   425  C  C     . ARG A 1 52  ? 3.60035   10.53342  -1.96305  1.000 9.03137  ? 52  ARG A C     1 
ATOM   426  O  O     . ARG A 1 52  ? 4.81632   10.52079  -1.71875  1.000 9.75420  ? 52  ARG A O     1 
ATOM   427  C  CB    . ARG A 1 52  ? 2.27865   12.65277  -2.03779  1.000 10.77658 ? 52  ARG A CB    1 
ATOM   428  C  CG    . ARG A 1 52  ? 3.17812   13.29946  -1.00364  1.000 10.91663 ? 52  ARG A CG    1 
ATOM   429  C  CD    . ARG A 1 52  ? 2.41012   14.26331  -0.11542  1.000 9.79107  ? 52  ARG A CD    1 
ATOM   430  N  NE    . ARG A 1 52  ? 1.21096   13.62615  0.41848   1.000 12.21451 ? 52  ARG A NE    1 
ATOM   431  C  CZ    . ARG A 1 52  ? 1.20686   12.71895  1.38508   1.000 14.79807 ? 52  ARG A CZ    1 
ATOM   432  N  NH1   . ARG A 1 52  ? 2.34876   12.34131  1.95485   1.000 14.99987 ? 52  ARG A NH1   1 
ATOM   433  N  NH2   . ARG A 1 52  ? 0.05644   12.19180  1.78265   1.000 11.83121 ? 52  ARG A NH2   1 
ATOM   434  N  N     . GLU A 1 53  ? 2.76203   9.62892   -1.44063  1.000 8.65936  ? 53  GLU A N     1 
ATOM   435  C  CA    . GLU A 1 53  ? 3.27200   8.61358   -0.52169  1.000 9.67650  ? 53  GLU A CA    1 
ATOM   436  C  C     . GLU A 1 53  ? 4.24972   7.67138   -1.21733  1.000 10.39796 ? 53  GLU A C     1 
ATOM   437  O  O     . GLU A 1 53  ? 5.25237   7.26934   -0.61956  1.000 8.13852  ? 53  GLU A O     1 
ATOM   438  C  CB    . GLU A 1 53  ? 2.11915   7.83350   0.10747   1.000 13.73821 ? 53  GLU A CB    1 
ATOM   439  C  CG    . GLU A 1 53  ? 1.32920   8.64630   1.12486   1.000 12.10691 ? 53  GLU A CG    1 
ATOM   440  C  CD    . GLU A 1 53  ? 2.05859   8.79941   2.44896   1.000 16.52680 ? 53  GLU A CD    1 
ATOM   441  O  OE1   . GLU A 1 53  ? 2.96643   7.99303   2.73290   1.000 17.13737 ? 53  GLU A OE1   1 
ATOM   442  O  OE2   . GLU A 1 53  ? 1.69733   9.70544   3.22916   1.000 19.76554 ? 53  GLU A OE2   1 
ATOM   443  N  N     . LEU A 1 54  ? 3.98311   7.29318   -2.47098  1.000 6.52870  ? 54  LEU A N     1 
ATOM   444  C  CA    . LEU A 1 54  ? 4.94678   6.42935   -3.16028  1.000 10.54724 ? 54  LEU A CA    1 
ATOM   445  C  C     . LEU A 1 54  ? 6.23182   7.18315   -3.48510  1.000 10.45313 ? 54  LEU A C     1 
ATOM   446  O  O     . LEU A 1 54  ? 7.32517   6.60004   -3.43707  1.000 6.98025  ? 54  LEU A O     1 
ATOM   447  C  CB    . LEU A 1 54  ? 4.32798   5.82612   -4.42601  1.000 11.10969 ? 54  LEU A CB    1 
ATOM   448  C  CG    . LEU A 1 54  ? 3.73248   4.41164   -4.28100  1.000 9.11273  ? 54  LEU A CG    1 
ATOM   449  C  CD1   . LEU A 1 54  ? 2.82083   4.32754   -3.07896  1.000 9.62212  ? 54  LEU A CD1   1 
ATOM   450  C  CD2   . LEU A 1 54  ? 3.00681   3.97004   -5.53772  1.000 11.37008 ? 54  LEU A CD2   1 
ATOM   451  N  N     . GLN A 1 55  ? 6.14017   8.47297   -3.79060  1.000 8.98495  ? 55  GLN A N     1 
ATOM   452  C  CA    . GLN A 1 55  ? 7.36265   9.25488   -3.98220  1.000 9.97824  ? 55  GLN A CA    1 
ATOM   453  C  C     . GLN A 1 55  ? 8.18695   9.30172   -2.70146  1.000 13.46586 ? 55  GLN A C     1 
ATOM   454  O  O     . GLN A 1 55  ? 9.40733   9.10011   -2.72338  1.000 11.14991 ? 55  GLN A O     1 
ATOM   455  C  CB    . GLN A 1 55  ? 7.00532   10.66739  -4.44524  1.000 11.22212 ? 55  GLN A CB    1 
ATOM   456  C  CG    . GLN A 1 55  ? 6.53101   10.72938  -5.88686  1.000 8.10628  ? 55  GLN A CG    1 
ATOM   457  C  CD    . GLN A 1 55  ? 5.87207   12.07537  -6.21406  1.000 8.64902  ? 55  GLN A CD    1 
ATOM   458  O  OE1   . GLN A 1 55  ? 5.44232   12.81295  -5.32132  1.000 10.87123 ? 55  GLN A OE1   1 
ATOM   459  N  NE2   . GLN A 1 55  ? 5.80559   12.39571  -7.49932  1.000 12.26913 ? 55  GLN A NE2   1 
ATOM   460  N  N     . GLU A 1 56  ? 7.52829   9.53989   -1.56399  1.000 8.19799  ? 56  GLU A N     1 
ATOM   461  C  CA    . GLU A 1 56  ? 8.23776   9.60924   -0.28337  1.000 7.69399  ? 56  GLU A CA    1 
ATOM   462  C  C     . GLU A 1 56  ? 8.79288   8.25399   0.13176   1.000 9.41044  ? 56  GLU A C     1 
ATOM   463  O  O     . GLU A 1 56  ? 9.93230   8.15380   0.61280   1.000 9.33877  ? 56  GLU A O     1 
ATOM   464  C  CB    . GLU A 1 56  ? 7.29195   10.12502  0.80872   1.000 9.12580  ? 56  GLU A CB    1 
ATOM   465  C  CG    . GLU A 1 56  ? 6.84861   11.56890  0.65286   1.000 11.05751 ? 56  GLU A CG    1 
ATOM   466  C  CD    . GLU A 1 56  ? 5.82656   11.96781  1.70719   1.000 24.51930 ? 56  GLU A CD    1 
ATOM   467  O  OE1   . GLU A 1 56  ? 5.53980   11.13472  2.58607   1.000 25.80953 ? 56  GLU A OE1   1 
ATOM   468  O  OE2   . GLU A 1 56  ? 5.30937   13.10803  1.65754   1.000 25.11179 ? 56  GLU A OE2   1 
ATOM   469  N  N     . GLU A 1 57  ? 7.98225   7.20238   0.02622   1.000 8.52669  ? 57  GLU A N     1 
ATOM   470  C  CA    . GLU A 1 57  ? 8.38209   5.94769   0.65730   1.000 6.95000  ? 57  GLU A CA    1 
ATOM   471  C  C     . GLU A 1 57  ? 9.29134   5.10625   -0.22189  1.000 10.20540 ? 57  GLU A C     1 
ATOM   472  O  O     . GLU A 1 57  ? 10.21616  4.46591   0.29739   1.000 8.18343  ? 57  GLU A O     1 
ATOM   473  C  CB    . GLU A 1 57  ? 7.14309   5.13655   1.07125   1.000 7.29909  ? 57  GLU A CB    1 
ATOM   474  C  CG    . GLU A 1 57  ? 6.31971   5.83478   2.14533   1.000 9.14259  ? 57  GLU A CG    1 
ATOM   475  C  CD    . GLU A 1 57  ? 5.37810   4.90246   2.89977   1.000 12.65689 ? 57  GLU A CD    1 
ATOM   476  O  OE1   . GLU A 1 57  ? 5.21818   3.73442   2.48344   1.000 10.85407 ? 57  GLU A OE1   1 
ATOM   477  O  OE2   . GLU A 1 57  ? 4.81576   5.34384   3.92667   1.000 12.13394 ? 57  GLU A OE2   1 
ATOM   478  N  N     . VAL A 1 58  ? 9.07644   5.07733   -1.54156  1.000 7.57515  ? 58  VAL A N     1 
ATOM   479  C  CA    . VAL A 1 58  ? 9.82969   4.17188   -2.40177  1.000 9.88672  ? 58  VAL A CA    1 
ATOM   480  C  C     . VAL A 1 58  ? 10.39577  4.84643   -3.64404  1.000 7.47581  ? 58  VAL A C     1 
ATOM   481  O  O     . VAL A 1 58  ? 11.01129  4.17195   -4.46683  1.000 9.21045  ? 58  VAL A O     1 
ATOM   482  C  CB    . VAL A 1 58  ? 8.98959   2.92951   -2.78949  1.000 7.67066  ? 58  VAL A CB    1 
ATOM   483  C  CG1   . VAL A 1 58  ? 8.55376   2.15247   -1.54141  1.000 9.97249  ? 58  VAL A CG1   1 
ATOM   484  C  CG2   . VAL A 1 58  ? 7.75931   3.32393   -3.59489  1.000 8.52281  ? 58  VAL A CG2   1 
ATOM   485  N  N     . GLY A 1 59  ? 10.21273  6.15970   -3.81160  1.000 8.96904  ? 59  GLY A N     1 
ATOM   486  C  CA    . GLY A 1 59  ? 10.91302  6.88256   -4.85982  1.000 6.83307  ? 59  GLY A CA    1 
ATOM   487  C  C     . GLY A 1 59  ? 10.38657  6.66907   -6.25951  1.000 9.03948  ? 59  GLY A C     1 
ATOM   488  O  O     . GLY A 1 59  ? 11.14998  6.78029   -7.22103  1.000 10.09349 ? 59  GLY A O     1 
ATOM   489  N  N     . ILE A 1 60  ? 9.08983   6.39523   -6.41654  1.000 11.21939 ? 60  ILE A N     1 
ATOM   490  C  CA    . ILE A 1 60  ? 8.50717   6.29669   -7.74929  1.000 8.57441  ? 60  ILE A CA    1 
ATOM   491  C  C     . ILE A 1 60  ? 7.29344   7.20356   -7.82829  1.000 9.69789  ? 60  ILE A C     1 
ATOM   492  O  O     . ILE A 1 60  ? 6.63711   7.49487   -6.82241  1.000 10.92966 ? 60  ILE A O     1 
ATOM   493  C  CB    . ILE A 1 60  ? 8.11078   4.85493   -8.13447  1.000 8.37194  ? 60  ILE A CB    1 
ATOM   494  C  CG1   . ILE A 1 60  ? 6.93619   4.37859   -7.27612  1.000 11.28456 ? 60  ILE A CG1   1 
ATOM   495  C  CG2   . ILE A 1 60  ? 9.28635   3.92233   -7.97477  1.000 9.31745  ? 60  ILE A CG2   1 
ATOM   496  C  CD1   . ILE A 1 60  ? 6.46781   2.96291   -7.61537  1.000 11.73313 ? 60  ILE A CD1   1 
ATOM   497  N  N     . THR A 1 61  ? 7.00462   7.65143   -9.04983  1.000 9.03252  ? 61  THR A N     1 
ATOM   498  C  CA    . THR A 1 61  ? 5.77301   8.38013   -9.33293  1.000 8.35888  ? 61  THR A CA    1 
ATOM   499  C  C     . THR A 1 61  ? 4.82717   7.43748   -10.05739 1.000 10.87936 ? 61  THR A C     1 
ATOM   500  O  O     . THR A 1 61  ? 5.11183   7.05209   -11.20190 1.000 11.94239 ? 61  THR A O     1 
ATOM   501  C  CB    . THR A 1 61  ? 6.06307   9.61664   -10.19036 1.000 11.17116 ? 61  THR A CB    1 
ATOM   502  O  OG1   . THR A 1 61  ? 6.88573   10.52892  -9.45050  1.000 12.69036 ? 61  THR A OG1   1 
ATOM   503  C  CG2   . THR A 1 61  ? 4.76904   10.32288  -10.59105 1.000 11.48265 ? 61  THR A CG2   1 
ATOM   504  N  N     . PRO A 1 62  ? 3.72379   7.00821   -9.43849  1.000 12.17470 ? 62  PRO A N     1 
ATOM   505  C  CA    . PRO A 1 62  ? 2.78386   6.12972   -10.14074 1.000 12.48443 ? 62  PRO A CA    1 
ATOM   506  C  C     . PRO A 1 62  ? 2.02440   6.91468   -11.19165 1.000 20.73313 ? 62  PRO A C     1 
ATOM   507  O  O     . PRO A 1 62  ? 1.72157   8.09494   -11.00535 1.000 17.26433 ? 62  PRO A O     1 
ATOM   508  C  CB    . PRO A 1 62  ? 1.85666   5.63935   -9.01987  1.000 15.24565 ? 62  PRO A CB    1 
ATOM   509  C  CG    . PRO A 1 62  ? 1.87261   6.74486   -8.02640  1.000 17.45114 ? 62  PRO A CG    1 
ATOM   510  C  CD    . PRO A 1 62  ? 3.26553   7.34278   -8.08083  1.000 13.02922 ? 62  PRO A CD    1 
ATOM   511  N  N     . GLN A 1 63  ? 1.72914   6.26065   -12.31191 1.000 15.42566 ? 63  GLN A N     1 
ATOM   512  C  CA    . GLN A 1 63  ? 0.98771   6.91465   -13.38211 1.000 16.69202 ? 63  GLN A CA    1 
ATOM   513  C  C     . GLN A 1 63  ? -0.01330  5.94507   -13.99425 1.000 19.87460 ? 63  GLN A C     1 
ATOM   514  O  O     . GLN A 1 63  ? 0.20134   4.73252   -14.00816 1.000 19.11326 ? 63  GLN A O     1 
ATOM   515  C  CB    . GLN A 1 63  ? 1.93722   7.46501   -14.46097 1.000 25.93380 ? 63  GLN A CB    1 
ATOM   516  C  CG    . GLN A 1 63  ? 3.00551   6.49591   -14.90072 1.000 28.86301 ? 63  GLN A CG    1 
ATOM   517  C  CD    . GLN A 1 63  ? 4.29385   7.18665   -15.34847 1.000 18.39933 ? 63  GLN A CD    1 
ATOM   518  O  OE1   . GLN A 1 63  ? 4.59500   8.30681   -14.92504 1.000 41.79205 ? 63  GLN A OE1   1 
ATOM   519  N  NE2   . GLN A 1 63  ? 5.04311   6.52736   -16.22509 1.000 38.31978 ? 63  GLN A NE2   1 
ATOM   520  N  N     . HIS A 1 64  ? -1.12034  6.49891   -14.49054 1.000 20.59463 ? 64  HIS A N     1 
ATOM   521  C  CA    . HIS A 1 64  ? -2.16047  5.71329   -15.15363 1.000 16.29253 ? 64  HIS A CA    1 
ATOM   522  C  C     . HIS A 1 64  ? -2.58621  4.52266   -14.29463 1.000 20.83189 ? 64  HIS A C     1 
ATOM   523  O  O     . HIS A 1 64  ? -2.66353  3.37963   -14.75178 1.000 20.68859 ? 64  HIS A O     1 
ATOM   524  C  CB    . HIS A 1 64  ? -1.70745  5.24863   -16.53623 1.000 23.90154 ? 64  HIS A CB    1 
ATOM   525  C  CG    . HIS A 1 64  ? -2.82132  4.69159   -17.36602 1.000 29.77174 ? 64  HIS A CG    1 
ATOM   526  N  ND1   . HIS A 1 64  ? -2.76125  3.44630   -17.95190 1.000 43.76531 ? 64  HIS A ND1   1 
ATOM   527  C  CD2   . HIS A 1 64  ? -4.03767  5.19828   -17.67888 1.000 30.44102 ? 64  HIS A CD2   1 
ATOM   528  C  CE1   . HIS A 1 64  ? -3.88505  3.21825   -18.60709 1.000 42.37408 ? 64  HIS A CE1   1 
ATOM   529  N  NE2   . HIS A 1 64  ? -4.67781  4.26475   -18.45631 1.000 41.51587 ? 64  HIS A NE2   1 
ATOM   530  N  N     . PHE A 1 65  ? -2.84734  4.80068   -13.02745 1.000 15.35137 ? 65  PHE A N     1 
ATOM   531  C  CA    . PHE A 1 65  ? -3.24262  3.77872   -12.06979 1.000 11.70766 ? 65  PHE A CA    1 
ATOM   532  C  C     . PHE A 1 65  ? -4.75739  3.80004   -11.89550 1.000 18.38413 ? 65  PHE A C     1 
ATOM   533  O  O     . PHE A 1 65  ? -5.43923  4.72590   -12.32970 1.000 18.91911 ? 65  PHE A O     1 
ATOM   534  C  CB    . PHE A 1 65  ? -2.52596  3.98404   -10.73263 1.000 10.49500 ? 65  PHE A CB    1 
ATOM   535  C  CG    . PHE A 1 65  ? -2.62284  5.38181   -10.17875 1.000 11.89116 ? 65  PHE A CG    1 
ATOM   536  C  CD1   . PHE A 1 65  ? -1.67377  6.34115   -10.48919 1.000 13.88178 ? 65  PHE A CD1   1 
ATOM   537  C  CD2   . PHE A 1 65  ? -3.65028  5.72630   -9.31107  1.000 12.74275 ? 65  PHE A CD2   1 
ATOM   538  C  CE1   . PHE A 1 65  ? -1.75724  7.62593   -9.95972  1.000 15.96085 ? 65  PHE A CE1   1 
ATOM   539  C  CE2   . PHE A 1 65  ? -3.73948  7.00734   -8.78745  1.000 17.19981 ? 65  PHE A CE2   1 
ATOM   540  C  CZ    . PHE A 1 65  ? -2.78552  7.95440   -9.10559  1.000 13.33156 ? 65  PHE A CZ    1 
ATOM   541  N  N     . SER A 1 66  ? -5.28029  2.75325   -11.25633 1.000 13.59652 ? 66  SER A N     1 
ATOM   542  C  CA    . SER A 1 66  ? -6.72042  2.58036   -11.10088 1.000 12.48032 ? 66  SER A CA    1 
ATOM   543  C  C     . SER A 1 66  ? -7.03030  2.16557   -9.67027  1.000 13.16461 ? 66  SER A C     1 
ATOM   544  O  O     . SER A 1 66  ? -6.19075  1.58391   -8.98312  1.000 11.64211 ? 66  SER A O     1 
ATOM   545  C  CB    . SER A 1 66  ? -7.25899  1.52311   -12.06494 1.000 10.67724 ? 66  SER A CB    1 
ATOM   546  O  OG    . SER A 1 66  ? -6.56592  0.30136   -11.88887 1.000 19.15029 ? 66  SER A OG    1 
ATOM   547  N  N     . LEU A 1 67  ? -8.24658  2.46359   -9.22205  1.000 12.92456 ? 67  LEU A N     1 
ATOM   548  C  CA    . LEU A 1 67  ? -8.66664  2.04493   -7.88682  1.000 8.92760  ? 67  LEU A CA    1 
ATOM   549  C  C     . LEU A 1 67  ? -9.03302  0.56526   -7.91350  1.000 16.42888 ? 67  LEU A C     1 
ATOM   550  O  O     . LEU A 1 67  ? -10.04531 0.17048   -8.50663  1.000 13.07175 ? 67  LEU A O     1 
ATOM   551  C  CB    . LEU A 1 67  ? -9.84298  2.88484   -7.39771  1.000 10.81903 ? 67  LEU A CB    1 
ATOM   552  C  CG    . LEU A 1 67  ? -10.25245 2.59907   -5.94468  1.000 9.98872  ? 67  LEU A CG    1 
ATOM   553  C  CD1   . LEU A 1 67  ? -9.13951  3.00336   -4.99888  1.000 11.68208 ? 67  LEU A CD1   1 
ATOM   554  C  CD2   . LEU A 1 67  ? -11.52085 3.35492   -5.59584  1.000 13.70843 ? 67  LEU A CD2   1 
ATOM   555  N  N     . PHE A 1 68  ? -8.22540  -0.25104  -7.24217  1.000 9.80563  ? 68  PHE A N     1 
ATOM   556  C  CA    . PHE A 1 68  ? -8.46237  -1.68735  -7.19504  1.000 10.23900 ? 68  PHE A CA    1 
ATOM   557  C  C     . PHE A 1 68  ? -9.52994  -2.03845  -6.16803  1.000 14.74393 ? 68  PHE A C     1 
ATOM   558  O  O     . PHE A 1 68  ? -10.39267 -2.88777  -6.42514  1.000 14.39677 ? 68  PHE A O     1 
ATOM   559  C  CB    . PHE A 1 68  ? -7.14048  -2.39669  -6.88584  1.000 11.39508 ? 68  PHE A CB    1 
ATOM   560  C  CG    . PHE A 1 68  ? -7.19804  -3.88268  -7.01800  1.000 13.21990 ? 68  PHE A CG    1 
ATOM   561  C  CD1   . PHE A 1 68  ? -7.27566  -4.47807  -8.26616  1.000 17.62057 ? 68  PHE A CD1   1 
ATOM   562  C  CD2   . PHE A 1 68  ? -7.11993  -4.68943  -5.89250  1.000 13.28592 ? 68  PHE A CD2   1 
ATOM   563  C  CE1   . PHE A 1 68  ? -7.31003  -5.85683  -8.38589  1.000 27.79241 ? 68  PHE A CE1   1 
ATOM   564  C  CE2   . PHE A 1 68  ? -7.16056  -6.06763  -6.00970  1.000 16.43302 ? 68  PHE A CE2   1 
ATOM   565  C  CZ    . PHE A 1 68  ? -7.24388  -6.64761  -7.25839  1.000 21.33009 ? 68  PHE A CZ    1 
ATOM   566  N  N     . GLU A 1 69  ? -9.49059  -1.39054  -5.00769  1.000 13.71493 ? 69  GLU A N     1 
ATOM   567  C  CA    . GLU A 1 69  ? -10.42812 -1.67592  -3.93394  1.000 8.87325  ? 69  GLU A CA    1 
ATOM   568  C  C     . GLU A 1 69  ? -10.42902 -0.51052  -2.95669  1.000 10.74032 ? 69  GLU A C     1 
ATOM   569  O  O     . GLU A 1 69  ? -9.40133  0.12518   -2.72517  1.000 11.44227 ? 69  GLU A O     1 
ATOM   570  C  CB    . GLU A 1 69  ? -10.05392 -2.98136  -3.21173  1.000 13.33240 ? 69  GLU A CB    1 
ATOM   571  C  CG    . GLU A 1 69  ? -11.06813 -3.42176  -2.15139  1.000 26.78386 ? 69  GLU A CG    1 
ATOM   572  C  CD    . GLU A 1 69  ? -12.40615 -3.83165  -2.74576  1.000 29.46910 ? 69  GLU A CD    1 
ATOM   573  O  OE1   . GLU A 1 69  ? -13.20455 -2.93989  -3.12246  1.000 33.01765 ? 69  GLU A OE1   1 
ATOM   574  O  OE2   . GLU A 1 69  ? -12.66159 -5.05108  -2.83689  1.000 39.09487 ? 69  GLU A OE2   1 
ATOM   575  N  N     . LYS A 1 70  ? -11.59688 -0.22516  -2.39130  1.000 10.23197 ? 70  LYS A N     1 
ATOM   576  C  CA    . LYS A 1 70  ? -11.70367 0.68982   -1.26659  1.000 12.29199 ? 70  LYS A CA    1 
ATOM   577  C  C     . LYS A 1 70  ? -12.50821 -0.01562  -0.19276  1.000 15.28080 ? 70  LYS A C     1 
ATOM   578  O  O     . LYS A 1 70  ? -13.59164 -0.53071  -0.47516  1.000 12.16458 ? 70  LYS A O     1 
ATOM   579  C  CB    . LYS A 1 70  ? -12.37913 2.01183   -1.64008  1.000 9.90914  ? 70  LYS A CB    1 
ATOM   580  C  CG    . LYS A 1 70  ? -12.48740 2.94695   -0.44285  1.000 12.98619 ? 70  LYS A CG    1 
ATOM   581  C  CD    . LYS A 1 70  ? -12.89983 4.35600   -0.82627  1.000 25.88187 ? 70  LYS A CD    1 
ATOM   582  C  CE    . LYS A 1 70  ? -14.26101 4.38657   -1.46182  1.000 24.09665 ? 70  LYS A CE    1 
ATOM   583  N  NZ    . LYS A 1 70  ? -14.85896 5.75548   -1.36643  1.000 28.73140 ? 70  LYS A NZ    1 
ATOM   584  N  N     . LEU A 1 71  ? -11.97551 -0.05688  1.02379   1.000 10.77619 ? 71  LEU A N     1 
ATOM   585  C  CA    . LEU A 1 71  ? -12.67263 -0.73020  2.10645   1.000 10.20573 ? 71  LEU A CA    1 
ATOM   586  C  C     . LEU A 1 71  ? -12.39645 -0.00749  3.41364   1.000 12.49533 ? 71  LEU A C     1 
ATOM   587  O  O     . LEU A 1 71  ? -11.47206 0.80031   3.52717   1.000 15.34658 ? 71  LEU A O     1 
ATOM   588  C  CB    . LEU A 1 71  ? -12.26113 -2.19948  2.18987   1.000 12.09880 ? 71  LEU A CB    1 
ATOM   589  C  CG    . LEU A 1 71  ? -10.77389 -2.54536  2.31779   1.000 12.56773 ? 71  LEU A CG    1 
ATOM   590  C  CD1   . LEU A 1 71  ? -10.30910 -2.47137  3.77418   1.000 22.18514 ? 71  LEU A CD1   1 
ATOM   591  C  CD2   . LEU A 1 71  ? -10.53048 -3.93756  1.75966   1.000 16.87076 ? 71  LEU A CD2   1 
ATOM   592  N  N     . GLU A 1 72  ? -13.20457 -0.33235  4.41553   1.000 15.42231 ? 72  GLU A N     1 
ATOM   593  C  CA    . GLU A 1 72  ? -13.05558 0.21519   5.75065   1.000 14.12214 ? 72  GLU A CA    1 
ATOM   594  C  C     . GLU A 1 72  ? -12.70776 -0.91145  6.70709   1.000 18.66325 ? 72  GLU A C     1 
ATOM   595  O  O     . GLU A 1 72  ? -13.17446 -2.04194  6.54254   1.000 20.33360 ? 72  GLU A O     1 
ATOM   596  C  CB    . GLU A 1 72  ? -14.34209 0.93109   6.19106   1.000 22.18787 ? 72  GLU A CB    1 
ATOM   597  C  CG    . GLU A 1 72  ? -14.62631 2.16110   5.33770   1.000 22.36811 ? 72  GLU A CG    1 
ATOM   598  C  CD    . GLU A 1 72  ? -15.73052 3.02176   5.88550   1.000 45.42686 ? 72  GLU A CD    1 
ATOM   599  O  OE1   . GLU A 1 72  ? -16.53533 2.50447   6.68636   1.000 39.99444 ? 72  GLU A OE1   1 
ATOM   600  O  OE2   . GLU A 1 72  ? -15.79154 4.21349   5.51431   1.000 54.01942 ? 72  GLU A OE2   1 
ATOM   601  N  N     . TYR A 1 73  ? -11.86856 -0.61209  7.69197   1.000 12.31581 ? 73  TYR A N     1 
ATOM   602  C  CA    . TYR A 1 73  ? -11.49210 -1.61753  8.67084   1.000 12.17347 ? 73  TYR A CA    1 
ATOM   603  C  C     . TYR A 1 73  ? -11.39550 -0.97076  10.04041  1.000 13.46178 ? 73  TYR A C     1 
ATOM   604  O  O     . TYR A 1 73  ? -10.74535 0.06878   10.19849  1.000 12.67467 ? 73  TYR A O     1 
ATOM   605  C  CB    . TYR A 1 73  ? -10.15458 -2.28660  8.31400   1.000 8.39583  ? 73  TYR A CB    1 
ATOM   606  C  CG    . TYR A 1 73  ? -9.85961  -3.49183  9.18338   1.000 13.56813 ? 73  TYR A CG    1 
ATOM   607  C  CD1   . TYR A 1 73  ? -9.14214  -3.35955  10.36403  1.000 12.98922 ? 73  TYR A CD1   1 
ATOM   608  C  CD2   . TYR A 1 73  ? -10.33696 -4.75173  8.84362   1.000 16.48796 ? 73  TYR A CD2   1 
ATOM   609  C  CE1   . TYR A 1 73  ? -8.89820  -4.45681  11.17763  1.000 12.49610 ? 73  TYR A CE1   1 
ATOM   610  C  CE2   . TYR A 1 73  ? -10.09220 -5.84996  9.64643   1.000 22.47728 ? 73  TYR A CE2   1 
ATOM   611  C  CZ    . TYR A 1 73  ? -9.37001  -5.69565  10.80664  1.000 16.57556 ? 73  TYR A CZ    1 
ATOM   612  O  OH    . TYR A 1 73  ? -9.13380  -6.78014  11.61211  1.000 19.14545 ? 73  TYR A OH    1 
ATOM   613  N  N     . GLU A 1 74  ? -12.01465 -1.60514  11.03374  1.000 12.12641 ? 74  GLU A N     1 
ATOM   614  C  CA    . GLU A 1 74  ? -11.96506 -1.11683  12.40564  1.000 12.05869 ? 74  GLU A CA    1 
ATOM   615  C  C     . GLU A 1 74  ? -10.87481 -1.87784  13.15778  1.000 13.72181 ? 74  GLU A C     1 
ATOM   616  O  O     . GLU A 1 74  ? -11.03728 -3.06189  13.48074  1.000 13.57092 ? 74  GLU A O     1 
ATOM   617  C  CB    . GLU A 1 74  ? -13.31570 -1.27000  13.10081  1.000 19.84721 ? 74  GLU A CB    1 
ATOM   618  C  CG    . GLU A 1 74  ? -13.32015 -0.68115  14.50793  1.000 27.94076 ? 74  GLU A CG    1 
ATOM   619  C  CD    . GLU A 1 74  ? -14.61252 -0.94841  15.25998  1.000 49.52431 ? 74  GLU A CD    1 
ATOM   620  O  OE1   . GLU A 1 74  ? -15.62692 -1.27732  14.60876  1.000 42.58136 ? 74  GLU A OE1   1 
ATOM   621  O  OE2   . GLU A 1 74  ? -14.60865 -0.83539  16.50705  1.000 25.82347 ? 74  GLU A OE2   1 
ATOM   622  N  N     . PHE A 1 75  ? -9.76404  -1.19473  13.42141  1.000 12.21207 ? 75  PHE A N     1 
ATOM   623  C  CA    . PHE A 1 75  ? -8.71697  -1.70950  14.28252  1.000 11.81462 ? 75  PHE A CA    1 
ATOM   624  C  C     . PHE A 1 75  ? -9.11637  -1.48905  15.73566  1.000 11.07358 ? 75  PHE A C     1 
ATOM   625  O  O     . PHE A 1 75  ? -10.07670 -0.76162  16.02471  1.000 11.35152 ? 75  PHE A O     1 
ATOM   626  C  CB    . PHE A 1 75  ? -7.39872  -1.00704  13.97106  1.000 10.78903 ? 75  PHE A CB    1 
ATOM   627  C  CG    . PHE A 1 75  ? -6.77391  -1.42156  12.67371  1.000 11.94251 ? 75  PHE A CG    1 
ATOM   628  C  CD1   . PHE A 1 75  ? -6.02075  -2.58148  12.59296  1.000 12.94249 ? 75  PHE A CD1   1 
ATOM   629  C  CD2   . PHE A 1 75  ? -6.89684  -0.62753  11.54158  1.000 11.03732 ? 75  PHE A CD2   1 
ATOM   630  C  CE1   . PHE A 1 75  ? -5.42708  -2.96037  11.39394  1.000 11.90283 ? 75  PHE A CE1   1 
ATOM   631  C  CE2   . PHE A 1 75  ? -6.29365  -0.99858  10.34704  1.000 13.21311 ? 75  PHE A CE2   1 
ATOM   632  C  CZ    . PHE A 1 75  ? -5.55615  -2.17315  10.27698  1.000 14.36265 ? 75  PHE A CZ    1 
ATOM   633  N  N     . PRO A 1 76  ? -8.39935  -2.10830  16.67806  1.000 14.22600 ? 76  PRO A N     1 
ATOM   634  C  CA    . PRO A 1 76  ? -8.75509  -1.93064  18.09704  1.000 10.50565 ? 76  PRO A CA    1 
ATOM   635  C  C     . PRO A 1 76  ? -8.78969  -0.48467  18.56178  1.000 12.82278 ? 76  PRO A C     1 
ATOM   636  O  O     . PRO A 1 76  ? -9.58600  -0.16446  19.45604  1.000 11.33168 ? 76  PRO A O     1 
ATOM   637  C  CB    . PRO A 1 76  ? -7.66597  -2.73037  18.82412  1.000 11.70313 ? 76  PRO A CB    1 
ATOM   638  C  CG    . PRO A 1 76  ? -7.34498  -3.84290  17.86689  1.000 19.15826 ? 76  PRO A CG    1 
ATOM   639  C  CD    . PRO A 1 76  ? -7.43127  -3.21043  16.48698  1.000 12.16020 ? 76  PRO A CD    1 
ATOM   640  N  N     . ASP A 1 77  ? -7.96067  0.40590   17.99412  1.000 13.93047 ? 77  ASP A N     1 
ATOM   641  C  CA    . ASP A 1 77  ? -7.89623  1.78204   18.47260  1.000 16.33955 ? 77  ASP A CA    1 
ATOM   642  C  C     . ASP A 1 77  ? -8.08353  2.81807   17.37183  1.000 20.91398 ? 77  ASP A C     1 
ATOM   643  O  O     . ASP A 1 77  ? -7.87187  4.01356   17.62139  1.000 16.85657 ? 77  ASP A O     1 
ATOM   644  C  CB    . ASP A 1 77  ? -6.56185  2.03252   19.18837  1.000 15.22904 ? 77  ASP A CB    1 
ATOM   645  C  CG    . ASP A 1 77  ? -5.39339  2.13629   18.22522  1.000 22.47191 ? 77  ASP A CG    1 
ATOM   646  O  OD1   . ASP A 1 77  ? -5.48441  1.60563   17.10027  1.000 19.36755 ? 77  ASP A OD1   1 
ATOM   647  O  OD2   . ASP A 1 77  ? -4.37032  2.74321   18.60061  1.000 25.73147 ? 77  ASP A OD2   1 
ATOM   648  N  N     . ARG A 1 78  ? -8.46556  2.40833   16.16607  1.000 13.07172 ? 78  ARG A N     1 
ATOM   649  C  CA    . ARG A 1 78  ? -8.64689  3.39311   15.10837  1.000 14.18648 ? 78  ARG A CA    1 
ATOM   650  C  C     . ARG A 1 78  ? -9.46310  2.77440   13.98739  1.000 13.99236 ? 78  ARG A C     1 
ATOM   651  O  O     . ARG A 1 78  ? -9.44887  1.56102   13.78632  1.000 13.55186 ? 78  ARG A O     1 
ATOM   652  C  CB    . ARG A 1 78  ? -7.29970  3.90218   14.58097  1.000 9.73263  ? 78  ARG A CB    1 
ATOM   653  C  CG    . ARG A 1 78  ? -6.46358  2.86291   13.85239  1.000 12.03391 ? 78  ARG A CG    1 
ATOM   654  C  CD    . ARG A 1 78  ? -5.03469  3.36256   13.72973  1.000 13.80463 ? 78  ARG A CD    1 
ATOM   655  N  NE    . ARG A 1 78  ? -4.37324  3.34726   15.03496  1.000 18.49156 ? 78  ARG A NE    1 
ATOM   656  C  CZ    . ARG A 1 78  ? -3.21579  3.94502   15.30343  1.000 25.06593 ? 78  ARG A CZ    1 
ATOM   657  N  NH1   . ARG A 1 78  ? -2.57648  4.62626   14.36313  1.000 20.52861 ? 78  ARG A NH1   1 
ATOM   658  N  NH2   . ARG A 1 78  ? -2.70437  3.86939   16.52349  1.000 21.52411 ? 78  ARG A NH2   1 
ATOM   659  N  N     . HIS A 1 79  ? -10.16657 3.62867   13.25543  1.000 9.81714  ? 79  HIS A N     1 
ATOM   660  C  CA    . HIS A 1 79  ? -10.94716 3.21452   12.10162  1.000 8.95990  ? 79  HIS A CA    1 
ATOM   661  C  C     . HIS A 1 79  ? -10.27719 3.80161   10.87040  1.000 16.60555 ? 79  HIS A C     1 
ATOM   662  O  O     . HIS A 1 79  ? -9.93630  4.98638   10.85678  1.000 18.40829 ? 79  HIS A O     1 
ATOM   663  C  CB    . HIS A 1 79  ? -12.39456 3.69989   12.20279  1.000 18.00128 ? 79  HIS A CB    1 
ATOM   664  C  CG    . HIS A 1 79  ? -13.26869 3.19576   11.10074  1.000 24.96963 ? 79  HIS A CG    1 
ATOM   665  N  ND1   . HIS A 1 79  ? -13.37082 3.83126   9.88166   1.000 30.92070 ? 79  HIS A ND1   1 
ATOM   666  C  CD2   . HIS A 1 79  ? -14.06391 2.10269   11.02513  1.000 25.42855 ? 79  HIS A CD2   1 
ATOM   667  C  CE1   . HIS A 1 79  ? -14.20117 3.15801   9.10636   1.000 33.38185 ? 79  HIS A CE1   1 
ATOM   668  N  NE2   . HIS A 1 79  ? -14.63628 2.10551   9.77610   1.000 35.35359 ? 79  HIS A NE2   1 
ATOM   669  N  N     . ILE A 1 80  ? -10.03932 2.97862   9.85874   1.000 16.21212 ? 80  ILE A N     1 
ATOM   670  C  CA    A ILE A 1 80  ? -9.33683  3.45434   8.67811   0.410 15.70342 ? 80  ILE A CA    1 
ATOM   671  C  CA    B ILE A 1 80  ? -9.28663  3.38030   8.67534   0.590 15.65891 ? 80  ILE A CA    1 
ATOM   672  C  C     . ILE A 1 80  ? -10.09394 3.04207   7.42674   1.000 18.13771 ? 80  ILE A C     1 
ATOM   673  O  O     . ILE A 1 80  ? -10.71882 1.97693   7.35985   1.000 15.92592 ? 80  ILE A O     1 
ATOM   674  C  CB    A ILE A 1 80  ? -7.87049  2.97175   8.61494   0.410 21.10166 ? 80  ILE A CB    1 
ATOM   675  C  CB    B ILE A 1 80  ? -7.90771  2.68257   8.66248   0.590 20.90281 ? 80  ILE A CB    1 
ATOM   676  C  CG1   A ILE A 1 80  ? -7.78264  1.52201   8.16237   0.410 14.28751 ? 80  ILE A CG1   1 
ATOM   677  C  CG1   B ILE A 1 80  ? -6.93503  3.40735   9.59991   0.590 13.97101 ? 80  ILE A CG1   1 
ATOM   678  C  CG2   A ILE A 1 80  ? -7.16272  3.17631   9.95000   0.410 16.41598 ? 80  ILE A CG2   1 
ATOM   679  C  CG2   B ILE A 1 80  ? -7.34932  2.58175   7.26058   0.590 15.44588 ? 80  ILE A CG2   1 
ATOM   680  C  CD1   A ILE A 1 80  ? -6.40499  1.15367   7.72037   0.410 12.83893 ? 80  ILE A CD1   1 
ATOM   681  C  CD1   B ILE A 1 80  ? -5.67894  2.59009   9.92602   0.590 14.89407 ? 80  ILE A CD1   1 
ATOM   682  N  N     . THR A 1 81  ? -10.09085 3.94106   6.45116   1.000 11.96392 ? 81  THR A N     1 
ATOM   683  C  CA    . THR A 1 81  ? -10.61502 3.67325   5.11891   1.000 10.81843 ? 81  THR A CA    1 
ATOM   684  C  C     . THR A 1 81  ? -9.40670  3.57297   4.19560   1.000 10.51541 ? 81  THR A C     1 
ATOM   685  O  O     . THR A 1 81  ? -8.63401  4.53104   4.09310   1.000 12.13023 ? 81  THR A O     1 
ATOM   686  C  CB    . THR A 1 81  ? -11.55436 4.78158   4.66184   1.000 15.04375 ? 81  THR A CB    1 
ATOM   687  O  OG1   . THR A 1 81  ? -12.66708 4.84809   5.55830   1.000 17.13334 ? 81  THR A OG1   1 
ATOM   688  C  CG2   . THR A 1 81  ? -12.04819 4.49847   3.25597   1.000 19.47225 ? 81  THR A CG2   1 
ATOM   689  N  N     . LEU A 1 82  ? -9.22735  2.41213   3.56247   1.000 7.44868  ? 82  LEU A N     1 
ATOM   690  C  CA    . LEU A 1 82  ? -8.04877  2.12710   2.74778   1.000 11.29030 ? 82  LEU A CA    1 
ATOM   691  C  C     . LEU A 1 82  ? -8.40872  2.20489   1.27332   1.000 11.27528 ? 82  LEU A C     1 
ATOM   692  O  O     . LEU A 1 82  ? -9.36327  1.55713   0.83201   1.000 11.82237 ? 82  LEU A O     1 
ATOM   693  C  CB    . LEU A 1 82  ? -7.48128  0.74005   3.05316   1.000 11.08836 ? 82  LEU A CB    1 
ATOM   694  C  CG    . LEU A 1 82  ? -6.65750  0.59055   4.31787   1.000 13.14644 ? 82  LEU A CG    1 
ATOM   695  C  CD1   . LEU A 1 82  ? -6.71768  -0.84550  4.79132   1.000 20.87504 ? 82  LEU A CD1   1 
ATOM   696  C  CD2   . LEU A 1 82  ? -5.22253  0.98190   4.04449   1.000 14.55599 ? 82  LEU A CD2   1 
ATOM   697  N  N     . TRP A 1 83  ? -7.62535  2.97507   0.51722   1.000 8.67504  ? 83  TRP A N     1 
ATOM   698  C  CA    . TRP A 1 83  ? -7.77105  3.10248   -0.92794  1.000 7.65998  ? 83  TRP A CA    1 
ATOM   699  C  C     . TRP A 1 83  ? -6.62937  2.32767   -1.56588  1.000 8.46772  ? 83  TRP A C     1 
ATOM   700  O  O     . TRP A 1 83  ? -5.47763  2.76200   -1.48884  1.000 11.03805 ? 83  TRP A O     1 
ATOM   701  C  CB    . TRP A 1 83  ? -7.71089  4.56953   -1.35811  1.000 8.72992  ? 83  TRP A CB    1 
ATOM   702  C  CG    . TRP A 1 83  ? -8.76308  5.45143   -0.76284  1.000 7.79201  ? 83  TRP A CG    1 
ATOM   703  C  CD1   . TRP A 1 83  ? -8.91507  5.79424   0.55606   1.000 8.26685  ? 83  TRP A CD1   1 
ATOM   704  C  CD2   . TRP A 1 83  ? -9.80928  6.11888   -1.47494  1.000 9.24361  ? 83  TRP A CD2   1 
ATOM   705  N  NE1   . TRP A 1 83  ? -10.00374 6.64368   0.70265   1.000 10.74983 ? 83  TRP A NE1   1 
ATOM   706  C  CE2   . TRP A 1 83  ? -10.55656 6.85809   -0.53361  1.000 10.57611 ? 83  TRP A CE2   1 
ATOM   707  C  CE3   . TRP A 1 83  ? -10.17678 6.16282   -2.81994  1.000 8.03289  ? 83  TRP A CE3   1 
ATOM   708  C  CZ2   . TRP A 1 83  ? -11.67062 7.62264   -0.89820  1.000 11.61983 ? 83  TRP A CZ2   1 
ATOM   709  C  CZ3   . TRP A 1 83  ? -11.27538 6.93371   -3.18559  1.000 12.57373 ? 83  TRP A CZ3   1 
ATOM   710  C  CH2   . TRP A 1 83  ? -12.00194 7.65519   -2.22736  1.000 13.04267 ? 83  TRP A CH2   1 
ATOM   711  N  N     . PHE A 1 84  ? -6.92865  1.17668   -2.17818  1.000 8.99954  ? 84  PHE A N     1 
ATOM   712  C  CA    . PHE A 1 84  ? -5.88154  0.34395   -2.78031  1.000 9.07175  ? 84  PHE A CA    1 
ATOM   713  C  C     . PHE A 1 84  ? -5.82355  0.68150   -4.26331  1.000 9.49722  ? 84  PHE A C     1 
ATOM   714  O  O     . PHE A 1 84  ? -6.74805  0.35363   -5.01298  1.000 11.18157 ? 84  PHE A O     1 
ATOM   715  C  CB    . PHE A 1 84  ? -6.15847  -1.14495  -2.58818  1.000 8.15463  ? 84  PHE A CB    1 
ATOM   716  C  CG    . PHE A 1 84  ? -6.15180  -1.59996  -1.15262  1.000 8.80400  ? 84  PHE A CG    1 
ATOM   717  C  CD1   . PHE A 1 84  ? -5.01213  -2.17025  -0.60351  1.000 11.80539 ? 84  PHE A CD1   1 
ATOM   718  C  CD2   . PHE A 1 84  ? -7.29064  -1.49438  -0.36779  1.000 11.56670 ? 84  PHE A CD2   1 
ATOM   719  C  CE1   . PHE A 1 84  ? -5.00598  -2.62201  0.71742   1.000 10.48738 ? 84  PHE A CE1   1 
ATOM   720  C  CE2   . PHE A 1 84  ? -7.28983  -1.94056  0.95566   1.000 12.49103 ? 84  PHE A CE2   1 
ATOM   721  C  CZ    . PHE A 1 84  ? -6.13696  -2.49415  1.49705   1.000 13.66543 ? 84  PHE A CZ    1 
ATOM   722  N  N     . TRP A 1 85  ? -4.74278  1.32748   -4.68931  1.000 8.72995  ? 85  TRP A N     1 
ATOM   723  C  CA    . TRP A 1 85  ? -4.54011  1.67669   -6.09160  1.000 7.43671  ? 85  TRP A CA    1 
ATOM   724  C  C     . TRP A 1 85  ? -3.64621  0.64129   -6.75457  1.000 11.03786 ? 85  TRP A C     1 
ATOM   725  O  O     . TRP A 1 85  ? -2.58282  0.30592   -6.22222  1.000 10.52732 ? 85  TRP A O     1 
ATOM   726  C  CB    . TRP A 1 85  ? -3.91505  3.06884   -6.21261  1.000 8.09097  ? 85  TRP A CB    1 
ATOM   727  C  CG    . TRP A 1 85  ? -4.76282  4.13754   -5.59528  1.000 7.51979  ? 85  TRP A CG    1 
ATOM   728  C  CD1   . TRP A 1 85  ? -4.67141  4.62236   -4.32333  1.000 8.84508  ? 85  TRP A CD1   1 
ATOM   729  C  CD2   . TRP A 1 85  ? -5.83972  4.85207   -6.22469  1.000 10.25034 ? 85  TRP A CD2   1 
ATOM   730  N  NE1   . TRP A 1 85  ? -5.62922  5.59661   -4.12164  1.000 10.65259 ? 85  TRP A NE1   1 
ATOM   731  C  CE2   . TRP A 1 85  ? -6.34919  5.75875   -5.27667  1.000 11.54360 ? 85  TRP A CE2   1 
ATOM   732  C  CE3   . TRP A 1 85  ? -6.41372  4.81228   -7.49717  1.000 10.18491 ? 85  TRP A CE3   1 
ATOM   733  C  CZ2   . TRP A 1 85  ? -7.41572  6.61543   -5.55851  1.000 9.01996  ? 85  TRP A CZ2   1 
ATOM   734  C  CZ3   . TRP A 1 85  ? -7.48205  5.66731   -7.77362  1.000 11.49623 ? 85  TRP A CZ3   1 
ATOM   735  C  CH2   . TRP A 1 85  ? -7.95691  6.55589   -6.81215  1.000 11.59345 ? 85  TRP A CH2   1 
ATOM   736  N  N     . LEU A 1 86  ? -4.07218  0.13903   -7.91003  1.000 9.72472  ? 86  LEU A N     1 
ATOM   737  C  CA    . LEU A 1 86  ? -3.24479  -0.77510  -8.69020  1.000 10.40706 ? 86  LEU A CA    1 
ATOM   738  C  C     . LEU A 1 86  ? -2.33552  0.04421   -9.60055  1.000 10.99432 ? 86  LEU A C     1 
ATOM   739  O  O     . LEU A 1 86  ? -2.81908  0.79260   -10.46075 1.000 8.88618  ? 86  LEU A O     1 
ATOM   740  C  CB    . LEU A 1 86  ? -4.10684  -1.74508  -9.49787  1.000 13.26944 ? 86  LEU A CB    1 
ATOM   741  C  CG    . LEU A 1 86  ? -3.34001  -2.72288  -10.39224 1.000 10.95157 ? 86  LEU A CG    1 
ATOM   742  C  CD1   . LEU A 1 86  ? -2.41930  -3.63445  -9.57312  1.000 11.27305 ? 86  LEU A CD1   1 
ATOM   743  C  CD2   . LEU A 1 86  ? -4.33544  -3.55188  -11.19309 1.000 20.33919 ? 86  LEU A CD2   1 
ATOM   744  N  N     . VAL A 1 87  ? -1.02074  -0.10833  -9.40584  1.000 8.02569  ? 87  VAL A N     1 
ATOM   745  C  CA    . VAL A 1 87  ? 0.00404   0.71202   -10.04654 1.000 8.66282  ? 87  VAL A CA    1 
ATOM   746  C  C     . VAL A 1 87  ? 0.81581   -0.20446  -10.94587 1.000 12.84805 ? 87  VAL A C     1 
ATOM   747  O  O     . VAL A 1 87  ? 1.63044   -0.99809  -10.45977 1.000 12.23061 ? 87  VAL A O     1 
ATOM   748  C  CB    . VAL A 1 87  ? 0.91388   1.40605   -9.02206  1.000 11.38999 ? 87  VAL A CB    1 
ATOM   749  C  CG1   . VAL A 1 87  ? 2.05600   2.14566   -9.73998  1.000 13.67887 ? 87  VAL A CG1   1 
ATOM   750  C  CG2   . VAL A 1 87  ? 0.11816   2.35683   -8.14229  1.000 8.44212  ? 87  VAL A CG2   1 
ATOM   751  N  N     . GLU A 1 88  ? 0.59747   -0.10650  -12.25229 1.000 10.47518 ? 88  GLU A N     1 
ATOM   752  C  CA    . GLU A 1 88  ? 1.30065   -0.96721  -13.19421 1.000 12.95735 ? 88  GLU A CA    1 
ATOM   753  C  C     . GLU A 1 88  ? 2.28021   -0.21381  -14.07714 1.000 12.37143 ? 88  GLU A C     1 
ATOM   754  O  O     . GLU A 1 88  ? 3.03808   -0.85009  -14.82095 1.000 13.86943 ? 88  GLU A O     1 
ATOM   755  C  CB    . GLU A 1 88  ? 0.28779   -1.72573  -14.05853 1.000 17.10083 ? 88  GLU A CB    1 
ATOM   756  C  CG    . GLU A 1 88  ? -0.42808  -2.80635  -13.26668 1.000 26.14468 ? 88  GLU A CG    1 
ATOM   757  C  CD    . GLU A 1 88  ? -1.58404  -3.42587  -14.01148 1.000 33.22442 ? 88  GLU A CD    1 
ATOM   758  O  OE1   . GLU A 1 88  ? -2.35815  -2.67547  -14.64058 1.000 36.44377 ? 88  GLU A OE1   1 
ATOM   759  O  OE2   . GLU A 1 88  ? -1.72124  -4.66555  -13.95625 1.000 35.98136 ? 88  GLU A OE2   1 
ATOM   760  N  N     . ARG A 1 89  ? 2.29677   1.10834   -13.99298 1.000 11.88849 ? 89  ARG A N     1 
ATOM   761  C  CA    . ARG A 1 89  ? 3.23730   1.94721   -14.71166 1.000 16.19841 ? 89  ARG A CA    1 
ATOM   762  C  C     . ARG A 1 89  ? 3.73558   3.00610   -13.74423 1.000 12.14724 ? 89  ARG A C     1 
ATOM   763  O  O     . ARG A 1 89  ? 2.95707   3.53023   -12.94260 1.000 14.68908 ? 89  ARG A O     1 
ATOM   764  C  CB    . ARG A 1 89  ? 2.58456   2.60273   -15.94032 1.000 19.44418 ? 89  ARG A CB    1 
ATOM   765  C  CG    . ARG A 1 89  ? 3.49350   3.61995   -16.62804 1.000 30.94108 ? 89  ARG A CG    1 
ATOM   766  C  CD    . ARG A 1 89  ? 2.88809   4.24457   -17.89268 1.000 36.17404 ? 89  ARG A CD    1 
ATOM   767  N  NE    . ARG A 1 89  ? 2.86045   3.28735   -18.99567 1.000 38.11304 ? 89  ARG A NE    1 
ATOM   768  C  CZ    . ARG A 1 89  ? 3.93729   2.87337   -19.65413 1.000 40.64157 ? 89  ARG A CZ    1 
ATOM   769  N  NH1   . ARG A 1 89  ? 5.13839   3.34199   -19.32809 1.000 31.42250 ? 89  ARG A NH1   1 
ATOM   770  N  NH2   . ARG A 1 89  ? 3.81361   1.98689   -20.63482 1.000 31.81472 ? 89  ARG A NH2   1 
ATOM   771  N  N     . TRP A 1 90  ? 5.03324   3.29212   -13.79346 1.000 11.68140 ? 90  TRP A N     1 
ATOM   772  C  CA    . TRP A 1 90  ? 5.58151   4.30915   -12.90754 1.000 15.83849 ? 90  TRP A CA    1 
ATOM   773  C  C     . TRP A 1 90  ? 6.89560   4.80947   -13.47746 1.000 17.42744 ? 90  TRP A C     1 
ATOM   774  O  O     . TRP A 1 90  ? 7.52450   4.15981   -14.32121 1.000 16.15884 ? 90  TRP A O     1 
ATOM   775  C  CB    . TRP A 1 90  ? 5.79399   3.77602   -11.47966 1.000 11.16501 ? 90  TRP A CB    1 
ATOM   776  C  CG    . TRP A 1 90  ? 6.71403   2.60640   -11.43817 1.000 14.09953 ? 90  TRP A CG    1 
ATOM   777  C  CD1   . TRP A 1 90  ? 8.07288   2.63678   -11.35212 1.000 12.98793 ? 90  TRP A CD1   1 
ATOM   778  C  CD2   . TRP A 1 90  ? 6.34406   1.21988   -11.48167 1.000 10.79391 ? 90  TRP A CD2   1 
ATOM   779  N  NE1   . TRP A 1 90  ? 8.57852   1.35564   -11.34064 1.000 13.93421 ? 90  TRP A NE1   1 
ATOM   780  C  CE2   . TRP A 1 90  ? 7.53421   0.46945   -11.41974 1.000 14.11360 ? 90  TRP A CE2   1 
ATOM   781  C  CE3   . TRP A 1 90  ? 5.12103   0.54441   -11.56072 1.000 11.05297 ? 90  TRP A CE3   1 
ATOM   782  C  CZ2   . TRP A 1 90  ? 7.53817   -0.92116  -11.45141 1.000 13.80544 ? 90  TRP A CZ2   1 
ATOM   783  C  CZ3   . TRP A 1 90  ? 5.12264   -0.83580  -11.58905 1.000 9.65742  ? 90  TRP A CZ3   1 
ATOM   784  C  CH2   . TRP A 1 90  ? 6.32767   -1.55706  -11.53028 1.000 10.69359 ? 90  TRP A CH2   1 
ATOM   785  N  N     . GLU A 1 91  ? 7.29469   5.98252   -13.00099 1.000 15.00479 ? 91  GLU A N     1 
ATOM   786  C  CA    . GLU A 1 91  ? 8.61040   6.53657   -13.27529 1.000 18.67125 ? 91  GLU A CA    1 
ATOM   787  C  C     . GLU A 1 91  ? 9.48949   6.28108   -12.06358 1.000 21.15821 ? 91  GLU A C     1 
ATOM   788  O  O     . GLU A 1 91  ? 9.09855   6.58847   -10.93231 1.000 16.78858 ? 91  GLU A O     1 
ATOM   789  C  CB    . GLU A 1 91  ? 8.53234   8.03626   -13.57647 1.000 26.68758 ? 91  GLU A CB    1 
ATOM   790  C  CG    . GLU A 1 91  ? 7.73692   8.37317   -14.83881 1.000 54.77982 ? 91  GLU A CG    1 
ATOM   791  C  CD    . GLU A 1 91  ? 7.67923   9.87013   -15.13476 1.000 73.72214 ? 91  GLU A CD    1 
ATOM   792  O  OE1   . GLU A 1 91  ? 8.61364   10.59590  -14.72898 1.000 75.61073 ? 91  GLU A OE1   1 
ATOM   793  O  OE2   . GLU A 1 91  ? 6.69860   10.32068  -15.77489 1.000 54.16167 ? 91  GLU A OE2   1 
ATOM   794  N  N     . GLY A 1 92  ? 10.65718  5.70827   -12.29881 1.000 15.55535 ? 92  GLY A N     1 
ATOM   795  C  CA    . GLY A 1 92  ? 11.59803  5.41122   -11.24068 1.000 21.44426 ? 92  GLY A CA    1 
ATOM   796  C  C     . GLY A 1 92  ? 11.69820  3.91694   -10.98669 1.000 17.21352 ? 92  GLY A C     1 
ATOM   797  O  O     . GLY A 1 92  ? 11.05723  3.08790   -11.63713 1.000 19.32364 ? 92  GLY A O     1 
ATOM   798  N  N     . GLU A 1 93  ? 12.53619  3.59438   -10.00697 1.000 15.25541 ? 93  GLU A N     1 
ATOM   799  C  CA    . GLU A 1 93  ? 12.78469  2.22373   -9.58046  1.000 12.48266 ? 93  GLU A CA    1 
ATOM   800  C  C     . GLU A 1 93  ? 12.51404  2.19308   -8.08574  1.000 10.46926 ? 93  GLU A C     1 
ATOM   801  O  O     . GLU A 1 93  ? 13.17364  2.93415   -7.33615  1.000 11.08718 ? 93  GLU A O     1 
ATOM   802  C  CB    . GLU A 1 93  ? 14.23887  1.84896   -9.88841  1.000 20.49765 ? 93  GLU A CB    1 
ATOM   803  C  CG    . GLU A 1 93  ? 14.59345  0.43803   -9.58822  1.000 15.67837 ? 93  GLU A CG    1 
ATOM   804  C  CD    . GLU A 1 93  ? 14.02629  -0.51180  -10.61241 1.000 30.38334 ? 93  GLU A CD    1 
ATOM   805  O  OE1   . GLU A 1 93  ? 13.98411  -0.14369  -11.80140 1.000 29.87147 ? 93  GLU A OE1   1 
ATOM   806  O  OE2   . GLU A 1 93  ? 13.60353  -1.61757  -10.22235 1.000 22.79942 ? 93  GLU A OE2   1 
ATOM   807  N  N     . PRO A 1 94  ? 11.54722  1.40544   -7.59716  1.000 9.82667  ? 94  PRO A N     1 
ATOM   808  C  CA    . PRO A 1 94  ? 11.23639  1.45046   -6.16098  1.000 7.17084  ? 94  PRO A CA    1 
ATOM   809  C  C     . PRO A 1 94  ? 12.38954  0.91496   -5.31865  1.000 8.46099  ? 94  PRO A C     1 
ATOM   810  O  O     . PRO A 1 94  ? 13.05685  -0.05329  -5.68949  1.000 10.60634 ? 94  PRO A O     1 
ATOM   811  C  CB    . PRO A 1 94  ? 9.98733   0.56785   -6.02048  1.000 12.31651 ? 94  PRO A CB    1 
ATOM   812  C  CG    . PRO A 1 94  ? 9.93636   -0.25948  -7.23323  1.000 14.61751 ? 94  PRO A CG    1 
ATOM   813  C  CD    . PRO A 1 94  ? 10.66309  0.48752   -8.33667  1.000 12.09648 ? 94  PRO A CD    1 
ATOM   814  N  N     . TRP A 1 95  ? 12.59482  1.54692   -4.16267  1.000 6.99194  ? 95  TRP A N     1 
ATOM   815  C  CA    . TRP A 1 95  ? 13.63577  1.12972   -3.23080  1.000 8.71551  ? 95  TRP A CA    1 
ATOM   816  C  C     . TRP A 1 95  ? 13.22828  1.55256   -1.82855  1.000 12.74002 ? 95  TRP A C     1 
ATOM   817  O  O     . TRP A 1 95  ? 12.19849  2.20026   -1.62633  1.000 9.80431  ? 95  TRP A O     1 
ATOM   818  C  CB    . TRP A 1 95  ? 14.99079  1.73015   -3.62307  1.000 8.99046  ? 95  TRP A CB    1 
ATOM   819  C  CG    . TRP A 1 95  ? 15.06972  3.22873   -3.50794  1.000 8.68375  ? 95  TRP A CG    1 
ATOM   820  C  CD1   . TRP A 1 95  ? 14.39881  4.15851   -4.26525  1.000 13.17340 ? 95  TRP A CD1   1 
ATOM   821  C  CD2   . TRP A 1 95  ? 15.89619  3.96914   -2.60494  1.000 10.45491 ? 95  TRP A CD2   1 
ATOM   822  N  NE1   . TRP A 1 95  ? 14.74604  5.42868   -3.86672  1.000 12.97721 ? 95  TRP A NE1   1 
ATOM   823  C  CE2   . TRP A 1 95  ? 15.67357  5.33717   -2.85655  1.000 11.13168 ? 95  TRP A CE2   1 
ATOM   824  C  CE3   . TRP A 1 95  ? 16.80532  3.60423   -1.60329  1.000 8.88571  ? 95  TRP A CE3   1 
ATOM   825  C  CZ2   . TRP A 1 95  ? 16.32341  6.34178   -2.14150  1.000 13.43273 ? 95  TRP A CZ2   1 
ATOM   826  C  CZ3   . TRP A 1 95  ? 17.45291  4.60564   -0.89666  1.000 11.79383 ? 95  TRP A CZ3   1 
ATOM   827  C  CH2   . TRP A 1 95  ? 17.20147  5.95761   -1.16431  1.000 12.15467 ? 95  TRP A CH2   1 
ATOM   828  N  N     . GLY A 1 96  ? 14.03685  1.15882   -0.84986  1.000 11.54484 ? 96  GLY A N     1 
ATOM   829  C  CA    . GLY A 1 96  ? 13.76795  1.49394   0.53562   1.000 11.17108 ? 96  GLY A CA    1 
ATOM   830  C  C     . GLY A 1 96  ? 14.18234  2.91629   0.84087   1.000 10.84548 ? 96  GLY A C     1 
ATOM   831  O  O     . GLY A 1 96  ? 15.15448  3.15221   1.56601   1.000 11.49770 ? 96  GLY A O     1 
ATOM   832  N  N     . LYS A 1 97  ? 13.42990  3.87483   0.29138   1.000 10.10177 ? 97  LYS A N     1 
ATOM   833  C  CA    . LYS A 1 97  ? 13.85125  5.27361   0.31757   1.000 11.10949 ? 97  LYS A CA    1 
ATOM   834  C  C     . LYS A 1 97  ? 13.82388  5.84833   1.73070   1.000 13.75603 ? 97  LYS A C     1 
ATOM   835  O  O     . LYS A 1 97  ? 14.57328  6.78477   2.03326   1.000 13.63570 ? 97  LYS A O     1 
ATOM   836  C  CB    . LYS A 1 97  ? 12.96639  6.08461   -0.63438  1.000 8.22123  ? 97  LYS A CB    1 
ATOM   837  C  CG    . LYS A 1 97  ? 13.25529  7.57837   -0.67938  1.000 8.61182  ? 97  LYS A CG    1 
ATOM   838  C  CD    . LYS A 1 97  ? 12.44125  8.26002   -1.77708  1.000 8.17666  ? 97  LYS A CD    1 
ATOM   839  C  CE    . LYS A 1 97  ? 12.69105  9.77517   -1.80038  1.000 11.53288 ? 97  LYS A CE    1 
ATOM   840  N  NZ    . LYS A 1 97  ? 11.87499  10.48301  -2.84840  1.000 11.74051 ? 97  LYS A NZ    1 
ATOM   841  N  N     . GLU A 1 98  ? 12.97882  5.30809   2.60963   1.000 11.27481 ? 98  GLU A N     1 
ATOM   842  C  CA    . GLU A 1 98  ? 12.95525  5.70821   4.00909   1.000 11.36761 ? 98  GLU A CA    1 
ATOM   843  C  C     . GLU A 1 98  ? 13.74991  4.75254   4.89524   1.000 16.11849 ? 98  GLU A C     1 
ATOM   844  O  O     . GLU A 1 98  ? 13.57192  4.75418   6.11641   1.000 14.99293 ? 98  GLU A O     1 
ATOM   845  C  CB    . GLU A 1 98  ? 11.50819  5.83098   4.50293   1.000 13.15247 ? 98  GLU A CB    1 
ATOM   846  C  CG    . GLU A 1 98  ? 10.72442  6.97170   3.82417   1.000 12.21460 ? 98  GLU A CG    1 
ATOM   847  C  CD    . GLU A 1 98  ? 9.25734   7.04779   4.25857   1.000 17.94235 ? 98  GLU A CD    1 
ATOM   848  O  OE1   . GLU A 1 98  ? 8.69556   6.02171   4.70363   1.000 16.60564 ? 98  GLU A OE1   1 
ATOM   849  O  OE2   . GLU A 1 98  ? 8.66225   8.14436   4.13905   1.000 21.95737 ? 98  GLU A OE2   1 
ATOM   850  N  N     . GLY A 1 99  ? 14.62960  3.94582   4.30582   1.000 13.88074 ? 99  GLY A N     1 
ATOM   851  C  CA    . GLY A 1 99  ? 15.43566  3.01214   5.06480   1.000 12.06503 ? 99  GLY A CA    1 
ATOM   852  C  C     . GLY A 1 99  ? 14.71597  1.75663   5.49027   1.000 16.33494 ? 99  GLY A C     1 
ATOM   853  O  O     . GLY A 1 99  ? 15.27187  0.97406   6.27638   1.000 16.38700 ? 99  GLY A O     1 
ATOM   854  N  N     . GLN A 1 100 ? 13.51624  1.53768   5.00144   1.000 10.49214 ? 100 GLN A N     1 
ATOM   855  C  CA    . GLN A 1 100 ? 12.68585  0.39605   5.33667   1.000 10.05851 ? 100 GLN A CA    1 
ATOM   856  C  C     . GLN A 1 100 ? 12.98908  -0.77120  4.40127   1.000 10.66950 ? 100 GLN A C     1 
ATOM   857  O  O     . GLN A 1 100 ? 13.44090  -0.56656  3.26623   1.000 12.49099 ? 100 GLN A O     1 
ATOM   858  C  CB    . GLN A 1 100 ? 11.19937  0.77176   5.23765   1.000 12.09417 ? 100 GLN A CB    1 
ATOM   859  C  CG    . GLN A 1 100 ? 10.61890  0.77356   3.82652   1.000 16.49434 ? 100 GLN A CG    1 
ATOM   860  C  CD    . GLN A 1 100 ? 10.88343  2.05940   3.05383   1.000 11.73637 ? 100 GLN A CD    1 
ATOM   861  O  OE1   . GLN A 1 100 ? 11.96087  2.64820   3.14746   1.000 12.50495 ? 100 GLN A OE1   1 
ATOM   862  N  NE2   . GLN A 1 100 ? 9.88559   2.50049   2.27994   1.000 8.89047  ? 100 GLN A NE2   1 
ATOM   863  N  N     . PRO A 1 101 ? 12.77954  -2.00436  4.85993   1.000 11.56216 ? 101 PRO A N     1 
ATOM   864  C  CA    . PRO A 1 101 ? 12.96449  -3.15357  3.97219   1.000 9.66767  ? 101 PRO A CA    1 
ATOM   865  C  C     . PRO A 1 101 ? 11.94043  -3.11592  2.85179   1.000 13.85626 ? 101 PRO A C     1 
ATOM   866  O  O     . PRO A 1 101 ? 10.77312  -2.80204  3.07085   1.000 13.68466 ? 101 PRO A O     1 
ATOM   867  C  CB    . PRO A 1 101 ? 12.74208  -4.36151  4.89404   1.000 12.73498 ? 101 PRO A CB    1 
ATOM   868  C  CG    . PRO A 1 101 ? 12.83641  -3.83074  6.27924   1.000 15.52437 ? 101 PRO A CG    1 
ATOM   869  C  CD    . PRO A 1 101 ? 12.35103  -2.41685  6.20685   1.000 12.07456 ? 101 PRO A CD    1 
ATOM   870  N  N     . GLY A 1 102 ? 12.39157  -3.42317  1.64436   1.000 12.09370 ? 102 GLY A N     1 
ATOM   871  C  CA    . GLY A 1 102 ? 11.47507  -3.50997  0.52621   1.000 10.80998 ? 102 GLY A CA    1 
ATOM   872  C  C     . GLY A 1 102 ? 11.97273  -4.54455  -0.45403  1.000 19.54782 ? 102 GLY A C     1 
ATOM   873  O  O     . GLY A 1 102 ? 13.17897  -4.62377  -0.70041  1.000 19.05936 ? 102 GLY A O     1 
ATOM   874  N  N     . GLU A 1 103 ? 11.08247  -5.36645  -0.99797  1.000 11.53689 ? 103 GLU A N     1 
ATOM   875  C  CA    . GLU A 1 103 ? 11.52618  -6.31042  -2.00855  1.000 11.77375 ? 103 GLU A CA    1 
ATOM   876  C  C     . GLU A 1 103 ? 10.35806  -6.71342  -2.89054  1.000 11.47421 ? 103 GLU A C     1 
ATOM   877  O  O     . GLU A 1 103 ? 9.18469   -6.52419  -2.54004  1.000 10.06821 ? 103 GLU A O     1 
ATOM   878  C  CB    . GLU A 1 103 ? 12.17766  -7.53878  -1.37807  1.000 22.12184 ? 103 GLU A CB    1 
ATOM   879  C  CG    . GLU A 1 103 ? 11.28690  -8.27269  -0.43126  1.000 18.33650 ? 103 GLU A CG    1 
ATOM   880  C  CD    . GLU A 1 103 ? 12.05392  -9.26642  0.41894   1.000 29.29382 ? 103 GLU A CD    1 
ATOM   881  O  OE1   . GLU A 1 103 ? 13.28852  -9.37741  0.25101   1.000 33.66815 ? 103 GLU A OE1   1 
ATOM   882  O  OE2   . GLU A 1 103 ? 11.41846  -9.93021  1.26101   1.000 32.58742 ? 103 GLU A OE2   1 
ATOM   883  N  N     . TRP A 1 104 ? 10.70367  -7.24645  -4.05660  1.000 10.73216 ? 104 TRP A N     1 
ATOM   884  C  CA    . TRP A 1 104 ? 9.71359   -7.76601  -4.98443  1.000 11.39110 ? 104 TRP A CA    1 
ATOM   885  C  C     . TRP A 1 104 ? 9.26508   -9.15068  -4.53333  1.000 8.21782  ? 104 TRP A C     1 
ATOM   886  O  O     . TRP A 1 104 ? 10.09385  -10.01447 -4.23182  1.000 10.23328 ? 104 TRP A O     1 
ATOM   887  C  CB    . TRP A 1 104 ? 10.29445  -7.81873  -6.39228  1.000 12.22272 ? 104 TRP A CB    1 
ATOM   888  C  CG    . TRP A 1 104 ? 10.50502  -6.46237  -6.97002  1.000 12.60593 ? 104 TRP A CG    1 
ATOM   889  C  CD1   . TRP A 1 104 ? 11.67855  -5.76929  -7.02258  1.000 10.26894 ? 104 TRP A CD1   1 
ATOM   890  C  CD2   . TRP A 1 104 ? 9.50918   -5.62191  -7.57305  1.000 10.09990 ? 104 TRP A CD2   1 
ATOM   891  N  NE1   . TRP A 1 104 ? 11.47677  -4.55196  -7.63659  1.000 8.15750  ? 104 TRP A NE1   1 
ATOM   892  C  CE2   . TRP A 1 104 ? 10.15239  -4.43324  -7.97128  1.000 9.50935  ? 104 TRP A CE2   1 
ATOM   893  C  CE3   . TRP A 1 104 ? 8.13203   -5.75668  -7.80230  1.000 9.02343  ? 104 TRP A CE3   1 
ATOM   894  C  CZ2   . TRP A 1 104 ? 9.47248   -3.38731  -8.61134  1.000 8.54979  ? 104 TRP A CZ2   1 
ATOM   895  C  CZ3   . TRP A 1 104 ? 7.44932   -4.70942  -8.43380  1.000 9.36928  ? 104 TRP A CZ3   1 
ATOM   896  C  CH2   . TRP A 1 104 ? 8.12389   -3.54445  -8.82379  1.000 11.79873 ? 104 TRP A CH2   1 
ATOM   897  N  N     . MET A 1 105 ? 7.95311   -9.36210  -4.49256  1.000 8.74280  ? 105 MET A N     1 
ATOM   898  C  CA    . MET A 1 105 ? 7.38017   -10.61518 -4.01672  1.000 9.34370  ? 105 MET A CA    1 
ATOM   899  C  C     . MET A 1 105 ? 6.39329   -11.14589 -5.04007  1.000 8.98923  ? 105 MET A C     1 
ATOM   900  O  O     . MET A 1 105 ? 5.51290   -10.40530 -5.48647  1.000 11.20833 ? 105 MET A O     1 
ATOM   901  C  CB    . MET A 1 105 ? 6.66674   -10.41360 -2.67528  1.000 8.59118  ? 105 MET A CB    1 
ATOM   902  C  CG    . MET A 1 105 ? 7.50938   -9.69884  -1.64240  1.000 7.01123  ? 105 MET A CG    1 
ATOM   903  S  SD    . MET A 1 105 ? 6.78852   -9.80075  0.01238   1.000 12.71952 ? 105 MET A SD    1 
ATOM   904  C  CE    . MET A 1 105 ? 8.13518   -9.14362  0.99989   1.000 13.26016 ? 105 MET A CE    1 
ATOM   905  N  N     . SER A 1 106 ? 6.51043   -12.42972 -5.38797  1.000 10.60007 ? 106 SER A N     1 
ATOM   906  C  CA    . SER A 1 106 ? 5.54662   -13.01035 -6.31627  1.000 7.90212  ? 106 SER A CA    1 
ATOM   907  C  C     . SER A 1 106 ? 4.13610   -12.87761 -5.75668  1.000 8.57233  ? 106 SER A C     1 
ATOM   908  O  O     . SER A 1 106 ? 3.89164   -13.12225 -4.57146  1.000 11.31137 ? 106 SER A O     1 
ATOM   909  C  CB    . SER A 1 106 ? 5.86527   -14.48321 -6.58925  1.000 14.44817 ? 106 SER A CB    1 
ATOM   910  O  OG    . SER A 1 106 ? 5.44640   -15.30937 -5.51001  1.000 15.17308 ? 106 SER A OG    1 
ATOM   911  N  N     . LEU A 1 107 ? 3.20499   -12.46630 -6.61874  1.000 11.22561 ? 107 LEU A N     1 
ATOM   912  C  CA    . LEU A 1 107 ? 1.81039   -12.36290 -6.20408  1.000 8.70640  ? 107 LEU A CA    1 
ATOM   913  C  C     . LEU A 1 107 ? 1.28919   -13.69237 -5.66978  1.000 11.29764 ? 107 LEU A C     1 
ATOM   914  O  O     . LEU A 1 107 ? 0.61713   -13.73129 -4.62956  1.000 11.29013 ? 107 LEU A O     1 
ATOM   915  C  CB    . LEU A 1 107 ? 0.97214   -11.87698 -7.38566  1.000 10.29005 ? 107 LEU A CB    1 
ATOM   916  C  CG    . LEU A 1 107 ? -0.52952  -11.68391 -7.17771  1.000 16.74120 ? 107 LEU A CG    1 
ATOM   917  C  CD1   . LEU A 1 107 ? -0.79328  -10.95210 -5.87654  1.000 25.91448 ? 107 LEU A CD1   1 
ATOM   918  C  CD2   . LEU A 1 107 ? -1.09719  -10.91074 -8.36152  1.000 19.47703 ? 107 LEU A CD2   1 
ATOM   919  N  N     . VAL A 1 108 ? 1.59644   -14.79865 -6.35776  1.000 13.07481 ? 108 VAL A N     1 
ATOM   920  C  CA    . VAL A 1 108 ? 1.03944   -16.08928 -5.94360  1.000 14.72567 ? 108 VAL A CA    1 
ATOM   921  C  C     . VAL A 1 108 ? 1.53977   -16.49316 -4.56435  1.000 13.19324 ? 108 VAL A C     1 
ATOM   922  O  O     . VAL A 1 108 ? 0.86227   -17.23101 -3.84166  1.000 14.51399 ? 108 VAL A O     1 
ATOM   923  C  CB    . VAL A 1 108 ? 1.34564   -17.18211 -6.98567  1.000 16.15170 ? 108 VAL A CB    1 
ATOM   924  C  CG1   . VAL A 1 108 ? 0.70241   -16.83541 -8.31422  1.000 28.81149 ? 108 VAL A CG1   1 
ATOM   925  C  CG2   . VAL A 1 108 ? 2.85869   -17.38274 -7.13887  1.000 15.13746 ? 108 VAL A CG2   1 
ATOM   926  N  N     . GLY A 1 109 ? 2.72004   -16.03435 -4.17589  1.000 10.17828 ? 109 GLY A N     1 
ATOM   927  C  CA    . GLY A 1 109 ? 3.28810   -16.39026 -2.89831  1.000 12.38958 ? 109 GLY A CA    1 
ATOM   928  C  C     . GLY A 1 109 ? 2.92444   -15.51850 -1.71977  1.000 16.89197 ? 109 GLY A C     1 
ATOM   929  O  O     . GLY A 1 109 ? 3.37356   -15.81341 -0.61192  1.000 15.31352 ? 109 GLY A O     1 
ATOM   930  N  N     . LEU A 1 110 ? 2.13314   -14.45697 -1.89986  1.000 10.74596 ? 110 LEU A N     1 
ATOM   931  C  CA    . LEU A 1 110 ? 1.78853   -13.60634 -0.76784  1.000 11.61747 ? 110 LEU A CA    1 
ATOM   932  C  C     . LEU A 1 110 ? 0.92573   -14.36282 0.23856   1.000 13.21461 ? 110 LEU A C     1 
ATOM   933  O  O     . LEU A 1 110 ? 0.02131   -15.11497 -0.13299  1.000 17.71479 ? 110 LEU A O     1 
ATOM   934  C  CB    . LEU A 1 110 ? 1.04621   -12.35239 -1.23578  1.000 9.87757  ? 110 LEU A CB    1 
ATOM   935  C  CG    . LEU A 1 110 ? 1.81907   -11.39412 -2.13334  1.000 9.39334  ? 110 LEU A CG    1 
ATOM   936  C  CD1   . LEU A 1 110 ? 0.91310   -10.19923 -2.50000  1.000 16.41398 ? 110 LEU A CD1   1 
ATOM   937  C  CD2   . LEU A 1 110 ? 3.09214   -10.92007 -1.44412  1.000 12.52907 ? 110 LEU A CD2   1 
ATOM   938  N  N     . ASN A 1 111 ? 1.22181   -14.15568 1.51920   1.000 14.39654 ? 111 ASN A N     1 
ATOM   939  C  CA    . ASN A 1 111 ? 0.48597   -14.74705 2.62852   1.000 14.97879 ? 111 ASN A CA    1 
ATOM   940  C  C     . ASN A 1 111 ? -0.23933  -13.62406 3.36136   1.000 10.29842 ? 111 ASN A C     1 
ATOM   941  O  O     . ASN A 1 111 ? 0.39850   -12.75823 3.97061   1.000 13.12531 ? 111 ASN A O     1 
ATOM   942  C  CB    . ASN A 1 111 ? 1.43573   -15.50123 3.55834   1.000 16.82443 ? 111 ASN A CB    1 
ATOM   943  C  CG    . ASN A 1 111 ? 0.73465   -16.05568 4.78750   1.000 26.57308 ? 111 ASN A CG    1 
ATOM   944  O  OD1   . ASN A 1 111 ? -0.49292  -16.00452 4.89674   1.000 23.68386 ? 111 ASN A OD1   1 
ATOM   945  N  ND2   . ASN A 1 111 ? 1.51550   -16.60154 5.71768   1.000 35.28470 ? 111 ASN A ND2   1 
ATOM   946  N  N     . ALA A 1 112 ? -1.57980  -13.64477 3.31986   1.000 10.98795 ? 112 ALA A N     1 
ATOM   947  C  CA    . ALA A 1 112 ? -2.33455  -12.55629 3.92851   1.000 12.54549 ? 112 ALA A CA    1 
ATOM   948  C  C     . ALA A 1 112 ? -2.03015  -12.41109 5.41530   1.000 10.75093 ? 112 ALA A C     1 
ATOM   949  O  O     . ALA A 1 112 ? -2.17390  -11.31199 5.96845   1.000 12.54204 ? 112 ALA A O     1 
ATOM   950  C  CB    . ALA A 1 112 ? -3.83662  -12.76617 3.72023   1.000 18.94329 ? 112 ALA A CB    1 
ATOM   951  N  N     . ASP A 1 113 ? -1.61780  -13.50091 6.08127   1.000 12.80990 ? 113 ASP A N     1 
ATOM   952  C  CA    . ASP A 1 113 ? -1.31519  -13.41892 7.50408   1.000 15.26953 ? 113 ASP A CA    1 
ATOM   953  C  C     . ASP A 1 113 ? -0.15002  -12.48257 7.78449   1.000 11.34505 ? 113 ASP A C     1 
ATOM   954  O  O     . ASP A 1 113 ? 0.01080   -12.03290 8.92632   1.000 13.18412 ? 113 ASP A O     1 
ATOM   955  C  CB    . ASP A 1 113 ? -0.98670  -14.80340 8.06891   1.000 16.23393 ? 113 ASP A CB    1 
ATOM   956  C  CG    . ASP A 1 113 ? -2.17863  -15.73585 8.07662   1.000 26.34634 ? 113 ASP A CG    1 
ATOM   957  O  OD1   . ASP A 1 113 ? -3.32726  -15.24744 8.14218   1.000 28.05137 ? 113 ASP A OD1   1 
ATOM   958  O  OD2   . ASP A 1 113 ? -1.95788  -16.96375 8.03183   1.000 28.59055 ? 113 ASP A OD2   1 
ATOM   959  N  N     . ASP A 1 114 ? 0.70008   -12.23063 6.78375   1.000 10.66243 ? 114 ASP A N     1 
ATOM   960  C  CA    . ASP A 1 114 ? 1.87427   -11.38589 6.95221   1.000 11.89364 ? 114 ASP A CA    1 
ATOM   961  C  C     . ASP A 1 114 ? 1.55131   -9.90194  6.88488   1.000 9.30037  ? 114 ASP A C     1 
ATOM   962  O  O     . ASP A 1 114 ? 2.41474   -9.08091  7.21912   1.000 11.68355 ? 114 ASP A O     1 
ATOM   963  C  CB    . ASP A 1 114 ? 2.91236   -11.69128 5.87307   1.000 9.43025  ? 114 ASP A CB    1 
ATOM   964  C  CG    . ASP A 1 114 ? 3.54057   -13.05532 6.01241   1.000 27.45546 ? 114 ASP A CG    1 
ATOM   965  O  OD1   . ASP A 1 114 ? 3.46494   -13.64363 7.10839   1.000 21.70430 ? 114 ASP A OD1   1 
ATOM   966  O  OD2   . ASP A 1 114 ? 4.14242   -13.51826 5.01382   1.000 20.37797 ? 114 ASP A OD2   1 
ATOM   967  N  N     . PHE A 1 115 ? 0.35392   -9.54873  6.44702   1.000 8.50801  ? 115 PHE A N     1 
ATOM   968  C  CA    . PHE A 1 115 ? -0.09488  -8.18532  6.22901   1.000 7.80901  ? 115 PHE A CA    1 
ATOM   969  C  C     . PHE A 1 115 ? -1.11090  -7.81142  7.29551   1.000 11.13657 ? 115 PHE A C     1 
ATOM   970  O  O     . PHE A 1 115 ? -1.62253  -8.68167  8.01171   1.000 12.30483 ? 115 PHE A O     1 
ATOM   971  C  CB    . PHE A 1 115 ? -0.74858  -8.06113  4.84542   1.000 9.06691  ? 115 PHE A CB    1 
ATOM   972  C  CG    . PHE A 1 115 ? 0.20174   -8.18664  3.68743   1.000 9.85382  ? 115 PHE A CG    1 
ATOM   973  C  CD1   . PHE A 1 115 ? 0.70721   -9.42346  3.31171   1.000 7.78831  ? 115 PHE A CD1   1 
ATOM   974  C  CD2   . PHE A 1 115 ? 0.55487   -7.06119  2.94472   1.000 8.53164  ? 115 PHE A CD2   1 
ATOM   975  C  CE1   . PHE A 1 115 ? 1.56508   -9.53800  2.23569   1.000 12.31432 ? 115 PHE A CE1   1 
ATOM   976  C  CE2   . PHE A 1 115 ? 1.40165   -7.16593  1.86354   1.000 12.05301 ? 115 PHE A CE2   1 
ATOM   977  C  CZ    . PHE A 1 115 ? 1.91258   -8.40730  1.50830   1.000 9.23703  ? 115 PHE A CZ    1 
ATOM   978  N  N     . PRO A 1 116 ? -1.44084  -6.52778  7.43411   1.000 9.32157  ? 116 PRO A N     1 
ATOM   979  C  CA    . PRO A 1 116 ? -2.54303  -6.16233  8.31831   1.000 8.95622  ? 116 PRO A CA    1 
ATOM   980  C  C     . PRO A 1 116 ? -3.80625  -6.87636  7.89456   1.000 11.69297 ? 116 PRO A C     1 
ATOM   981  O  O     . PRO A 1 116 ? -4.00625  -7.17197  6.70151   1.000 12.41814 ? 116 PRO A O     1 
ATOM   982  C  CB    . PRO A 1 116 ? -2.66343  -4.64387  8.12901   1.000 9.02439  ? 116 PRO A CB    1 
ATOM   983  C  CG    . PRO A 1 116 ? -1.27421  -4.22327  7.70861   1.000 8.18732  ? 116 PRO A CG    1 
ATOM   984  C  CD    . PRO A 1 116 ? -0.81545  -5.34184  6.82009   1.000 8.66557  ? 116 PRO A CD    1 
ATOM   985  N  N     . PRO A 1 117 ? -4.68536  -7.20004  8.84208   1.000 11.12655 ? 117 PRO A N     1 
ATOM   986  C  CA    . PRO A 1 117 ? -5.87312  -7.99001  8.48764   1.000 11.71836 ? 117 PRO A CA    1 
ATOM   987  C  C     . PRO A 1 117 ? -6.80061  -7.27290  7.52160   1.000 10.83226 ? 117 PRO A C     1 
ATOM   988  O  O     . PRO A 1 117 ? -7.55506  -7.93787  6.79649   1.000 12.54233 ? 117 PRO A O     1 
ATOM   989  C  CB    . PRO A 1 117 ? -6.54772  -8.24160  9.84749   1.000 13.58303 ? 117 PRO A CB    1 
ATOM   990  C  CG    . PRO A 1 117 ? -5.97137  -7.20433  10.76923  1.000 10.98960 ? 117 PRO A CG    1 
ATOM   991  C  CD    . PRO A 1 117 ? -4.57116  -6.96872  10.28928  1.000 15.25499 ? 117 PRO A CD    1 
ATOM   992  N  N     . ALA A 1 118 ? -6.73729  -5.94071  7.45501   1.000 12.28844 ? 118 ALA A N     1 
ATOM   993  C  CA    . ALA A 1 118 ? -7.55036  -5.20653  6.49273   1.000 12.12352 ? 118 ALA A CA    1 
ATOM   994  C  C     . ALA A 1 118 ? -7.23482  -5.60715  5.05820   1.000 13.87085 ? 118 ALA A C     1 
ATOM   995  O  O     . ALA A 1 118 ? -8.09188  -5.48606  4.17848   1.000 14.99914 ? 118 ALA A O     1 
ATOM   996  C  CB    . ALA A 1 118 ? -7.33056  -3.70619  6.67778   1.000 18.56259 ? 118 ALA A CB    1 
ATOM   997  N  N     . ASN A 1 119 ? -6.01320  -6.07248  4.79452   1.000 10.57863 ? 119 ASN A N     1 
ATOM   998  C  CA    . ASN A 1 119 ? -5.61014  -6.38915  3.42780   1.000 7.21309  ? 119 ASN A CA    1 
ATOM   999  C  C     . ASN A 1 119 ? -6.11735  -7.73440  2.92585   1.000 12.07472 ? 119 ASN A C     1 
ATOM   1000 O  O     . ASN A 1 119 ? -5.95147  -8.02487  1.73530   1.000 12.95380 ? 119 ASN A O     1 
ATOM   1001 C  CB    . ASN A 1 119 ? -4.07810  -6.37367  3.30436   1.000 7.11389  ? 119 ASN A CB    1 
ATOM   1002 C  CG    . ASN A 1 119 ? -3.48325  -5.00360  3.52434   1.000 12.10476 ? 119 ASN A CG    1 
ATOM   1003 O  OD1   . ASN A 1 119 ? -4.05633  -4.15933  4.20811   1.000 13.32819 ? 119 ASN A OD1   1 
ATOM   1004 N  ND2   . ASN A 1 119 ? -2.31667  -4.77670  2.93911   1.000 9.71398  ? 119 ASN A ND2   1 
ATOM   1005 N  N     . GLU A 1 120 ? -6.71632  -8.56000  3.78654   1.000 13.87457 ? 120 GLU A N     1 
ATOM   1006 C  CA    . GLU A 1 120 ? -7.07541  -9.92448  3.39726   1.000 11.31069 ? 120 GLU A CA    1 
ATOM   1007 C  C     . GLU A 1 120 ? -7.90923  -10.00047 2.12074   1.000 11.29330 ? 120 GLU A C     1 
ATOM   1008 O  O     . GLU A 1 120 ? -7.50680  -10.72651 1.19846   1.000 15.53808 ? 120 GLU A O     1 
ATOM   1009 C  CB    . GLU A 1 120 ? -7.77999  -10.61617 4.57851   1.000 18.93042 ? 120 GLU A CB    1 
ATOM   1010 C  CG    . GLU A 1 120 ? -6.88093  -10.81029 5.80440   1.000 31.96594 ? 120 GLU A CG    1 
ATOM   1011 C  CD    . GLU A 1 120 ? -6.43964  -12.25531 6.00285   1.000 53.93289 ? 120 GLU A CD    1 
ATOM   1012 O  OE1   . GLU A 1 120 ? -7.03433  -13.15166 5.36097   1.000 56.58736 ? 120 GLU A OE1   1 
ATOM   1013 O  OE2   . GLU A 1 120 ? -5.49703  -12.49119 6.79894   1.000 36.86635 ? 120 GLU A OE2   1 
ATOM   1014 N  N     . PRO A 1 121 ? -9.02927  -9.27407  1.96945   1.000 12.68926 ? 121 PRO A N     1 
ATOM   1015 C  CA    . PRO A 1 121 ? -9.79447  -9.39076  0.71062   1.000 17.07279 ? 121 PRO A CA    1 
ATOM   1016 C  C     . PRO A 1 121 ? -9.04643  -8.87762  -0.51086  1.000 17.80470 ? 121 PRO A C     1 
ATOM   1017 O  O     . PRO A 1 121 ? -9.26236  -9.38630  -1.62164  1.000 15.92609 ? 121 PRO A O     1 
ATOM   1018 C  CB    . PRO A 1 121 ? -11.05693 -8.56298  0.98124   1.000 18.72208 ? 121 PRO A CB    1 
ATOM   1019 C  CG    . PRO A 1 121 ? -10.68580 -7.64357  2.07906   1.000 17.37308 ? 121 PRO A CG    1 
ATOM   1020 C  CD    . PRO A 1 121 ? -9.65271  -8.33210  2.91191   1.000 12.11833 ? 121 PRO A CD    1 
ATOM   1021 N  N     . VAL A 1 122 ? -8.17455  -7.88380  -0.34243  1.000 12.38027 ? 122 VAL A N     1 
ATOM   1022 C  CA    . VAL A 1 122 ? -7.40582  -7.36731  -1.47430  1.000 11.36640 ? 122 VAL A CA    1 
ATOM   1023 C  C     . VAL A 1 122 ? -6.39301  -8.39331  -1.96062  1.000 15.30224 ? 122 VAL A C     1 
ATOM   1024 O  O     . VAL A 1 122 ? -6.20972  -8.57855  -3.17081  1.000 15.49929 ? 122 VAL A O     1 
ATOM   1025 C  CB    . VAL A 1 122 ? -6.72332  -6.04493  -1.08558  1.000 12.11962 ? 122 VAL A CB    1 
ATOM   1026 C  CG1   . VAL A 1 122 ? -5.79293  -5.57606  -2.19973  1.000 16.87473 ? 122 VAL A CG1   1 
ATOM   1027 C  CG2   . VAL A 1 122 ? -7.77347  -4.98892  -0.79279  1.000 16.30516 ? 122 VAL A CG2   1 
ATOM   1028 N  N     . ILE A 1 123 ? -5.70200  -9.05946  -1.03592  1.000 15.49971 ? 123 ILE A N     1 
ATOM   1029 C  CA    . ILE A 1 123 ? -4.71811  -10.05824 -1.43986  1.000 15.22004 ? 123 ILE A CA    1 
ATOM   1030 C  C     . ILE A 1 123 ? -5.40497  -11.20224 -2.17235  1.000 16.50171 ? 123 ILE A C     1 
ATOM   1031 O  O     . ILE A 1 123 ? -4.93804  -11.65684 -3.22202  1.000 15.49820 ? 123 ILE A O     1 
ATOM   1032 C  CB    . ILE A 1 123 ? -3.92789  -10.53624 -0.21102  1.000 11.78866 ? 123 ILE A CB    1 
ATOM   1033 C  CG1   . ILE A 1 123 ? -3.01220  -9.40410  0.26376   1.000 19.32300 ? 123 ILE A CG1   1 
ATOM   1034 C  CG2   . ILE A 1 123 ? -3.14693  -11.79823 -0.51888  1.000 17.45884 ? 123 ILE A CG2   1 
ATOM   1035 C  CD1   . ILE A 1 123 ? -2.34854  -9.67584  1.57183   1.000 22.74932 ? 123 ILE A CD1   1 
ATOM   1036 N  N     . ALA A 1 124 ? -6.55529  -11.64723 -1.65989  1.000 16.16015 ? 124 ALA A N     1 
ATOM   1037 C  CA    . ALA A 1 124 ? -7.32437  -12.68787 -2.33787  1.000 16.85075 ? 124 ALA A CA    1 
ATOM   1038 C  C     . ALA A 1 124 ? -7.74085  -12.24699 -3.73417  1.000 17.75755 ? 124 ALA A C     1 
ATOM   1039 O  O     . ALA A 1 124 ? -7.59771  -12.99587 -4.70874  1.000 17.89663 ? 124 ALA A O     1 
ATOM   1040 C  CB    . ALA A 1 124 ? -8.55214  -13.04979 -1.50175  1.000 16.64660 ? 124 ALA A CB    1 
ATOM   1041 N  N     . LYS A 1 125 ? -8.26919  -11.02868 -3.84805  1.000 17.82516 ? 125 LYS A N     1 
ATOM   1042 C  CA    . LYS A 1 125 ? -8.73257  -10.53749 -5.14084  1.000 18.55921 ? 125 LYS A CA    1 
ATOM   1043 C  C     . LYS A 1 125 ? -7.57352  -10.40392 -6.12361  1.000 24.90824 ? 125 LYS A C     1 
ATOM   1044 O  O     . LYS A 1 125 ? -7.73668  -10.66663 -7.32080  1.000 18.85555 ? 125 LYS A O     1 
ATOM   1045 C  CB    . LYS A 1 125 ? -9.45742  -9.20309  -4.94867  1.000 17.53461 ? 125 LYS A CB    1 
ATOM   1046 C  CG    . LYS A 1 125 ? -10.00789 -8.57883  -6.22772  1.000 32.32028 ? 125 LYS A CG    1 
ATOM   1047 C  CD    . LYS A 1 125 ? -10.64116 -7.22002  -5.95086  1.000 34.54100 ? 125 LYS A CD    1 
ATOM   1048 C  CE    . LYS A 1 125 ? -11.06463 -6.52858  -7.23962  1.000 41.21691 ? 125 LYS A CE    1 
ATOM   1049 N  NZ    . LYS A 1 125 ? -11.63006 -5.17828  -6.97739  1.000 37.46854 ? 125 LYS A NZ    1 
ATOM   1050 N  N     . LEU A 1 126 ? -6.38496  -10.02637 -5.62793  1.000 16.85339 ? 126 LEU A N     1 
ATOM   1051 C  CA    . LEU A 1 126 ? -5.21047  -9.90437  -6.49047  1.000 19.19288 ? 126 LEU A CA    1 
ATOM   1052 C  C     . LEU A 1 126 ? -4.81265  -11.24785 -7.08394  1.000 17.24225 ? 126 LEU A C     1 
ATOM   1053 O  O     . LEU A 1 126 ? -4.43171  -11.33036 -8.25761  1.000 21.31775 ? 126 LEU A O     1 
ATOM   1054 C  CB    . LEU A 1 126 ? -4.03507  -9.32662  -5.70410  1.000 19.59332 ? 126 LEU A CB    1 
ATOM   1055 C  CG    . LEU A 1 126 ? -3.84273  -7.81466  -5.62361  1.000 21.05276 ? 126 LEU A CG    1 
ATOM   1056 C  CD1   . LEU A 1 126 ? -2.69064  -7.50690  -4.68561  1.000 21.82768 ? 126 LEU A CD1   1 
ATOM   1057 C  CD2   . LEU A 1 126 ? -3.58250  -7.22574  -7.00423  1.000 20.59821 ? 126 LEU A CD2   1 
ATOM   1058 N  N     . LYS A 1 127 ? -4.85910  -12.30412 -6.27781  1.000 20.19752 ? 127 LYS A N     1 
ATOM   1059 C  CA    . LYS A 1 127 ? -4.52167  -13.64145 -6.75074  1.000 27.19789 ? 127 LYS A CA    1 
ATOM   1060 C  C     . LYS A 1 127 ? -5.52663  -14.17917 -7.75686  1.000 35.45885 ? 127 LYS A C     1 
ATOM   1061 O  O     . LYS A 1 127 ? -5.22843  -15.16473 -8.43701  1.000 40.40603 ? 127 LYS A O     1 
ATOM   1062 C  CB    . LYS A 1 127 ? -4.42452  -14.59853 -5.56625  1.000 25.96534 ? 127 LYS A CB    1 
ATOM   1063 C  CG    . LYS A 1 127 ? -3.29945  -14.27679 -4.60459  1.000 19.48529 ? 127 LYS A CG    1 
ATOM   1064 C  CD    . LYS A 1 127 ? -3.15729  -15.39406 -3.60359  1.000 19.03642 ? 127 LYS A CD    1 
ATOM   1065 C  CE    . LYS A 1 127 ? -2.04533  -15.12609 -2.61826  1.000 24.20356 ? 127 LYS A CE    1 
ATOM   1066 N  NZ    . LYS A 1 127 ? -2.11845  -16.09669 -1.50634  1.000 24.95652 ? 127 LYS A NZ    1 
ATOM   1067 N  N     . ARG A 1 128 ? -6.70377  -13.56201 -7.85512  1.000 29.72447 ? 128 ARG A N     1 
ATOM   1068 C  CA    . ARG A 1 128 ? -7.72075  -13.96105 -8.81771  1.000 39.83607 ? 128 ARG A CA    1 
ATOM   1069 C  C     . ARG A 1 128 ? -7.49461  -13.35510 -10.20117 1.000 47.80046 ? 128 ARG A C     1 
ATOM   1070 O  O     . ARG A 1 128 ? -8.05397  -13.85982 -11.18184 1.000 51.25454 ? 128 ARG A O     1 
ATOM   1071 C  CB    . ARG A 1 128 ? -9.09438  -13.56851 -8.26875  1.000 39.66395 ? 128 ARG A CB    1 
ATOM   1072 C  CG    . ARG A 1 128 ? -10.28202 -13.90388 -9.13542  1.000 64.25226 ? 128 ARG A CG    1 
ATOM   1073 C  CD    . ARG A 1 128 ? -11.50575 -13.17644 -8.61238  1.000 76.91847 ? 128 ARG A CD    1 
ATOM   1074 N  NE    . ARG A 1 128 ? -12.51687 -12.97390 -9.64428  1.000 70.41018 ? 128 ARG A NE    1 
ATOM   1075 C  CZ    . ARG A 1 128 ? -13.54487 -12.14303 -9.51838  1.000 80.47542 ? 128 ARG A CZ    1 
ATOM   1076 N  NH1   . ARG A 1 128 ? -13.69092 -11.43502 -8.40567  1.000 78.44781 ? 128 ARG A NH1   1 
ATOM   1077 N  NH2   . ARG A 1 128 ? -14.42260 -12.01497 -10.50496 1.000 87.09248 ? 128 ARG A NH2   1 
ATOM   1078 N  N     . LEU A 1 129 ? -6.68400  -12.30190 -10.30545 1.000 37.22752 ? 129 LEU A N     1 
ATOM   1079 C  CA    . LEU A 1 129 ? -6.34677  -11.68987 -11.59534 1.000 47.67145 ? 129 LEU A CA    1 
ATOM   1080 C  C     . LEU A 1 129 ? -5.82299  -12.71375 -12.60254 1.000 57.16751 ? 129 LEU A C     1 
ATOM   1081 O  O     . LEU A 1 129 ? -4.65986  -13.11885 -12.54787 1.000 55.36401 ? 129 LEU A O     1 
ATOM   1082 C  CB    . LEU A 1 129 ? -5.30427  -10.58341 -11.41012 1.000 46.53443 ? 129 LEU A CB    1 
ATOM   1083 C  CG    . LEU A 1 129 ? -5.71731  -9.38098  -10.56004 1.000 38.23976 ? 129 LEU A CG    1 
ATOM   1084 C  CD1   . LEU A 1 129 ? -4.58245  -8.36705  -10.46587 1.000 36.35804 ? 129 LEU A CD1   1 
ATOM   1085 C  CD2   . LEU A 1 129 ? -6.97387  -8.74517  -11.12386 1.000 44.77983 ? 129 LEU A CD2   1 
HETATM 1086 S  S     . SO4 B 2 .   ? -1.16707  9.98073   -14.66020 0.550 32.76925 ? 201 SO4 A S     1 
HETATM 1087 O  O1    . SO4 B 2 .   ? -2.44404  10.62439  -14.97286 0.550 24.54987 ? 201 SO4 A O1    1 
HETATM 1088 O  O2    . SO4 B 2 .   ? -0.11944  10.98160  -14.46111 0.550 30.25716 ? 201 SO4 A O2    1 
HETATM 1089 O  O3    . SO4 B 2 .   ? -0.76441  9.13324   -15.77241 0.550 16.92362 ? 201 SO4 A O3    1 
HETATM 1090 O  O4    . SO4 B 2 .   ? -1.32591  9.20938   -13.42878 0.550 29.03037 ? 201 SO4 A O4    1 
HETATM 1091 P  PG    A 8DG C 3 .   ? 4.61425   7.95364   8.40109   0.700 48.30067 ? 202 8DG A PG    1 
HETATM 1092 O  O1G   A 8DG C 3 .   ? 5.21970   6.66152   7.90745   0.700 34.49528 ? 202 8DG A O1G   1 
HETATM 1093 O  O2G   A 8DG C 3 .   ? 4.71904   8.11700   9.89966   0.700 46.44842 ? 202 8DG A O2G   1 
HETATM 1094 O  O3G   A 8DG C 3 .   ? 4.99929   9.19060   7.62548   0.700 35.79663 ? 202 8DG A O3G   1 
HETATM 1095 O  O3B   A 8DG C 3 .   ? 3.02240   7.81484   8.16696   0.700 24.67085 ? 202 8DG A O3B   1 
HETATM 1096 P  PB    A 8DG C 3 .   ? 2.25673   7.38836   6.80034   0.700 19.03979 ? 202 8DG A PB    1 
HETATM 1097 O  O1B   A 8DG C 3 .   ? 1.47949   8.59143   6.29863   0.700 18.14800 ? 202 8DG A O1B   1 
HETATM 1098 O  O2B   A 8DG C 3 .   ? 3.11816   6.63663   5.80108   0.700 12.90885 ? 202 8DG A O2B   1 
HETATM 1099 O  O3A   A 8DG C 3 .   ? 1.12512   6.44329   7.44819   0.700 16.23184 ? 202 8DG A O3A   1 
HETATM 1100 P  PA    A 8DG C 3 .   ? 1.13188   4.84009   7.56720   0.700 12.87390 ? 202 8DG A PA    1 
HETATM 1101 O  O1A   A 8DG C 3 .   ? 1.70757   4.20659   6.32139   0.700 12.93967 ? 202 8DG A O1A   1 
HETATM 1102 O  O2A   A 8DG C 3 .   ? 1.66656   4.43502   8.91562   0.700 13.46093 ? 202 8DG A O2A   1 
HETATM 1103 O  "O5'" A 8DG C 3 .   ? -0.45767  4.62237   7.56522   0.700 12.09788 ? 202 8DG A "O5'" 1 
HETATM 1104 C  "C5'" A 8DG C 3 .   ? -0.99691  3.37036   7.17396   0.700 10.71952 ? 202 8DG A "C5'" 1 
HETATM 1105 C  "C4'" A 8DG C 3 .   ? -2.14541  2.96951   8.09369   0.700 11.01249 ? 202 8DG A "C4'" 1 
HETATM 1106 O  "O4'" A 8DG C 3 .   ? -2.98505  2.05904   7.39084   0.700 9.91666  ? 202 8DG A "O4'" 1 
HETATM 1107 C  "C3'" A 8DG C 3 .   ? -1.65428  2.19130   9.29771   0.700 11.58368 ? 202 8DG A "C3'" 1 
HETATM 1108 O  "O3'" A 8DG C 3 .   ? -2.69625  2.22464   10.28227  0.700 11.43476 ? 202 8DG A "O3'" 1 
HETATM 1109 C  "C2'" A 8DG C 3 .   ? -1.55989  0.77730   8.77087   0.700 9.10285  ? 202 8DG A "C2'" 1 
HETATM 1110 C  "C1'" A 8DG C 3 .   ? -2.79695  0.73052   7.87893   0.700 10.32790 ? 202 8DG A "C1'" 1 
HETATM 1111 N  N9    A 8DG C 3 .   ? -2.60423  -0.21719  6.76047   0.700 10.97999 ? 202 8DG A N9    1 
HETATM 1112 C  C8    A 8DG C 3 .   ? -3.27997  -1.33434  6.51862   0.700 8.90308  ? 202 8DG A C8    1 
HETATM 1113 N  N7    A 8DG C 3 .   ? -2.89487  -1.99077  5.40847   0.700 9.38774  ? 202 8DG A N7    1 
HETATM 1114 C  C5    A 8DG C 3 .   ? -1.89739  -1.20480  4.91163   0.700 8.06097  ? 202 8DG A C5    1 
HETATM 1115 C  C6    A 8DG C 3 .   ? -1.01257  -1.27966  3.71813   0.700 8.58472  ? 202 8DG A C6    1 
HETATM 1116 O  O6    A 8DG C 3 .   ? -1.07680  -2.22799  2.90113   0.700 9.79981  ? 202 8DG A O6    1 
HETATM 1117 N  N1    A 8DG C 3 .   ? -0.12327  -0.28577  3.52193   0.700 7.68965  ? 202 8DG A N1    1 
HETATM 1118 C  C2    A 8DG C 3 .   ? -0.02896  0.75283   4.37889   0.700 6.17625  ? 202 8DG A C2    1 
HETATM 1119 N  N2    A 8DG C 3 .   ? 0.86481   1.74085   4.15435   0.700 9.12758  ? 202 8DG A N2    1 
HETATM 1120 N  N3    A 8DG C 3 .   ? -0.81080  0.82910   5.47268   0.700 8.32050  ? 202 8DG A N3    1 
HETATM 1121 C  C4    A 8DG C 3 .   ? -1.74632  -0.10269  5.74895   0.700 9.06777  ? 202 8DG A C4    1 
HETATM 1122 O  O8    A 8DG C 3 .   ? -4.20522  -1.76532  7.30366   0.700 9.79722  ? 202 8DG A O8    1 
HETATM 1123 O  OP3   B 8OG D 4 .   ? 1.63745   4.37232   8.98856   0.300 13.48540 ? 203 8OG A OP3   1 
HETATM 1124 P  P     B 8OG D 4 .   ? 1.15472   4.94140   7.67885   0.300 12.83346 ? 203 8OG A P     1 
HETATM 1125 O  OP1   B 8OG D 4 .   ? 1.31896   6.43557   7.54310   0.300 15.96487 ? 203 8OG A OP1   1 
HETATM 1126 O  OP2   B 8OG D 4 .   ? 1.59661   4.14354   6.47266   0.300 12.97295 ? 203 8OG A OP2   1 
HETATM 1127 O  "O5'" B 8OG D 4 .   ? -0.43968  4.73744   7.72977   0.300 12.20412 ? 203 8OG A "O5'" 1 
HETATM 1128 C  "C5'" B 8OG D 4 .   ? -0.98850  3.53040   7.21082   0.300 10.85642 ? 203 8OG A "C5'" 1 
HETATM 1129 C  "C4'" B 8OG D 4 .   ? -2.09513  2.96886   8.09823   0.300 11.04555 ? 203 8OG A "C4'" 1 
HETATM 1130 O  "O4'" B 8OG D 4 .   ? -2.87085  2.08591   7.29155   0.300 9.79226  ? 203 8OG A "O4'" 1 
HETATM 1131 C  "C3'" B 8OG D 4 .   ? -1.55448  2.14596   9.25535   0.300 11.47009 ? 203 8OG A "C3'" 1 
HETATM 1132 O  "O3'" B 8OG D 4 .   ? -2.39237  2.36123   10.39419  0.300 13.65081 ? 203 8OG A "O3'" 1 
HETATM 1133 C  "C2'" B 8OG D 4 .   ? -1.71364  0.70118   8.82772   0.300 9.54042  ? 203 8OG A "C2'" 1 
HETATM 1134 C  "C1'" B 8OG D 4 .   ? -2.86032  0.76440   7.82712   0.300 10.29235 ? 203 8OG A "C1'" 1 
HETATM 1135 N  N9    B 8OG D 4 .   ? -2.62215  -0.19303  6.72458   0.300 10.87238 ? 203 8OG A N9    1 
HETATM 1136 C  C8    B 8OG D 4 .   ? -3.25834  -1.33003  6.47483   0.300 8.92822  ? 203 8OG A C8    1 
HETATM 1137 N  N7    B 8OG D 4 .   ? -2.82811  -1.98076  5.38114   0.300 9.46277  ? 203 8OG A N7    1 
HETATM 1138 C  C5    B 8OG D 4 .   ? -1.84510  -1.17676  4.89428   0.300 8.06634  ? 203 8OG A C5    1 
HETATM 1139 C  C6    B 8OG D 4 .   ? -1.00301  -1.26153  3.79037   0.300 8.55819  ? 203 8OG A C6    1 
HETATM 1140 O  O6    B 8OG D 4 .   ? -1.06650  -2.23924  3.01250   0.300 9.70525  ? 203 8OG A O6    1 
HETATM 1141 N  N1    B 8OG D 4 .   ? -0.11429  -0.28656  3.55383   0.300 7.71978  ? 203 8OG A N1    1 
HETATM 1142 C  C2    B 8OG D 4 .   ? -0.02445  0.77192   4.36806   0.300 6.31140  ? 203 8OG A C2    1 
HETATM 1143 N  N2    B 8OG D 4 .   ? 0.87428   1.74979   4.11182   0.300 9.09831  ? 203 8OG A N2    1 
HETATM 1144 N  N3    B 8OG D 4 .   ? -0.81891  0.88379   5.45277   0.300 8.38742  ? 203 8OG A N3    1 
HETATM 1145 C  C4    B 8OG D 4 .   ? -1.73976  -0.06525  5.72847   0.300 9.06661  ? 203 8OG A C4    1 
HETATM 1146 O  O8    B 8OG D 4 .   ? -4.19484  -1.78192  7.23503   0.300 9.84998  ? 203 8OG A O8    1 
HETATM 1147 MG MG    . MG  E 5 .   ? 3.26084   4.71515   5.12696   1.000 11.53294 ? 204 MG  A MG    1 
HETATM 1148 MG MG    . MG  F 5 .   ? 2.38580   10.31633  5.46827   0.700 19.08695 ? 205 MG  A MG    1 
HETATM 1149 MG MG    . MG  G 5 .   ? 4.43747   7.62877   4.45902   0.700 22.48393 ? 206 MG  A MG    1 
HETATM 1150 O  O     . HOH H 6 .   ? 11.86523  -12.58870 -10.37986 1.000 36.98173 ? 301 HOH A O     1 
HETATM 1151 O  O     . HOH H 6 .   ? 0.59096   11.64167  5.18618   1.000 22.96996 ? 302 HOH A O     1 
HETATM 1152 O  O     . HOH H 6 .   ? -1.32284  8.79050   -18.14660 1.000 25.18695 ? 303 HOH A O     1 
HETATM 1153 O  O     . HOH H 6 .   ? 9.75412   10.36753  4.10118   1.000 28.85741 ? 304 HOH A O     1 
HETATM 1154 O  O     . HOH H 6 .   ? 11.20361  -10.85156 -11.99772 1.000 34.65878 ? 305 HOH A O     1 
HETATM 1155 O  O     . HOH H 6 .   ? -5.10605  -0.78112  16.41551  1.000 16.36683 ? 306 HOH A O     1 
HETATM 1156 O  O     . HOH H 6 .   ? 6.23622   7.26048   5.66684   1.000 28.09145 ? 307 HOH A O     1 
HETATM 1157 O  O     . HOH H 6 .   ? 16.19653  8.54480   1.20445   1.000 27.92435 ? 308 HOH A O     1 
HETATM 1158 O  O     . HOH H 6 .   ? 0.79048   10.42739  -11.60358 1.000 24.44825 ? 309 HOH A O     1 
HETATM 1159 O  O     . HOH H 6 .   ? -14.21778 -0.91466  -4.36841  1.000 35.63024 ? 310 HOH A O     1 
HETATM 1160 O  O     . HOH H 6 .   ? 4.18205   4.53638   9.51443   1.000 31.09750 ? 311 HOH A O     1 
HETATM 1161 O  O     . HOH H 6 .   ? -12.25850 -0.96390  17.58722  1.000 18.89255 ? 312 HOH A O     1 
HETATM 1162 O  O     . HOH H 6 .   ? 8.29218   -14.25462 -9.37292  1.000 22.06238 ? 313 HOH A O     1 
HETATM 1163 O  O     B HOH H 6 .   ? 3.19390   6.78193   5.75032   0.300 14.73915 ? 314 HOH A O     1 
HETATM 1164 O  O     . HOH H 6 .   ? -2.61688  0.27000   -13.02188 1.000 28.57564 ? 315 HOH A O     1 
HETATM 1165 O  O     . HOH H 6 .   ? -0.31364  16.97387  0.87834   1.000 23.63904 ? 316 HOH A O     1 
HETATM 1166 O  O     . HOH H 6 .   ? 1.85314   -6.03267  14.29952  1.000 25.65141 ? 317 HOH A O     1 
HETATM 1167 O  O     . HOH H 6 .   ? -9.59274  8.95139   -10.47599 1.000 18.53792 ? 318 HOH A O     1 
HETATM 1168 O  O     . HOH H 6 .   ? -6.17163  18.59708  -4.16860  1.000 13.58422 ? 319 HOH A O     1 
HETATM 1169 O  O     . HOH H 6 .   ? -3.83095  16.98168  6.93559   1.000 31.76971 ? 320 HOH A O     1 
HETATM 1170 O  O     . HOH H 6 .   ? 3.60516   -3.42594  -14.74369 1.000 19.62491 ? 321 HOH A O     1 
HETATM 1171 O  O     . HOH H 6 .   ? 4.00114   11.72750  4.65976   1.000 29.24507 ? 322 HOH A O     1 
HETATM 1172 O  O     . HOH H 6 .   ? -11.71291 -10.27267 -2.12024  1.000 26.21382 ? 323 HOH A O     1 
HETATM 1173 O  O     . HOH H 6 .   ? 7.04023   1.82662   2.16649   1.000 14.75328 ? 324 HOH A O     1 
HETATM 1174 O  O     . HOH H 6 .   ? 5.88920   8.65050   3.46208   1.000 27.95979 ? 325 HOH A O     1 
HETATM 1175 O  O     . HOH H 6 .   ? 3.63231   14.74568  -5.08755  1.000 13.52321 ? 326 HOH A O     1 
HETATM 1176 O  O     . HOH H 6 .   ? -6.41269  14.52592  -8.00856  1.000 15.62564 ? 327 HOH A O     1 
HETATM 1177 O  O     . HOH H 6 .   ? 4.80761   4.34274   6.64611   1.000 11.59666 ? 328 HOH A O     1 
HETATM 1178 O  O     . HOH H 6 .   ? 6.24602   2.06831   6.29969   1.000 15.53920 ? 329 HOH A O     1 
HETATM 1179 O  O     . HOH H 6 .   ? -4.12037  -9.39841  5.21098   1.000 14.56113 ? 330 HOH A O     1 
HETATM 1180 O  O     . HOH H 6 .   ? -2.44156  4.80743   11.53688  1.000 19.08604 ? 331 HOH A O     1 
HETATM 1181 O  O     . HOH H 6 .   ? 0.17776   -18.57363 7.62246   1.000 45.38683 ? 332 HOH A O     1 
HETATM 1182 O  O     . HOH H 6 .   ? 8.62703   3.39794   5.36650   1.000 22.94233 ? 333 HOH A O     1 
HETATM 1183 O  O     . HOH H 6 .   ? 7.29681   -15.77727 -3.58880  1.000 14.40656 ? 334 HOH A O     1 
HETATM 1184 O  O     . HOH H 6 .   ? 11.31321  10.17229  1.77851   1.000 14.58886 ? 335 HOH A O     1 
HETATM 1185 O  O     . HOH H 6 .   ? 2.90944   -2.64982  -3.66609  1.000 8.89131  ? 336 HOH A O     1 
HETATM 1186 O  O     . HOH H 6 .   ? -9.61413  13.35329  -7.66883  1.000 14.09381 ? 337 HOH A O     1 
HETATM 1187 O  O     . HOH H 6 .   ? -15.04447 6.69872   4.71245   1.000 29.30948 ? 338 HOH A O     1 
HETATM 1188 O  O     . HOH H 6 .   ? -3.62852  7.78416   -13.21442 1.000 26.64950 ? 339 HOH A O     1 
HETATM 1189 O  O     . HOH H 6 .   ? -0.45078  2.16689   -13.37778 1.000 17.75514 ? 340 HOH A O     1 
HETATM 1190 O  O     . HOH H 6 .   ? -4.89181  1.89146   -15.26802 1.000 31.85351 ? 341 HOH A O     1 
HETATM 1191 O  O     . HOH H 6 .   ? -0.17878  16.18842  -2.62174  1.000 15.75332 ? 342 HOH A O     1 
HETATM 1192 O  O     . HOH H 6 .   ? -3.25128  -12.92666 -10.21257 1.000 37.93020 ? 343 HOH A O     1 
HETATM 1193 O  O     . HOH H 6 .   ? 3.54910   2.74686   4.49178   1.000 12.02734 ? 344 HOH A O     1 
HETATM 1194 O  O     . HOH H 6 .   ? 15.29776  -11.07999 -0.49838  1.000 30.56726 ? 345 HOH A O     1 
HETATM 1195 O  O     . HOH H 6 .   ? 12.47055  -9.73813  3.78149   1.000 37.48311 ? 346 HOH A O     1 
HETATM 1196 O  O     . HOH H 6 .   ? 5.12635   -16.05858 4.73499   1.000 31.91233 ? 347 HOH A O     1 
HETATM 1197 O  O     . HOH H 6 .   ? 13.58445  5.58858   -7.87687  1.000 13.69541 ? 348 HOH A O     1 
HETATM 1198 O  O     . HOH H 6 .   ? -13.89627 7.73984   2.15068   1.000 23.27357 ? 349 HOH A O     1 
HETATM 1199 O  O     . HOH H 6 .   ? 13.12917  -2.17261  -7.57727  1.000 9.37335  ? 350 HOH A O     1 
HETATM 1200 O  O     . HOH H 6 .   ? 2.91038   -14.46657 -9.12816  1.000 22.64884 ? 351 HOH A O     1 
HETATM 1201 O  O     . HOH H 6 .   ? 13.86996  -4.29001  -10.79958 1.000 19.56646 ? 352 HOH A O     1 
HETATM 1202 O  O     . HOH H 6 .   ? -13.10753 -7.64445  -2.01337  1.000 41.64613 ? 353 HOH A O     1 
HETATM 1203 O  O     . HOH H 6 .   ? 8.19710   4.43349   -16.99205 1.000 41.29571 ? 354 HOH A O     1 
HETATM 1204 O  O     . HOH H 6 .   ? 10.36327  3.49461   19.28444  1.000 37.88850 ? 355 HOH A O     1 
HETATM 1205 O  O     . HOH H 6 .   ? -8.04066  -1.76595  -10.76944 1.000 28.19777 ? 356 HOH A O     1 
HETATM 1206 O  O     . HOH H 6 .   ? -4.61112  21.95256  -1.33914  1.000 16.35880 ? 357 HOH A O     1 
HETATM 1207 O  O     . HOH H 6 .   ? 0.35271   4.98547   11.38392  1.000 22.29539 ? 358 HOH A O     1 
HETATM 1208 O  O     . HOH H 6 .   ? -9.60385  -10.24132 -9.34643  1.000 38.08266 ? 359 HOH A O     1 
HETATM 1209 O  O     . HOH H 6 .   ? -8.05402  -6.21351  14.12401  1.000 23.06736 ? 360 HOH A O     1 
HETATM 1210 O  O     . HOH H 6 .   ? -4.39507  8.71080   -15.57625 1.000 32.29823 ? 361 HOH A O     1 
HETATM 1211 O  O     . HOH H 6 .   ? 0.84812   14.31155  -5.03408  1.000 12.45387 ? 362 HOH A O     1 
HETATM 1212 O  O     . HOH H 6 .   ? -10.21160 1.45656   21.65307  1.000 18.02402 ? 363 HOH A O     1 
HETATM 1213 O  O     . HOH H 6 .   ? -7.29244  10.95777  6.57906   1.000 33.53893 ? 364 HOH A O     1 
HETATM 1214 O  O     . HOH H 6 .   ? -6.85366  -13.37624 1.86317   1.000 30.46796 ? 365 HOH A O     1 
HETATM 1215 O  O     . HOH H 6 .   ? -12.11380 6.09384   8.01987   1.000 24.49698 ? 366 HOH A O     1 
HETATM 1216 O  O     . HOH H 6 .   ? -2.72451  19.36486  4.76830   1.000 34.16029 ? 367 HOH A O     1 
HETATM 1217 O  O     . HOH H 6 .   ? -10.36069 -4.59746  15.77200  1.000 30.45897 ? 368 HOH A O     1 
HETATM 1218 O  O     . HOH H 6 .   ? 4.67585   -10.20117 8.53167   1.000 21.74037 ? 369 HOH A O     1 
HETATM 1219 O  O     . HOH H 6 .   ? -15.33803 -2.78914  -0.35415  1.000 31.14829 ? 370 HOH A O     1 
HETATM 1220 O  O     . HOH H 6 .   ? 11.54307  8.55812   -9.42378  1.000 30.16252 ? 371 HOH A O     1 
HETATM 1221 O  O     . HOH H 6 .   ? 5.63365   -13.84134 -2.41160  1.000 12.72453 ? 372 HOH A O     1 
HETATM 1222 O  O     . HOH H 6 .   ? 7.15593   4.17872   13.29077  1.000 34.72517 ? 373 HOH A O     1 
HETATM 1223 O  O     . HOH H 6 .   ? 2.22115   4.18516   13.06202  1.000 18.03214 ? 374 HOH A O     1 
HETATM 1224 O  O     . HOH H 6 .   ? -10.41593 -1.00204  -11.10574 1.000 38.12315 ? 375 HOH A O     1 
HETATM 1225 O  O     . HOH H 6 .   ? -3.67459  -10.59395 8.66291   1.000 18.76423 ? 376 HOH A O     1 
HETATM 1226 O  O     . HOH H 6 .   ? 9.56328   9.99874   -8.52624  1.000 31.85309 ? 377 HOH A O     1 
HETATM 1227 O  O     . HOH H 6 .   ? -2.23858  18.77868  1.06118   1.000 22.29429 ? 378 HOH A O     1 
HETATM 1228 O  O     . HOH H 6 .   ? -12.90454 -4.65206  5.33707   1.000 25.88461 ? 379 HOH A O     1 
HETATM 1229 O  O     . HOH H 6 .   ? -7.79924  14.24682  4.31008   1.000 26.08228 ? 380 HOH A O     1 
HETATM 1230 O  O     . HOH H 6 .   ? 5.75565   -14.21123 -10.22374 1.000 30.02661 ? 381 HOH A O     1 
HETATM 1231 O  O     . HOH H 6 .   ? -13.80805 -3.79834  10.43794  1.000 17.41621 ? 382 HOH A O     1 
HETATM 1232 O  O     . HOH H 6 .   ? 1.96916   -11.24434 10.91333  1.000 37.97769 ? 383 HOH A O     1 
HETATM 1233 O  O     . HOH H 6 .   ? 3.64014   -12.63990 2.09538   1.000 18.13115 ? 384 HOH A O     1 
HETATM 1234 O  O     . HOH H 6 .   ? -10.77790 -5.90473  5.24101   1.000 17.26404 ? 385 HOH A O     1 
HETATM 1235 O  O     . HOH H 6 .   ? -9.90372  4.04651   -11.04239 1.000 23.73215 ? 386 HOH A O     1 
HETATM 1236 O  O     . HOH H 6 .   ? 12.91980  1.77790   -13.73972 1.000 39.95446 ? 387 HOH A O     1 
HETATM 1237 O  O     . HOH H 6 .   ? 0.18108   4.28977   16.80758  1.000 39.92008 ? 388 HOH A O     1 
HETATM 1238 O  O     . HOH H 6 .   ? 9.93178   2.42713   -14.27335 1.000 31.09072 ? 389 HOH A O     1 
HETATM 1239 O  O     . HOH H 6 .   ? 15.09460  -1.91501  1.23256   1.000 18.22332 ? 390 HOH A O     1 
HETATM 1240 O  O     . HOH H 6 .   ? 6.63108   -4.57232  17.99181  1.000 17.86731 ? 391 HOH A O     1 
HETATM 1241 O  O     . HOH H 6 .   ? 7.94951   -4.19189  -14.83390 1.000 30.48335 ? 392 HOH A O     1 
HETATM 1242 O  O     . HOH H 6 .   ? 6.95764   -12.85580 5.63323   1.000 28.05359 ? 393 HOH A O     1 
HETATM 1243 O  O     . HOH H 6 .   ? 11.93635  -0.62517  13.06478  1.000 24.60205 ? 394 HOH A O     1 
HETATM 1244 O  O     . HOH H 6 .   ? -1.59530  1.10181   -16.53305 1.000 34.40302 ? 395 HOH A O     1 
HETATM 1245 O  O     . HOH H 6 .   ? 6.57976   1.77152   -15.84040 1.000 33.69437 ? 396 HOH A O     1 
HETATM 1246 O  O     . HOH H 6 .   ? 10.58107  -7.89920  4.54962   1.000 24.11227 ? 397 HOH A O     1 
HETATM 1247 O  O     . HOH H 6 .   ? -3.02442  -15.58019 1.53431   1.000 27.97059 ? 398 HOH A O     1 
HETATM 1248 O  O     . HOH H 6 .   ? 10.82955  -2.65704  9.13448   1.000 16.20167 ? 399 HOH A O     1 
HETATM 1249 O  O     . HOH H 6 .   ? 2.80075   11.24768  7.50338   1.000 38.23613 ? 400 HOH A O     1 
HETATM 1250 O  O     . HOH H 6 .   ? -12.83975 -5.38901  12.78496  1.000 26.31366 ? 401 HOH A O     1 
HETATM 1251 O  O     . HOH H 6 .   ? 6.44869   1.80514   9.21829   1.000 25.32628 ? 402 HOH A O     1 
HETATM 1252 O  O     . HOH H 6 .   ? -15.57687 -2.08257  3.70636   1.000 25.77724 ? 403 HOH A O     1 
HETATM 1253 O  O     . HOH H 6 .   ? 9.89791   -6.22009  2.54074   1.000 15.47338 ? 404 HOH A O     1 
HETATM 1254 O  O     . HOH H 6 .   ? -0.65206  -2.24171  16.06780  1.000 16.64615 ? 405 HOH A O     1 
HETATM 1255 O  O     . HOH H 6 .   ? -2.36639  1.92129   20.72888  1.000 32.21466 ? 406 HOH A O     1 
HETATM 1256 O  O     . HOH H 6 .   ? -1.41006  -12.64591 11.55088  1.000 37.08323 ? 407 HOH A O     1 
HETATM 1257 O  O     . HOH H 6 .   ? 5.89864   -17.51325 -0.23731  1.000 27.39784 ? 408 HOH A O     1 
HETATM 1258 O  O     . HOH H 6 .   ? -9.68340  18.09194  2.15155   1.000 13.13492 ? 409 HOH A O     1 
HETATM 1259 O  O     . HOH H 6 .   ? 3.88273   1.54503   -23.67693 1.000 32.60537 ? 410 HOH A O     1 
HETATM 1260 O  O     . HOH H 6 .   ? -16.04204 -3.15829  6.68002   1.000 43.27227 ? 411 HOH A O     1 
HETATM 1261 O  O     . HOH H 6 .   ? 10.89613  -0.90465  -11.55288 1.000 26.61580 ? 412 HOH A O     1 
HETATM 1262 O  O     . HOH H 6 .   ? 3.24342   16.64882  2.84648   1.000 40.92572 ? 413 HOH A O     1 
HETATM 1263 O  O     . HOH H 6 .   ? 16.22166  -1.87519  5.41696   1.000 33.44891 ? 414 HOH A O     1 
HETATM 1264 O  O     . HOH H 6 .   ? 17.29003  5.49410   2.87994   1.000 28.22046 ? 415 HOH A O     1 
HETATM 1265 O  O     . HOH H 6 .   ? -2.38218  12.07188  -8.90831  1.000 22.04734 ? 416 HOH A O     1 
HETATM 1266 O  O     . HOH H 6 .   ? -2.89535  19.82980  -3.56931  1.000 27.22217 ? 417 HOH A O     1 
HETATM 1267 O  O     . HOH H 6 .   ? -8.39315  4.60913   -14.27923 1.000 43.40007 ? 418 HOH A O     1 
HETATM 1268 O  O     . HOH H 6 .   ? -1.23399  18.05691  -4.04413  1.000 29.95917 ? 419 HOH A O     1 
HETATM 1269 O  O     . HOH H 6 .   ? 5.71220   -13.12687 0.25639   1.000 23.59978 ? 420 HOH A O     1 
HETATM 1270 O  O     . HOH H 6 .   ? -1.38834  -18.13931 1.53955   1.000 33.09540 ? 421 HOH A O     1 
HETATM 1271 O  O     C HOH H 6 .   ? 0.69249   8.60535   6.84257   0.300 14.17757 ? 422 HOH A O     1 
HETATM 1272 O  O     . HOH H 6 .   ? 0.44429   -4.95192  15.84925  1.000 30.87611 ? 423 HOH A O     1 
HETATM 1273 O  O     . HOH H 6 .   ? 1.22650   -20.52860 5.45648   1.000 30.62063 ? 424 HOH A O     1 
HETATM 1274 O  O     . HOH H 6 .   ? -11.71485 -4.03471  17.89000  1.000 24.77312 ? 425 HOH A O     1 
HETATM 1275 O  O     . HOH H 6 .   ? -3.59608  -7.76663  13.43389  1.000 26.26100 ? 426 HOH A O     1 
HETATM 1276 O  O     . HOH H 6 .   ? -3.25580  -2.45238  17.52882  1.000 22.07456 ? 427 HOH A O     1 
HETATM 1277 O  O     . HOH H 6 .   ? 0.21152   -0.06765  17.76998  1.000 35.25267 ? 428 HOH A O     1 
HETATM 1278 O  O     . HOH H 6 .   ? -9.30222  6.26042   -11.42411 1.000 38.68970 ? 429 HOH A O     1 
HETATM 1279 O  O     . HOH H 6 .   ? 2.00141   -4.63465  -16.54723 1.000 35.91024 ? 430 HOH A O     1 
HETATM 1280 O  O     . HOH H 6 .   ? -4.52092  13.45920  -9.50576  1.000 35.47200 ? 431 HOH A O     1 
HETATM 1281 O  O     . HOH H 6 .   ? 18.90981  3.12961   5.00158   1.000 33.49445 ? 432 HOH A O     1 
HETATM 1282 O  O     . HOH H 6 .   ? 1.68880   17.93806  -0.71891  1.000 23.93560 ? 433 HOH A O     1 
HETATM 1283 O  O     . HOH H 6 .   ? 0.31336   15.04444  -7.39826  1.000 30.71101 ? 434 HOH A O     1 
HETATM 1284 O  O     . HOH H 6 .   ? -5.53621  -5.87037  14.48907  1.000 30.20768 ? 435 HOH A O     1 
HETATM 1285 O  O     . HOH H 6 .   ? 4.16356   17.04730  -1.02768  1.000 17.15603 ? 436 HOH A O     1 
HETATM 1286 O  O     . HOH H 6 .   ? 10.39219  -3.41184  -13.37510 1.000 38.57902 ? 437 HOH A O     1 
# 
loop_
_pdbx_poly_seq_scheme.asym_id 
_pdbx_poly_seq_scheme.entity_id 
_pdbx_poly_seq_scheme.seq_id 
_pdbx_poly_seq_scheme.mon_id 
_pdbx_poly_seq_scheme.ndb_seq_num 
_pdbx_poly_seq_scheme.pdb_seq_num 
_pdbx_poly_seq_scheme.auth_seq_num 
_pdbx_poly_seq_scheme.pdb_mon_id 
_pdbx_poly_seq_scheme.auth_mon_id 
_pdbx_poly_seq_scheme.pdb_strand_id 
_pdbx_poly_seq_scheme.pdb_ins_code 
_pdbx_poly_seq_scheme.hetero 
A 1 1   MET 1   1   1   MET MET A . n 
A 1 2   LYS 2   2   2   LYS LYS A . n 
A 1 3   LYS 3   3   3   LYS LYS A . n 
A 1 4   LEU 4   4   4   LEU LEU A . n 
A 1 5   GLN 5   5   5   GLN GLN A . n 
A 1 6   ILE 6   6   6   ILE ILE A . n 
A 1 7   ALA 7   7   7   ALA ALA A . n 
A 1 8   VAL 8   8   8   VAL VAL A . n 
A 1 9   GLY 9   9   9   GLY GLY A . n 
A 1 10  ILE 10  10  10  ILE ILE A . n 
A 1 11  ILE 11  11  11  ILE ILE A . n 
A 1 12  ARG 12  12  12  ARG ARG A . n 
A 1 13  ASN 13  13  13  ASN ASN A . n 
A 1 14  GLU 14  14  14  GLU GLU A . n 
A 1 15  ASN 15  15  15  ASN ASN A . n 
A 1 16  ASN 16  16  16  ASN ASN A . n 
A 1 17  GLU 17  17  17  GLU GLU A . n 
A 1 18  ILE 18  18  18  ILE ILE A . n 
A 1 19  PHE 19  19  19  PHE PHE A . n 
A 1 20  ILE 20  20  20  ILE ILE A . n 
A 1 21  THR 21  21  21  THR THR A . n 
A 1 22  ARG 22  22  22  ARG ARG A . n 
A 1 23  ARG 23  23  23  ARG ARG A . n 
A 1 24  ALA 24  24  24  ALA ALA A . n 
A 1 25  ALA 25  25  25  ALA ALA A . n 
A 1 26  ASP 26  26  26  ASP ASP A . n 
A 1 27  ALA 27  27  27  ALA ALA A . n 
A 1 28  HIS 28  28  28  HIS HIS A . n 
A 1 29  MET 29  29  29  MET MET A . n 
A 1 30  ALA 30  30  30  ALA ALA A . n 
A 1 31  ASN 31  31  31  ASN ASN A . n 
A 1 32  LYS 32  32  32  LYS LYS A . n 
A 1 33  LEU 33  33  33  LEU LEU A . n 
A 1 34  GLU 34  34  34  GLU GLU A . n 
A 1 35  PHE 35  35  35  PHE PHE A . n 
A 1 36  PRO 36  36  36  PRO PRO A . n 
A 1 37  GLY 37  37  37  GLY GLY A . n 
A 1 38  GLY 38  38  38  GLY GLY A . n 
A 1 39  LYS 39  39  39  LYS LYS A . n 
A 1 40  ILE 40  40  40  ILE ILE A . n 
A 1 41  GLU 41  41  41  GLU GLU A . n 
A 1 42  MET 42  42  42  MET MET A . n 
A 1 43  GLY 43  43  43  GLY GLY A . n 
A 1 44  GLU 44  44  44  GLU GLU A . n 
A 1 45  THR 45  45  45  THR THR A . n 
A 1 46  PRO 46  46  46  PRO PRO A . n 
A 1 47  GLU 47  47  47  GLU GLU A . n 
A 1 48  GLN 48  48  48  GLN GLN A . n 
A 1 49  ALA 49  49  49  ALA ALA A . n 
A 1 50  VAL 50  50  50  VAL VAL A . n 
A 1 51  VAL 51  51  51  VAL VAL A . n 
A 1 52  ARG 52  52  52  ARG ARG A . n 
A 1 53  GLU 53  53  53  GLU GLU A . n 
A 1 54  LEU 54  54  54  LEU LEU A . n 
A 1 55  GLN 55  55  55  GLN GLN A . n 
A 1 56  GLU 56  56  56  GLU GLU A . n 
A 1 57  GLU 57  57  57  GLU GLU A . n 
A 1 58  VAL 58  58  58  VAL VAL A . n 
A 1 59  GLY 59  59  59  GLY GLY A . n 
A 1 60  ILE 60  60  60  ILE ILE A . n 
A 1 61  THR 61  61  61  THR THR A . n 
A 1 62  PRO 62  62  62  PRO PRO A . n 
A 1 63  GLN 63  63  63  GLN GLN A . n 
A 1 64  HIS 64  64  64  HIS HIS A . n 
A 1 65  PHE 65  65  65  PHE PHE A . n 
A 1 66  SER 66  66  66  SER SER A . n 
A 1 67  LEU 67  67  67  LEU LEU A . n 
A 1 68  PHE 68  68  68  PHE PHE A . n 
A 1 69  GLU 69  69  69  GLU GLU A . n 
A 1 70  LYS 70  70  70  LYS LYS A . n 
A 1 71  LEU 71  71  71  LEU LEU A . n 
A 1 72  GLU 72  72  72  GLU GLU A . n 
A 1 73  TYR 73  73  73  TYR TYR A . n 
A 1 74  GLU 74  74  74  GLU GLU A . n 
A 1 75  PHE 75  75  75  PHE PHE A . n 
A 1 76  PRO 76  76  76  PRO PRO A . n 
A 1 77  ASP 77  77  77  ASP ASP A . n 
A 1 78  ARG 78  78  78  ARG ARG A . n 
A 1 79  HIS 79  79  79  HIS HIS A . n 
A 1 80  ILE 80  80  80  ILE ILE A . n 
A 1 81  THR 81  81  81  THR THR A . n 
A 1 82  LEU 82  82  82  LEU LEU A . n 
A 1 83  TRP 83  83  83  TRP TRP A . n 
A 1 84  PHE 84  84  84  PHE PHE A . n 
A 1 85  TRP 85  85  85  TRP TRP A . n 
A 1 86  LEU 86  86  86  LEU LEU A . n 
A 1 87  VAL 87  87  87  VAL VAL A . n 
A 1 88  GLU 88  88  88  GLU GLU A . n 
A 1 89  ARG 89  89  89  ARG ARG A . n 
A 1 90  TRP 90  90  90  TRP TRP A . n 
A 1 91  GLU 91  91  91  GLU GLU A . n 
A 1 92  GLY 92  92  92  GLY GLY A . n 
A 1 93  GLU 93  93  93  GLU GLU A . n 
A 1 94  PRO 94  94  94  PRO PRO A . n 
A 1 95  TRP 95  95  95  TRP TRP A . n 
A 1 96  GLY 96  96  96  GLY GLY A . n 
A 1 97  LYS 97  97  97  LYS LYS A . n 
A 1 98  GLU 98  98  98  GLU GLU A . n 
A 1 99  GLY 99  99  99  GLY GLY A . n 
A 1 100 GLN 100 100 100 GLN GLN A . n 
A 1 101 PRO 101 101 101 PRO PRO A . n 
A 1 102 GLY 102 102 102 GLY GLY A . n 
A 1 103 GLU 103 103 103 GLU GLU A . n 
A 1 104 TRP 104 104 104 TRP TRP A . n 
A 1 105 MET 105 105 105 MET MET A . n 
A 1 106 SER 106 106 106 SER SER A . n 
A 1 107 LEU 107 107 107 LEU LEU A . n 
A 1 108 VAL 108 108 108 VAL VAL A . n 
A 1 109 GLY 109 109 109 GLY GLY A . n 
A 1 110 LEU 110 110 110 LEU LEU A . n 
A 1 111 ASN 111 111 111 ASN ASN A . n 
A 1 112 ALA 112 112 112 ALA ALA A . n 
A 1 113 ASP 113 113 113 ASP ASP A . n 
A 1 114 ASP 114 114 114 ASP ASP A . n 
A 1 115 PHE 115 115 115 PHE PHE A . n 
A 1 116 PRO 116 116 116 PRO PRO A . n 
A 1 117 PRO 117 117 117 PRO PRO A . n 
A 1 118 ALA 118 118 118 ALA ALA A . n 
A 1 119 ASN 119 119 119 ASN ASN A . n 
A 1 120 GLU 120 120 120 GLU GLU A . n 
A 1 121 PRO 121 121 121 PRO PRO A . n 
A 1 122 VAL 122 122 122 VAL VAL A . n 
A 1 123 ILE 123 123 123 ILE ILE A . n 
A 1 124 ALA 124 124 124 ALA ALA A . n 
A 1 125 LYS 125 125 125 LYS LYS A . n 
A 1 126 LEU 126 126 126 LEU LEU A . n 
A 1 127 LYS 127 127 127 LYS LYS A . n 
A 1 128 ARG 128 128 128 ARG ARG A . n 
A 1 129 LEU 129 129 129 LEU LEU A . n 
# 
_pdbx_contact_author.id                 2 
_pdbx_contact_author.email              tnaka@gpo.kumamoto-u.ac.jp 
_pdbx_contact_author.name_first         Teruya 
_pdbx_contact_author.name_last          Nakamura 
_pdbx_contact_author.name_mi            ? 
_pdbx_contact_author.role               'principal investigator/group leader' 
_pdbx_contact_author.identifier_ORCID   0000-0003-2013-3057 
# 
loop_
_pdbx_nonpoly_scheme.asym_id 
_pdbx_nonpoly_scheme.entity_id 
_pdbx_nonpoly_scheme.mon_id 
_pdbx_nonpoly_scheme.ndb_seq_num 
_pdbx_nonpoly_scheme.pdb_seq_num 
_pdbx_nonpoly_scheme.auth_seq_num 
_pdbx_nonpoly_scheme.pdb_mon_id 
_pdbx_nonpoly_scheme.auth_mon_id 
_pdbx_nonpoly_scheme.pdb_strand_id 
_pdbx_nonpoly_scheme.pdb_ins_code 
B 2 SO4 1   201 1   SO4 SO4 A . 
C 3 8DG 1   202 25  8DG 8GT A . 
D 4 8OG 1   203 26  8OG 8OG A . 
E 5 MG  1   204 1   MG  MG  A . 
F 5 MG  1   205 2   MG  MG  A . 
G 5 MG  1   206 3   MG  MG  A . 
H 6 HOH 1   301 68  HOH HOH A . 
H 6 HOH 2   302 15  HOH HOH A . 
H 6 HOH 3   303 42  HOH HOH A . 
H 6 HOH 4   304 43  HOH HOH A . 
H 6 HOH 5   305 127 HOH HOH A . 
H 6 HOH 6   306 6   HOH HOH A . 
H 6 HOH 7   307 103 HOH HOH A . 
H 6 HOH 8   308 67  HOH HOH A . 
H 6 HOH 9   309 44  HOH HOH A . 
H 6 HOH 10  310 132 HOH HOH A . 
H 6 HOH 11  311 97  HOH HOH A . 
H 6 HOH 12  312 56  HOH HOH A . 
H 6 HOH 13  313 40  HOH HOH A . 
H 6 HOH 14  314 28  HOH HOH A . 
H 6 HOH 15  315 106 HOH HOH A . 
H 6 HOH 16  316 82  HOH HOH A . 
H 6 HOH 17  317 83  HOH HOH A . 
H 6 HOH 18  318 34  HOH HOH A . 
H 6 HOH 19  319 19  HOH HOH A . 
H 6 HOH 20  320 64  HOH HOH A . 
H 6 HOH 21  321 49  HOH HOH A . 
H 6 HOH 22  322 70  HOH HOH A . 
H 6 HOH 23  323 76  HOH HOH A . 
H 6 HOH 24  324 14  HOH HOH A . 
H 6 HOH 25  325 136 HOH HOH A . 
H 6 HOH 26  326 13  HOH HOH A . 
H 6 HOH 27  327 22  HOH HOH A . 
H 6 HOH 28  328 3   HOH HOH A . 
H 6 HOH 29  329 20  HOH HOH A . 
H 6 HOH 30  330 12  HOH HOH A . 
H 6 HOH 31  331 28  HOH HOH A . 
H 6 HOH 32  332 134 HOH HOH A . 
H 6 HOH 33  333 48  HOH HOH A . 
H 6 HOH 34  334 9   HOH HOH A . 
H 6 HOH 35  335 21  HOH HOH A . 
H 6 HOH 36  336 2   HOH HOH A . 
H 6 HOH 37  337 18  HOH HOH A . 
H 6 HOH 38  338 113 HOH HOH A . 
H 6 HOH 39  339 50  HOH HOH A . 
H 6 HOH 40  340 26  HOH HOH A . 
H 6 HOH 41  341 72  HOH HOH A . 
H 6 HOH 42  342 17  HOH HOH A . 
H 6 HOH 43  343 111 HOH HOH A . 
H 6 HOH 44  344 1   HOH HOH A . 
H 6 HOH 45  345 93  HOH HOH A . 
H 6 HOH 46  346 131 HOH HOH A . 
H 6 HOH 47  347 94  HOH HOH A . 
H 6 HOH 48  348 7   HOH HOH A . 
H 6 HOH 49  349 77  HOH HOH A . 
H 6 HOH 50  350 4   HOH HOH A . 
H 6 HOH 51  351 45  HOH HOH A . 
H 6 HOH 52  352 37  HOH HOH A . 
H 6 HOH 53  353 120 HOH HOH A . 
H 6 HOH 54  354 125 HOH HOH A . 
H 6 HOH 55  355 115 HOH HOH A . 
H 6 HOH 56  356 81  HOH HOH A . 
H 6 HOH 57  357 10  HOH HOH A . 
H 6 HOH 58  358 23  HOH HOH A . 
H 6 HOH 59  359 89  HOH HOH A . 
H 6 HOH 60  360 73  HOH HOH A . 
H 6 HOH 61  361 104 HOH HOH A . 
H 6 HOH 62  362 11  HOH HOH A . 
H 6 HOH 63  363 32  HOH HOH A . 
H 6 HOH 64  364 109 HOH HOH A . 
H 6 HOH 65  365 84  HOH HOH A . 
H 6 HOH 66  366 52  HOH HOH A . 
H 6 HOH 67  367 66  HOH HOH A . 
H 6 HOH 68  368 96  HOH HOH A . 
H 6 HOH 69  369 57  HOH HOH A . 
H 6 HOH 70  370 100 HOH HOH A . 
H 6 HOH 71  371 101 HOH HOH A . 
H 6 HOH 72  372 16  HOH HOH A . 
H 6 HOH 73  373 130 HOH HOH A . 
H 6 HOH 74  374 35  HOH HOH A . 
H 6 HOH 75  375 121 HOH HOH A . 
H 6 HOH 76  376 61  HOH HOH A . 
H 6 HOH 77  377 60  HOH HOH A . 
H 6 HOH 78  378 38  HOH HOH A . 
H 6 HOH 79  379 85  HOH HOH A . 
H 6 HOH 80  380 87  HOH HOH A . 
H 6 HOH 81  381 62  HOH HOH A . 
H 6 HOH 82  382 29  HOH HOH A . 
H 6 HOH 83  383 79  HOH HOH A . 
H 6 HOH 84  384 8   HOH HOH A . 
H 6 HOH 85  385 25  HOH HOH A . 
H 6 HOH 86  386 36  HOH HOH A . 
H 6 HOH 87  387 135 HOH HOH A . 
H 6 HOH 88  388 126 HOH HOH A . 
H 6 HOH 89  389 65  HOH HOH A . 
H 6 HOH 90  390 41  HOH HOH A . 
H 6 HOH 91  391 33  HOH HOH A . 
H 6 HOH 92  392 59  HOH HOH A . 
H 6 HOH 93  393 92  HOH HOH A . 
H 6 HOH 94  394 53  HOH HOH A . 
H 6 HOH 95  395 119 HOH HOH A . 
H 6 HOH 96  396 138 HOH HOH A . 
H 6 HOH 97  397 39  HOH HOH A . 
H 6 HOH 98  398 31  HOH HOH A . 
H 6 HOH 99  399 55  HOH HOH A . 
H 6 HOH 100 400 133 HOH HOH A . 
H 6 HOH 101 401 58  HOH HOH A . 
H 6 HOH 102 402 46  HOH HOH A . 
H 6 HOH 103 403 47  HOH HOH A . 
H 6 HOH 104 404 24  HOH HOH A . 
H 6 HOH 105 405 27  HOH HOH A . 
H 6 HOH 106 406 122 HOH HOH A . 
H 6 HOH 107 407 99  HOH HOH A . 
H 6 HOH 108 408 105 HOH HOH A . 
H 6 HOH 109 409 5   HOH HOH A . 
H 6 HOH 110 410 108 HOH HOH A . 
H 6 HOH 111 411 90  HOH HOH A . 
H 6 HOH 112 412 75  HOH HOH A . 
H 6 HOH 113 413 124 HOH HOH A . 
H 6 HOH 114 414 78  HOH HOH A . 
H 6 HOH 115 415 69  HOH HOH A . 
H 6 HOH 116 416 102 HOH HOH A . 
H 6 HOH 117 417 80  HOH HOH A . 
H 6 HOH 118 418 118 HOH HOH A . 
H 6 HOH 119 419 88  HOH HOH A . 
H 6 HOH 120 420 86  HOH HOH A . 
H 6 HOH 121 421 116 HOH HOH A . 
H 6 HOH 122 422 27  HOH HOH A . 
H 6 HOH 123 423 112 HOH HOH A . 
H 6 HOH 124 424 129 HOH HOH A . 
H 6 HOH 125 425 95  HOH HOH A . 
H 6 HOH 126 426 137 HOH HOH A . 
H 6 HOH 127 427 30  HOH HOH A . 
H 6 HOH 128 428 117 HOH HOH A . 
H 6 HOH 129 429 71  HOH HOH A . 
H 6 HOH 130 430 114 HOH HOH A . 
H 6 HOH 131 431 110 HOH HOH A . 
H 6 HOH 132 432 107 HOH HOH A . 
H 6 HOH 133 433 63  HOH HOH A . 
H 6 HOH 134 434 98  HOH HOH A . 
H 6 HOH 135 435 54  HOH HOH A . 
H 6 HOH 136 436 51  HOH HOH A . 
H 6 HOH 137 437 91  HOH HOH A . 
# 
_pdbx_struct_assembly.id                   1 
_pdbx_struct_assembly.details              author_defined_assembly 
_pdbx_struct_assembly.method_details       ? 
_pdbx_struct_assembly.oligomeric_details   monomeric 
_pdbx_struct_assembly.oligomeric_count     1 
# 
_pdbx_struct_assembly_gen.assembly_id       1 
_pdbx_struct_assembly_gen.oper_expression   1 
_pdbx_struct_assembly_gen.asym_id_list      A,B,C,D,E,F,G,H 
# 
_pdbx_struct_oper_list.id                   1 
_pdbx_struct_oper_list.type                 'identity operation' 
_pdbx_struct_oper_list.name                 1_555 
_pdbx_struct_oper_list.symmetry_operation   x,y,z 
_pdbx_struct_oper_list.matrix[1][1]         1.0000000000 
_pdbx_struct_oper_list.matrix[1][2]         0.0000000000 
_pdbx_struct_oper_list.matrix[1][3]         0.0000000000 
_pdbx_struct_oper_list.vector[1]            0.0000000000 
_pdbx_struct_oper_list.matrix[2][1]         0.0000000000 
_pdbx_struct_oper_list.matrix[2][2]         1.0000000000 
_pdbx_struct_oper_list.matrix[2][3]         0.0000000000 
_pdbx_struct_oper_list.vector[2]            0.0000000000 
_pdbx_struct_oper_list.matrix[3][1]         0.0000000000 
_pdbx_struct_oper_list.matrix[3][2]         0.0000000000 
_pdbx_struct_oper_list.matrix[3][3]         1.0000000000 
_pdbx_struct_oper_list.vector[3]            0.0000000000 
# 
loop_
_pdbx_struct_conn_angle.id 
_pdbx_struct_conn_angle.ptnr1_label_atom_id 
_pdbx_struct_conn_angle.ptnr1_label_alt_id 
_pdbx_struct_conn_angle.ptnr1_label_asym_id 
_pdbx_struct_conn_angle.ptnr1_label_comp_id 
_pdbx_struct_conn_angle.ptnr1_label_seq_id 
_pdbx_struct_conn_angle.ptnr1_auth_atom_id 
_pdbx_struct_conn_angle.ptnr1_auth_asym_id 
_pdbx_struct_conn_angle.ptnr1_auth_comp_id 
_pdbx_struct_conn_angle.ptnr1_auth_seq_id 
_pdbx_struct_conn_angle.ptnr1_PDB_ins_code 
_pdbx_struct_conn_angle.ptnr1_symmetry 
_pdbx_struct_conn_angle.ptnr2_label_atom_id 
_pdbx_struct_conn_angle.ptnr2_label_alt_id 
_pdbx_struct_conn_angle.ptnr2_label_asym_id 
_pdbx_struct_conn_angle.ptnr2_label_comp_id 
_pdbx_struct_conn_angle.ptnr2_label_seq_id 
_pdbx_struct_conn_angle.ptnr2_auth_atom_id 
_pdbx_struct_conn_angle.ptnr2_auth_asym_id 
_pdbx_struct_conn_angle.ptnr2_auth_comp_id 
_pdbx_struct_conn_angle.ptnr2_auth_seq_id 
_pdbx_struct_conn_angle.ptnr2_PDB_ins_code 
_pdbx_struct_conn_angle.ptnr2_symmetry 
_pdbx_struct_conn_angle.ptnr3_label_atom_id 
_pdbx_struct_conn_angle.ptnr3_label_alt_id 
_pdbx_struct_conn_angle.ptnr3_label_asym_id 
_pdbx_struct_conn_angle.ptnr3_label_comp_id 
_pdbx_struct_conn_angle.ptnr3_label_seq_id 
_pdbx_struct_conn_angle.ptnr3_auth_atom_id 
_pdbx_struct_conn_angle.ptnr3_auth_asym_id 
_pdbx_struct_conn_angle.ptnr3_auth_comp_id 
_pdbx_struct_conn_angle.ptnr3_auth_seq_id 
_pdbx_struct_conn_angle.ptnr3_PDB_ins_code 
_pdbx_struct_conn_angle.ptnr3_symmetry 
_pdbx_struct_conn_angle.value 
_pdbx_struct_conn_angle.value_esd 
1  O   ? A GLY 37 ? A GLY 37  ? 1_555 MG ? E MG . ? A MG 204 ? 1_555 OE2 ? A GLU 57 ? A GLU 57  ? 1_555 89.6  ? 
2  O   ? A GLY 37 ? A GLY 37  ? 1_555 MG ? E MG . ? A MG 204 ? 1_555 O2B A C 8DG .  ? A 8DG 202 ? 1_555 98.6  ? 
3  OE2 ? A GLU 57 ? A GLU 57  ? 1_555 MG ? E MG . ? A MG 204 ? 1_555 O2B A C 8DG .  ? A 8DG 202 ? 1_555 87.6  ? 
4  O   ? A GLY 37 ? A GLY 37  ? 1_555 MG ? E MG . ? A MG 204 ? 1_555 O1A A C 8DG .  ? A 8DG 202 ? 1_555 90.1  ? 
5  OE2 ? A GLU 57 ? A GLU 57  ? 1_555 MG ? E MG . ? A MG 204 ? 1_555 O1A A C 8DG .  ? A 8DG 202 ? 1_555 176.8 ? 
6  O2B A C 8DG .  ? A 8DG 202 ? 1_555 MG ? E MG . ? A MG 204 ? 1_555 O1A A C 8DG .  ? A 8DG 202 ? 1_555 89.3  ? 
7  O   ? A GLY 37 ? A GLY 37  ? 1_555 MG ? E MG . ? A MG 204 ? 1_555 OP2 B D 8OG .  ? A 8OG 203 ? 1_555 91.5  ? 
8  OE2 ? A GLU 57 ? A GLU 57  ? 1_555 MG ? E MG . ? A MG 204 ? 1_555 OP2 B D 8OG .  ? A 8OG 203 ? 1_555 176.9 ? 
9  O2B A C 8DG .  ? A 8DG 202 ? 1_555 MG ? E MG . ? A MG 204 ? 1_555 OP2 B D 8OG .  ? A 8OG 203 ? 1_555 89.4  ? 
10 O1A A C 8DG .  ? A 8DG 202 ? 1_555 MG ? E MG . ? A MG 204 ? 1_555 OP2 B D 8OG .  ? A 8OG 203 ? 1_555 1.4   ? 
11 O   ? A GLY 37 ? A GLY 37  ? 1_555 MG ? E MG . ? A MG 204 ? 1_555 O   B H HOH .  ? A HOH 314 ? 1_555 98.1  ? 
12 OE2 ? A GLU 57 ? A GLU 57  ? 1_555 MG ? E MG . ? A MG 204 ? 1_555 O   B H HOH .  ? A HOH 314 ? 1_555 84.2  ? 
13 O2B A C 8DG .  ? A 8DG 202 ? 1_555 MG ? E MG . ? A MG 204 ? 1_555 O   B H HOH .  ? A HOH 314 ? 1_555 3.4   ? 
14 O1A A C 8DG .  ? A 8DG 202 ? 1_555 MG ? E MG . ? A MG 204 ? 1_555 O   B H HOH .  ? A HOH 314 ? 1_555 92.7  ? 
15 OP2 B D 8OG .  ? A 8OG 203 ? 1_555 MG ? E MG . ? A MG 204 ? 1_555 O   B H HOH .  ? A HOH 314 ? 1_555 92.8  ? 
16 O   ? A GLY 37 ? A GLY 37  ? 1_555 MG ? E MG . ? A MG 204 ? 1_555 O   ? H HOH .  ? A HOH 328 ? 1_555 170.9 ? 
17 OE2 ? A GLU 57 ? A GLU 57  ? 1_555 MG ? E MG . ? A MG 204 ? 1_555 O   ? H HOH .  ? A HOH 328 ? 1_555 85.6  ? 
18 O2B A C 8DG .  ? A 8DG 202 ? 1_555 MG ? E MG . ? A MG 204 ? 1_555 O   ? H HOH .  ? A HOH 328 ? 1_555 88.9  ? 
19 O1A A C 8DG .  ? A 8DG 202 ? 1_555 MG ? E MG . ? A MG 204 ? 1_555 O   ? H HOH .  ? A HOH 328 ? 1_555 95.1  ? 
20 OP2 B D 8OG .  ? A 8OG 203 ? 1_555 MG ? E MG . ? A MG 204 ? 1_555 O   ? H HOH .  ? A HOH 328 ? 1_555 93.7  ? 
21 O   B H HOH .  ? A HOH 314 ? 1_555 MG ? E MG . ? A MG 204 ? 1_555 O   ? H HOH .  ? A HOH 328 ? 1_555 89.1  ? 
22 O   ? A GLY 37 ? A GLY 37  ? 1_555 MG ? E MG . ? A MG 204 ? 1_555 O   ? H HOH .  ? A HOH 344 ? 1_555 85.0  ? 
23 OE2 ? A GLU 57 ? A GLU 57  ? 1_555 MG ? E MG . ? A MG 204 ? 1_555 O   ? H HOH .  ? A HOH 344 ? 1_555 90.4  ? 
24 O2B A C 8DG .  ? A 8DG 202 ? 1_555 MG ? E MG . ? A MG 204 ? 1_555 O   ? H HOH .  ? A HOH 344 ? 1_555 175.8 ? 
25 O1A A C 8DG .  ? A 8DG 202 ? 1_555 MG ? E MG . ? A MG 204 ? 1_555 O   ? H HOH .  ? A HOH 344 ? 1_555 92.8  ? 
26 OP2 B D 8OG .  ? A 8OG 203 ? 1_555 MG ? E MG . ? A MG 204 ? 1_555 O   ? H HOH .  ? A HOH 344 ? 1_555 92.6  ? 
27 O   B H HOH .  ? A HOH 314 ? 1_555 MG ? E MG . ? A MG 204 ? 1_555 O   ? H HOH .  ? A HOH 344 ? 1_555 173.7 ? 
28 O   ? H HOH .  ? A HOH 328 ? 1_555 MG ? E MG . ? A MG 204 ? 1_555 O   ? H HOH .  ? A HOH 344 ? 1_555 87.3  ? 
29 OE2 ? A GLU 53 ? A GLU 53  ? 1_555 MG ? F MG . ? A MG 205 ? 1_555 O1B A C 8DG .  ? A 8DG 202 ? 1_555 92.0  ? 
30 OE2 ? A GLU 53 ? A GLU 53  ? 1_555 MG ? F MG . ? A MG 205 ? 1_555 O   ? H HOH .  ? A HOH 302 ? 1_555 78.8  ? 
31 O1B A C 8DG .  ? A 8DG 202 ? 1_555 MG ? F MG . ? A MG 205 ? 1_555 O   ? H HOH .  ? A HOH 302 ? 1_555 100.8 ? 
32 OE2 ? A GLU 53 ? A GLU 53  ? 1_555 MG ? F MG . ? A MG 205 ? 1_555 O   ? H HOH .  ? A HOH 322 ? 1_555 91.7  ? 
33 O1B A C 8DG .  ? A 8DG 202 ? 1_555 MG ? F MG . ? A MG 205 ? 1_555 O   ? H HOH .  ? A HOH 322 ? 1_555 160.2 ? 
34 O   ? H HOH .  ? A HOH 302 ? 1_555 MG ? F MG . ? A MG 205 ? 1_555 O   ? H HOH .  ? A HOH 322 ? 1_555 98.9  ? 
35 OE2 ? A GLU 53 ? A GLU 53  ? 1_555 MG ? F MG . ? A MG 205 ? 1_555 O   ? H HOH .  ? A HOH 400 ? 1_555 169.1 ? 
36 O1B A C 8DG .  ? A 8DG 202 ? 1_555 MG ? F MG . ? A MG 205 ? 1_555 O   ? H HOH .  ? A HOH 400 ? 1_555 93.5  ? 
37 O   ? H HOH .  ? A HOH 302 ? 1_555 MG ? F MG . ? A MG 205 ? 1_555 O   ? H HOH .  ? A HOH 400 ? 1_555 90.9  ? 
38 O   ? H HOH .  ? A HOH 322 ? 1_555 MG ? F MG . ? A MG 205 ? 1_555 O   ? H HOH .  ? A HOH 400 ? 1_555 86.3  ? 
39 OE2 ? A GLU 53 ? A GLU 53  ? 1_555 MG ? F MG . ? A MG 205 ? 1_555 O   C H HOH .  ? A HOH 422 ? 1_555 97.4  ? 
40 O1B A C 8DG .  ? A 8DG 202 ? 1_555 MG ? F MG . ? A MG 205 ? 1_555 O   C H HOH .  ? A HOH 422 ? 1_555 16.6  ? 
41 O   ? H HOH .  ? A HOH 302 ? 1_555 MG ? F MG . ? A MG 205 ? 1_555 O   C H HOH .  ? A HOH 422 ? 1_555 86.5  ? 
42 O   ? H HOH .  ? A HOH 322 ? 1_555 MG ? F MG . ? A MG 205 ? 1_555 O   C H HOH .  ? A HOH 422 ? 1_555 170.2 ? 
43 O   ? H HOH .  ? A HOH 400 ? 1_555 MG ? F MG . ? A MG 205 ? 1_555 O   C H HOH .  ? A HOH 422 ? 1_555 85.4  ? 
44 OE1 ? A GLU 53 ? A GLU 53  ? 1_555 MG ? G MG . ? A MG 206 ? 1_555 OE2 ? A GLU 57 ? A GLU 57  ? 1_555 94.9  ? 
45 OE1 ? A GLU 53 ? A GLU 53  ? 1_555 MG ? G MG . ? A MG 206 ? 1_555 O2B A C 8DG .  ? A 8DG 202 ? 1_555 98.7  ? 
46 OE2 ? A GLU 57 ? A GLU 57  ? 1_555 MG ? G MG . ? A MG 206 ? 1_555 O2B A C 8DG .  ? A 8DG 202 ? 1_555 78.0  ? 
47 OE1 ? A GLU 53 ? A GLU 53  ? 1_555 MG ? G MG . ? A MG 206 ? 1_555 O   ? H HOH .  ? A HOH 307 ? 1_555 164.5 ? 
48 OE2 ? A GLU 57 ? A GLU 57  ? 1_555 MG ? G MG . ? A MG 206 ? 1_555 O   ? H HOH .  ? A HOH 307 ? 1_555 80.3  ? 
49 O2B A C 8DG .  ? A 8DG 202 ? 1_555 MG ? G MG . ? A MG 206 ? 1_555 O   ? H HOH .  ? A HOH 307 ? 1_555 94.7  ? 
50 OE1 ? A GLU 53 ? A GLU 53  ? 1_555 MG ? G MG . ? A MG 206 ? 1_555 O   B H HOH .  ? A HOH 314 ? 1_555 98.9  ? 
51 OE2 ? A GLU 57 ? A GLU 57  ? 1_555 MG ? G MG . ? A MG 206 ? 1_555 O   B H HOH .  ? A HOH 314 ? 1_555 80.5  ? 
52 O2B A C 8DG .  ? A 8DG 202 ? 1_555 MG ? G MG . ? A MG 206 ? 1_555 O   B H HOH .  ? A HOH 314 ? 1_555 2.6   ? 
53 O   ? H HOH .  ? A HOH 307 ? 1_555 MG ? G MG . ? A MG 206 ? 1_555 O   B H HOH .  ? A HOH 314 ? 1_555 94.8  ? 
54 OE1 ? A GLU 53 ? A GLU 53  ? 1_555 MG ? G MG . ? A MG 206 ? 1_555 O   ? H HOH .  ? A HOH 325 ? 1_555 90.5  ? 
55 OE2 ? A GLU 57 ? A GLU 57  ? 1_555 MG ? G MG . ? A MG 206 ? 1_555 O   ? H HOH .  ? A HOH 325 ? 1_555 105.0 ? 
56 O2B A C 8DG .  ? A 8DG 202 ? 1_555 MG ? G MG . ? A MG 206 ? 1_555 O   ? H HOH .  ? A HOH 325 ? 1_555 170.1 ? 
57 O   ? H HOH .  ? A HOH 307 ? 1_555 MG ? G MG . ? A MG 206 ? 1_555 O   ? H HOH .  ? A HOH 325 ? 1_555 76.7  ? 
58 O   B H HOH .  ? A HOH 314 ? 1_555 MG ? G MG . ? A MG 206 ? 1_555 O   ? H HOH .  ? A HOH 325 ? 1_555 168.7 ? 
# 
loop_
_pdbx_audit_revision_history.ordinal 
_pdbx_audit_revision_history.data_content_type 
_pdbx_audit_revision_history.major_revision 
_pdbx_audit_revision_history.minor_revision 
_pdbx_audit_revision_history.revision_date 
1 'Structure model' 1 0 2022-06-01 
2 'Structure model' 1 1 2023-11-29 
# 
_pdbx_audit_revision_details.ordinal             1 
_pdbx_audit_revision_details.revision_ordinal    1 
_pdbx_audit_revision_details.data_content_type   'Structure model' 
_pdbx_audit_revision_details.provider            repository 
_pdbx_audit_revision_details.type                'Initial release' 
_pdbx_audit_revision_details.description         ? 
_pdbx_audit_revision_details.details             ? 
# 
loop_
_pdbx_audit_revision_group.ordinal 
_pdbx_audit_revision_group.revision_ordinal 
_pdbx_audit_revision_group.data_content_type 
_pdbx_audit_revision_group.group 
1 2 'Structure model' 'Data collection'        
2 2 'Structure model' 'Refinement description' 
# 
loop_
_pdbx_audit_revision_category.ordinal 
_pdbx_audit_revision_category.revision_ordinal 
_pdbx_audit_revision_category.data_content_type 
_pdbx_audit_revision_category.category 
1 2 'Structure model' chem_comp_atom                
2 2 'Structure model' chem_comp_bond                
3 2 'Structure model' pdbx_initial_refinement_model 
# 
loop_
_space_group_symop.id 
_space_group_symop.operation_xyz 
1 x,y,z           
2 x+1/2,-y+1/2,-z 
3 -x,y+1/2,-z+1/2 
4 -x+1/2,-y,z+1/2 
# 
loop_
_software.citation_id 
_software.classification 
_software.compiler_name 
_software.compiler_version 
_software.contact_author 
_software.contact_author_email 
_software.date 
_software.description 
_software.dependencies 
_software.hardware 
_software.language 
_software.location 
_software.mods 
_software.name 
_software.os 
_software.os_version 
_software.type 
_software.version 
_software.pdbx_ordinal 
? refinement       ? ? ? ? ? ? ? ? ? ? ? PHENIX   ? ? ? 1.13_2998 1 
? 'data reduction' ? ? ? ? ? ? ? ? ? ? ? HKL-2000 ? ? ? .         2 
# 
_pdbx_entry_details.entry_id                 7X9N 
_pdbx_entry_details.has_ligand_of_interest   Y 
_pdbx_entry_details.compound_details         ? 
_pdbx_entry_details.source_details           ? 
_pdbx_entry_details.nonpolymer_details       ? 
_pdbx_entry_details.sequence_details         ? 
# 
loop_
_chem_comp_atom.comp_id 
_chem_comp_atom.atom_id 
_chem_comp_atom.type_symbol 
_chem_comp_atom.pdbx_aromatic_flag 
_chem_comp_atom.pdbx_stereo_config 
_chem_comp_atom.pdbx_ordinal 
8DG PG     P  N N 1   
8DG O1G    O  N N 2   
8DG O2G    O  N N 3   
8DG O3G    O  N N 4   
8DG O3B    O  N N 5   
8DG PB     P  N S 6   
8DG O1B    O  N N 7   
8DG O2B    O  N N 8   
8DG O3A    O  N N 9   
8DG PA     P  N R 10  
8DG O1A    O  N N 11  
8DG O2A    O  N N 12  
8DG "O5'"  O  N N 13  
8DG "C5'"  C  N N 14  
8DG "C4'"  C  N R 15  
8DG "O4'"  O  N N 16  
8DG "C3'"  C  N S 17  
8DG "O3'"  O  N N 18  
8DG "C2'"  C  N N 19  
8DG "C1'"  C  N R 20  
8DG N9     N  N N 21  
8DG C8     C  N N 22  
8DG N7     N  N N 23  
8DG C5     C  N N 24  
8DG C6     C  N N 25  
8DG O6     O  N N 26  
8DG N1     N  N N 27  
8DG C2     C  N N 28  
8DG N2     N  N N 29  
8DG N3     N  N N 30  
8DG C4     C  N N 31  
8DG O8     O  N N 32  
8DG HOG2   H  N N 33  
8DG H3G    H  N N 34  
8DG HOB2   H  N N 35  
8DG HOA2   H  N N 36  
8DG "H5'1" H  N N 37  
8DG "H5'2" H  N N 38  
8DG "H4'"  H  N N 39  
8DG "H3'"  H  N N 40  
8DG H1     H  N N 41  
8DG "H2'1" H  N N 42  
8DG "H2'2" H  N N 43  
8DG "H1'"  H  N N 44  
8DG HN7    H  N N 45  
8DG HN1    H  N N 46  
8DG HN21   H  N N 47  
8DG HN22   H  N N 48  
8OG OP3    O  N N 49  
8OG P      P  N N 50  
8OG OP1    O  N N 51  
8OG OP2    O  N N 52  
8OG "O5'"  O  N N 53  
8OG "C5'"  C  N N 54  
8OG "C4'"  C  N R 55  
8OG "O4'"  O  N N 56  
8OG "C3'"  C  N S 57  
8OG "O3'"  O  N N 58  
8OG "C2'"  C  N N 59  
8OG "C1'"  C  N R 60  
8OG N9     N  N N 61  
8OG C8     C  N N 62  
8OG N7     N  N N 63  
8OG C5     C  N N 64  
8OG C6     C  N N 65  
8OG O6     O  N N 66  
8OG N1     N  N N 67  
8OG C2     C  N N 68  
8OG N2     N  N N 69  
8OG N3     N  N N 70  
8OG C4     C  N N 71  
8OG O8     O  N N 72  
8OG HOP3   H  N N 73  
8OG HOP2   H  N N 74  
8OG "H5'"  H  N N 75  
8OG "H5''" H  N N 76  
8OG "H4'"  H  N N 77  
8OG "H3'"  H  N N 78  
8OG "HO3'" H  N N 79  
8OG "H2'"  H  N N 80  
8OG "H2''" H  N N 81  
8OG "H1'"  H  N N 82  
8OG H7     H  N N 83  
8OG H1     H  N N 84  
8OG H21    H  N N 85  
8OG H22    H  N N 86  
ALA N      N  N N 87  
ALA CA     C  N S 88  
ALA C      C  N N 89  
ALA O      O  N N 90  
ALA CB     C  N N 91  
ALA OXT    O  N N 92  
ALA H      H  N N 93  
ALA H2     H  N N 94  
ALA HA     H  N N 95  
ALA HB1    H  N N 96  
ALA HB2    H  N N 97  
ALA HB3    H  N N 98  
ALA HXT    H  N N 99  
ARG N      N  N N 100 
ARG CA     C  N S 101 
ARG C      C  N N 102 
ARG O      O  N N 103 
ARG CB     C  N N 104 
ARG CG     C  N N 105 
ARG CD     C  N N 106 
ARG NE     N  N N 107 
ARG CZ     C  N N 108 
ARG NH1    N  N N 109 
ARG NH2    N  N N 110 
ARG OXT    O  N N 111 
ARG H      H  N N 112 
ARG H2     H  N N 113 
ARG HA     H  N N 114 
ARG HB2    H  N N 115 
ARG HB3    H  N N 116 
ARG HG2    H  N N 117 
ARG HG3    H  N N 118 
ARG HD2    H  N N 119 
ARG HD3    H  N N 120 
ARG HE     H  N N 121 
ARG HH11   H  N N 122 
ARG HH12   H  N N 123 
ARG HH21   H  N N 124 
ARG HH22   H  N N 125 
ARG HXT    H  N N 126 
ASN N      N  N N 127 
ASN CA     C  N S 128 
ASN C      C  N N 129 
ASN O      O  N N 130 
ASN CB     C  N N 131 
ASN CG     C  N N 132 
ASN OD1    O  N N 133 
ASN ND2    N  N N 134 
ASN OXT    O  N N 135 
ASN H      H  N N 136 
ASN H2     H  N N 137 
ASN HA     H  N N 138 
ASN HB2    H  N N 139 
ASN HB3    H  N N 140 
ASN HD21   H  N N 141 
ASN HD22   H  N N 142 
ASN HXT    H  N N 143 
ASP N      N  N N 144 
ASP CA     C  N S 145 
ASP C      C  N N 146 
ASP O      O  N N 147 
ASP CB     C  N N 148 
ASP CG     C  N N 149 
ASP OD1    O  N N 150 
ASP OD2    O  N N 151 
ASP OXT    O  N N 152 
ASP H      H  N N 153 
ASP H2     H  N N 154 
ASP HA     H  N N 155 
ASP HB2    H  N N 156 
ASP HB3    H  N N 157 
ASP HD2    H  N N 158 
ASP HXT    H  N N 159 
GLN N      N  N N 160 
GLN CA     C  N S 161 
GLN C      C  N N 162 
GLN O      O  N N 163 
GLN CB     C  N N 164 
GLN CG     C  N N 165 
GLN CD     C  N N 166 
GLN OE1    O  N N 167 
GLN NE2    N  N N 168 
GLN OXT    O  N N 169 
GLN H      H  N N 170 
GLN H2     H  N N 171 
GLN HA     H  N N 172 
GLN HB2    H  N N 173 
GLN HB3    H  N N 174 
GLN HG2    H  N N 175 
GLN HG3    H  N N 176 
GLN HE21   H  N N 177 
GLN HE22   H  N N 178 
GLN HXT    H  N N 179 
GLU N      N  N N 180 
GLU CA     C  N S 181 
GLU C      C  N N 182 
GLU O      O  N N 183 
GLU CB     C  N N 184 
GLU CG     C  N N 185 
GLU CD     C  N N 186 
GLU OE1    O  N N 187 
GLU OE2    O  N N 188 
GLU OXT    O  N N 189 
GLU H      H  N N 190 
GLU H2     H  N N 191 
GLU HA     H  N N 192 
GLU HB2    H  N N 193 
GLU HB3    H  N N 194 
GLU HG2    H  N N 195 
GLU HG3    H  N N 196 
GLU HE2    H  N N 197 
GLU HXT    H  N N 198 
GLY N      N  N N 199 
GLY CA     C  N N 200 
GLY C      C  N N 201 
GLY O      O  N N 202 
GLY OXT    O  N N 203 
GLY H      H  N N 204 
GLY H2     H  N N 205 
GLY HA2    H  N N 206 
GLY HA3    H  N N 207 
GLY HXT    H  N N 208 
HIS N      N  N N 209 
HIS CA     C  N S 210 
HIS C      C  N N 211 
HIS O      O  N N 212 
HIS CB     C  N N 213 
HIS CG     C  Y N 214 
HIS ND1    N  Y N 215 
HIS CD2    C  Y N 216 
HIS CE1    C  Y N 217 
HIS NE2    N  Y N 218 
HIS OXT    O  N N 219 
HIS H      H  N N 220 
HIS H2     H  N N 221 
HIS HA     H  N N 222 
HIS HB2    H  N N 223 
HIS HB3    H  N N 224 
HIS HD1    H  N N 225 
HIS HD2    H  N N 226 
HIS HE1    H  N N 227 
HIS HE2    H  N N 228 
HIS HXT    H  N N 229 
HOH O      O  N N 230 
HOH H1     H  N N 231 
HOH H2     H  N N 232 
ILE N      N  N N 233 
ILE CA     C  N S 234 
ILE C      C  N N 235 
ILE O      O  N N 236 
ILE CB     C  N S 237 
ILE CG1    C  N N 238 
ILE CG2    C  N N 239 
ILE CD1    C  N N 240 
ILE OXT    O  N N 241 
ILE H      H  N N 242 
ILE H2     H  N N 243 
ILE HA     H  N N 244 
ILE HB     H  N N 245 
ILE HG12   H  N N 246 
ILE HG13   H  N N 247 
ILE HG21   H  N N 248 
ILE HG22   H  N N 249 
ILE HG23   H  N N 250 
ILE HD11   H  N N 251 
ILE HD12   H  N N 252 
ILE HD13   H  N N 253 
ILE HXT    H  N N 254 
LEU N      N  N N 255 
LEU CA     C  N S 256 
LEU C      C  N N 257 
LEU O      O  N N 258 
LEU CB     C  N N 259 
LEU CG     C  N N 260 
LEU CD1    C  N N 261 
LEU CD2    C  N N 262 
LEU OXT    O  N N 263 
LEU H      H  N N 264 
LEU H2     H  N N 265 
LEU HA     H  N N 266 
LEU HB2    H  N N 267 
LEU HB3    H  N N 268 
LEU HG     H  N N 269 
LEU HD11   H  N N 270 
LEU HD12   H  N N 271 
LEU HD13   H  N N 272 
LEU HD21   H  N N 273 
LEU HD22   H  N N 274 
LEU HD23   H  N N 275 
LEU HXT    H  N N 276 
LYS N      N  N N 277 
LYS CA     C  N S 278 
LYS C      C  N N 279 
LYS O      O  N N 280 
LYS CB     C  N N 281 
LYS CG     C  N N 282 
LYS CD     C  N N 283 
LYS CE     C  N N 284 
LYS NZ     N  N N 285 
LYS OXT    O  N N 286 
LYS H      H  N N 287 
LYS H2     H  N N 288 
LYS HA     H  N N 289 
LYS HB2    H  N N 290 
LYS HB3    H  N N 291 
LYS HG2    H  N N 292 
LYS HG3    H  N N 293 
LYS HD2    H  N N 294 
LYS HD3    H  N N 295 
LYS HE2    H  N N 296 
LYS HE3    H  N N 297 
LYS HZ1    H  N N 298 
LYS HZ2    H  N N 299 
LYS HZ3    H  N N 300 
LYS HXT    H  N N 301 
MET N      N  N N 302 
MET CA     C  N S 303 
MET C      C  N N 304 
MET O      O  N N 305 
MET CB     C  N N 306 
MET CG     C  N N 307 
MET SD     S  N N 308 
MET CE     C  N N 309 
MET OXT    O  N N 310 
MET H      H  N N 311 
MET H2     H  N N 312 
MET HA     H  N N 313 
MET HB2    H  N N 314 
MET HB3    H  N N 315 
MET HG2    H  N N 316 
MET HG3    H  N N 317 
MET HE1    H  N N 318 
MET HE2    H  N N 319 
MET HE3    H  N N 320 
MET HXT    H  N N 321 
MG  MG     MG N N 322 
PHE N      N  N N 323 
PHE CA     C  N S 324 
PHE C      C  N N 325 
PHE O      O  N N 326 
PHE CB     C  N N 327 
PHE CG     C  Y N 328 
PHE CD1    C  Y N 329 
PHE CD2    C  Y N 330 
PHE CE1    C  Y N 331 
PHE CE2    C  Y N 332 
PHE CZ     C  Y N 333 
PHE OXT    O  N N 334 
PHE H      H  N N 335 
PHE H2     H  N N 336 
PHE HA     H  N N 337 
PHE HB2    H  N N 338 
PHE HB3    H  N N 339 
PHE HD1    H  N N 340 
PHE HD2    H  N N 341 
PHE HE1    H  N N 342 
PHE HE2    H  N N 343 
PHE HZ     H  N N 344 
PHE HXT    H  N N 345 
PRO N      N  N N 346 
PRO CA     C  N S 347 
PRO C      C  N N 348 
PRO O      O  N N 349 
PRO CB     C  N N 350 
PRO CG     C  N N 351 
PRO CD     C  N N 352 
PRO OXT    O  N N 353 
PRO H      H  N N 354 
PRO HA     H  N N 355 
PRO HB2    H  N N 356 
PRO HB3    H  N N 357 
PRO HG2    H  N N 358 
PRO HG3    H  N N 359 
PRO HD2    H  N N 360 
PRO HD3    H  N N 361 
PRO HXT    H  N N 362 
SER N      N  N N 363 
SER CA     C  N S 364 
SER C      C  N N 365 
SER O      O  N N 366 
SER CB     C  N N 367 
SER OG     O  N N 368 
SER OXT    O  N N 369 
SER H      H  N N 370 
SER H2     H  N N 371 
SER HA     H  N N 372 
SER HB2    H  N N 373 
SER HB3    H  N N 374 
SER HG     H  N N 375 
SER HXT    H  N N 376 
SO4 S      S  N N 377 
SO4 O1     O  N N 378 
SO4 O2     O  N N 379 
SO4 O3     O  N N 380 
SO4 O4     O  N N 381 
THR N      N  N N 382 
THR CA     C  N S 383 
THR C      C  N N 384 
THR O      O  N N 385 
THR CB     C  N R 386 
THR OG1    O  N N 387 
THR CG2    C  N N 388 
THR OXT    O  N N 389 
THR H      H  N N 390 
THR H2     H  N N 391 
THR HA     H  N N 392 
THR HB     H  N N 393 
THR HG1    H  N N 394 
THR HG21   H  N N 395 
THR HG22   H  N N 396 
THR HG23   H  N N 397 
THR HXT    H  N N 398 
TRP N      N  N N 399 
TRP CA     C  N S 400 
TRP C      C  N N 401 
TRP O      O  N N 402 
TRP CB     C  N N 403 
TRP CG     C  Y N 404 
TRP CD1    C  Y N 405 
TRP CD2    C  Y N 406 
TRP NE1    N  Y N 407 
TRP CE2    C  Y N 408 
TRP CE3    C  Y N 409 
TRP CZ2    C  Y N 410 
TRP CZ3    C  Y N 411 
TRP CH2    C  Y N 412 
TRP OXT    O  N N 413 
TRP H      H  N N 414 
TRP H2     H  N N 415 
TRP HA     H  N N 416 
TRP HB2    H  N N 417 
TRP HB3    H  N N 418 
TRP HD1    H  N N 419 
TRP HE1    H  N N 420 
TRP HE3    H  N N 421 
TRP HZ2    H  N N 422 
TRP HZ3    H  N N 423 
TRP HH2    H  N N 424 
TRP HXT    H  N N 425 
TYR N      N  N N 426 
TYR CA     C  N S 427 
TYR C      C  N N 428 
TYR O      O  N N 429 
TYR CB     C  N N 430 
TYR CG     C  Y N 431 
TYR CD1    C  Y N 432 
TYR CD2    C  Y N 433 
TYR CE1    C  Y N 434 
TYR CE2    C  Y N 435 
TYR CZ     C  Y N 436 
TYR OH     O  N N 437 
TYR OXT    O  N N 438 
TYR H      H  N N 439 
TYR H2     H  N N 440 
TYR HA     H  N N 441 
TYR HB2    H  N N 442 
TYR HB3    H  N N 443 
TYR HD1    H  N N 444 
TYR HD2    H  N N 445 
TYR HE1    H  N N 446 
TYR HE2    H  N N 447 
TYR HH     H  N N 448 
TYR HXT    H  N N 449 
VAL N      N  N N 450 
VAL CA     C  N S 451 
VAL C      C  N N 452 
VAL O      O  N N 453 
VAL CB     C  N N 454 
VAL CG1    C  N N 455 
VAL CG2    C  N N 456 
VAL OXT    O  N N 457 
VAL H      H  N N 458 
VAL H2     H  N N 459 
VAL HA     H  N N 460 
VAL HB     H  N N 461 
VAL HG11   H  N N 462 
VAL HG12   H  N N 463 
VAL HG13   H  N N 464 
VAL HG21   H  N N 465 
VAL HG22   H  N N 466 
VAL HG23   H  N N 467 
VAL HXT    H  N N 468 
# 
loop_
_chem_comp_bond.comp_id 
_chem_comp_bond.atom_id_1 
_chem_comp_bond.atom_id_2 
_chem_comp_bond.value_order 
_chem_comp_bond.pdbx_aromatic_flag 
_chem_comp_bond.pdbx_stereo_config 
_chem_comp_bond.pdbx_ordinal 
8DG PG    O1G    doub N N 1   
8DG PG    O2G    sing N N 2   
8DG PG    O3G    sing N N 3   
8DG PG    O3B    sing N N 4   
8DG O2G   HOG2   sing N N 5   
8DG O3G   H3G    sing N N 6   
8DG O3B   PB     sing N N 7   
8DG PB    O1B    doub N N 8   
8DG PB    O2B    sing N N 9   
8DG PB    O3A    sing N N 10  
8DG O2B   HOB2   sing N N 11  
8DG O3A   PA     sing N N 12  
8DG PA    O1A    doub N N 13  
8DG PA    O2A    sing N N 14  
8DG PA    "O5'"  sing N N 15  
8DG O2A   HOA2   sing N N 16  
8DG "O5'" "C5'"  sing N N 17  
8DG "C5'" "C4'"  sing N N 18  
8DG "C5'" "H5'1" sing N N 19  
8DG "C5'" "H5'2" sing N N 20  
8DG "C4'" "O4'"  sing N N 21  
8DG "C4'" "C3'"  sing N N 22  
8DG "C4'" "H4'"  sing N N 23  
8DG "O4'" "C1'"  sing N N 24  
8DG "C3'" "O3'"  sing N N 25  
8DG "C3'" "C2'"  sing N N 26  
8DG "C3'" "H3'"  sing N N 27  
8DG "O3'" H1     sing N N 28  
8DG "C2'" "C1'"  sing N N 29  
8DG "C2'" "H2'1" sing N N 30  
8DG "C2'" "H2'2" sing N N 31  
8DG "C1'" N9     sing N N 32  
8DG "C1'" "H1'"  sing N N 33  
8DG N9    C8     sing N N 34  
8DG N9    C4     sing N N 35  
8DG C8    N7     sing N N 36  
8DG C8    O8     doub N N 37  
8DG N7    C5     sing N N 38  
8DG N7    HN7    sing N N 39  
8DG C5    C6     sing N N 40  
8DG C5    C4     doub N N 41  
8DG C6    O6     doub N N 42  
8DG C6    N1     sing N N 43  
8DG N1    C2     sing N N 44  
8DG N1    HN1    sing N N 45  
8DG C2    N2     sing N N 46  
8DG C2    N3     doub N N 47  
8DG N2    HN21   sing N N 48  
8DG N2    HN22   sing N N 49  
8DG N3    C4     sing N N 50  
8OG OP3   P      sing N N 51  
8OG OP3   HOP3   sing N N 52  
8OG P     OP1    doub N N 53  
8OG P     OP2    sing N N 54  
8OG P     "O5'"  sing N N 55  
8OG OP2   HOP2   sing N N 56  
8OG "O5'" "C5'"  sing N N 57  
8OG "C5'" "C4'"  sing N N 58  
8OG "C5'" "H5'"  sing N N 59  
8OG "C5'" "H5''" sing N N 60  
8OG "C4'" "O4'"  sing N N 61  
8OG "C4'" "C3'"  sing N N 62  
8OG "C4'" "H4'"  sing N N 63  
8OG "O4'" "C1'"  sing N N 64  
8OG "C3'" "O3'"  sing N N 65  
8OG "C3'" "C2'"  sing N N 66  
8OG "C3'" "H3'"  sing N N 67  
8OG "O3'" "HO3'" sing N N 68  
8OG "C2'" "C1'"  sing N N 69  
8OG "C2'" "H2'"  sing N N 70  
8OG "C2'" "H2''" sing N N 71  
8OG "C1'" N9     sing N N 72  
8OG "C1'" "H1'"  sing N N 73  
8OG N9    C8     sing N N 74  
8OG N9    C4     sing N N 75  
8OG C8    N7     sing N N 76  
8OG C8    O8     doub N N 77  
8OG N7    C5     sing N N 78  
8OG N7    H7     sing N N 79  
8OG C5    C6     sing N N 80  
8OG C5    C4     doub N N 81  
8OG C6    O6     doub N N 82  
8OG C6    N1     sing N N 83  
8OG N1    C2     sing N N 84  
8OG N1    H1     sing N N 85  
8OG C2    N2     sing N N 86  
8OG C2    N3     doub N N 87  
8OG N2    H21    sing N N 88  
8OG N2    H22    sing N N 89  
8OG N3    C4     sing N N 90  
ALA N     CA     sing N N 91  
ALA N     H      sing N N 92  
ALA N     H2     sing N N 93  
ALA CA    C      sing N N 94  
ALA CA    CB     sing N N 95  
ALA CA    HA     sing N N 96  
ALA C     O      doub N N 97  
ALA C     OXT    sing N N 98  
ALA CB    HB1    sing N N 99  
ALA CB    HB2    sing N N 100 
ALA CB    HB3    sing N N 101 
ALA OXT   HXT    sing N N 102 
ARG N     CA     sing N N 103 
ARG N     H      sing N N 104 
ARG N     H2     sing N N 105 
ARG CA    C      sing N N 106 
ARG CA    CB     sing N N 107 
ARG CA    HA     sing N N 108 
ARG C     O      doub N N 109 
ARG C     OXT    sing N N 110 
ARG CB    CG     sing N N 111 
ARG CB    HB2    sing N N 112 
ARG CB    HB3    sing N N 113 
ARG CG    CD     sing N N 114 
ARG CG    HG2    sing N N 115 
ARG CG    HG3    sing N N 116 
ARG CD    NE     sing N N 117 
ARG CD    HD2    sing N N 118 
ARG CD    HD3    sing N N 119 
ARG NE    CZ     sing N N 120 
ARG NE    HE     sing N N 121 
ARG CZ    NH1    sing N N 122 
ARG CZ    NH2    doub N N 123 
ARG NH1   HH11   sing N N 124 
ARG NH1   HH12   sing N N 125 
ARG NH2   HH21   sing N N 126 
ARG NH2   HH22   sing N N 127 
ARG OXT   HXT    sing N N 128 
ASN N     CA     sing N N 129 
ASN N     H      sing N N 130 
ASN N     H2     sing N N 131 
ASN CA    C      sing N N 132 
ASN CA    CB     sing N N 133 
ASN CA    HA     sing N N 134 
ASN C     O      doub N N 135 
ASN C     OXT    sing N N 136 
ASN CB    CG     sing N N 137 
ASN CB    HB2    sing N N 138 
ASN CB    HB3    sing N N 139 
ASN CG    OD1    doub N N 140 
ASN CG    ND2    sing N N 141 
ASN ND2   HD21   sing N N 142 
ASN ND2   HD22   sing N N 143 
ASN OXT   HXT    sing N N 144 
ASP N     CA     sing N N 145 
ASP N     H      sing N N 146 
ASP N     H2     sing N N 147 
ASP CA    C      sing N N 148 
ASP CA    CB     sing N N 149 
ASP CA    HA     sing N N 150 
ASP C     O      doub N N 151 
ASP C     OXT    sing N N 152 
ASP CB    CG     sing N N 153 
ASP CB    HB2    sing N N 154 
ASP CB    HB3    sing N N 155 
ASP CG    OD1    doub N N 156 
ASP CG    OD2    sing N N 157 
ASP OD2   HD2    sing N N 158 
ASP OXT   HXT    sing N N 159 
GLN N     CA     sing N N 160 
GLN N     H      sing N N 161 
GLN N     H2     sing N N 162 
GLN CA    C      sing N N 163 
GLN CA    CB     sing N N 164 
GLN CA    HA     sing N N 165 
GLN C     O      doub N N 166 
GLN C     OXT    sing N N 167 
GLN CB    CG     sing N N 168 
GLN CB    HB2    sing N N 169 
GLN CB    HB3    sing N N 170 
GLN CG    CD     sing N N 171 
GLN CG    HG2    sing N N 172 
GLN CG    HG3    sing N N 173 
GLN CD    OE1    doub N N 174 
GLN CD    NE2    sing N N 175 
GLN NE2   HE21   sing N N 176 
GLN NE2   HE22   sing N N 177 
GLN OXT   HXT    sing N N 178 
GLU N     CA     sing N N 179 
GLU N     H      sing N N 180 
GLU N     H2     sing N N 181 
GLU CA    C      sing N N 182 
GLU CA    CB     sing N N 183 
GLU CA    HA     sing N N 184 
GLU C     O      doub N N 185 
GLU C     OXT    sing N N 186 
GLU CB    CG     sing N N 187 
GLU CB    HB2    sing N N 188 
GLU CB    HB3    sing N N 189 
GLU CG    CD     sing N N 190 
GLU CG    HG2    sing N N 191 
GLU CG    HG3    sing N N 192 
GLU CD    OE1    doub N N 193 
GLU CD    OE2    sing N N 194 
GLU OE2   HE2    sing N N 195 
GLU OXT   HXT    sing N N 196 
GLY N     CA     sing N N 197 
GLY N     H      sing N N 198 
GLY N     H2     sing N N 199 
GLY CA    C      sing N N 200 
GLY CA    HA2    sing N N 201 
GLY CA    HA3    sing N N 202 
GLY C     O      doub N N 203 
GLY C     OXT    sing N N 204 
GLY OXT   HXT    sing N N 205 
HIS N     CA     sing N N 206 
HIS N     H      sing N N 207 
HIS N     H2     sing N N 208 
HIS CA    C      sing N N 209 
HIS CA    CB     sing N N 210 
HIS CA    HA     sing N N 211 
HIS C     O      doub N N 212 
HIS C     OXT    sing N N 213 
HIS CB    CG     sing N N 214 
HIS CB    HB2    sing N N 215 
HIS CB    HB3    sing N N 216 
HIS CG    ND1    sing Y N 217 
HIS CG    CD2    doub Y N 218 
HIS ND1   CE1    doub Y N 219 
HIS ND1   HD1    sing N N 220 
HIS CD2   NE2    sing Y N 221 
HIS CD2   HD2    sing N N 222 
HIS CE1   NE2    sing Y N 223 
HIS CE1   HE1    sing N N 224 
HIS NE2   HE2    sing N N 225 
HIS OXT   HXT    sing N N 226 
HOH O     H1     sing N N 227 
HOH O     H2     sing N N 228 
ILE N     CA     sing N N 229 
ILE N     H      sing N N 230 
ILE N     H2     sing N N 231 
ILE CA    C      sing N N 232 
ILE CA    CB     sing N N 233 
ILE CA    HA     sing N N 234 
ILE C     O      doub N N 235 
ILE C     OXT    sing N N 236 
ILE CB    CG1    sing N N 237 
ILE CB    CG2    sing N N 238 
ILE CB    HB     sing N N 239 
ILE CG1   CD1    sing N N 240 
ILE CG1   HG12   sing N N 241 
ILE CG1   HG13   sing N N 242 
ILE CG2   HG21   sing N N 243 
ILE CG2   HG22   sing N N 244 
ILE CG2   HG23   sing N N 245 
ILE CD1   HD11   sing N N 246 
ILE CD1   HD12   sing N N 247 
ILE CD1   HD13   sing N N 248 
ILE OXT   HXT    sing N N 249 
LEU N     CA     sing N N 250 
LEU N     H      sing N N 251 
LEU N     H2     sing N N 252 
LEU CA    C      sing N N 253 
LEU CA    CB     sing N N 254 
LEU CA    HA     sing N N 255 
LEU C     O      doub N N 256 
LEU C     OXT    sing N N 257 
LEU CB    CG     sing N N 258 
LEU CB    HB2    sing N N 259 
LEU CB    HB3    sing N N 260 
LEU CG    CD1    sing N N 261 
LEU CG    CD2    sing N N 262 
LEU CG    HG     sing N N 263 
LEU CD1   HD11   sing N N 264 
LEU CD1   HD12   sing N N 265 
LEU CD1   HD13   sing N N 266 
LEU CD2   HD21   sing N N 267 
LEU CD2   HD22   sing N N 268 
LEU CD2   HD23   sing N N 269 
LEU OXT   HXT    sing N N 270 
LYS N     CA     sing N N 271 
LYS N     H      sing N N 272 
LYS N     H2     sing N N 273 
LYS CA    C      sing N N 274 
LYS CA    CB     sing N N 275 
LYS CA    HA     sing N N 276 
LYS C     O      doub N N 277 
LYS C     OXT    sing N N 278 
LYS CB    CG     sing N N 279 
LYS CB    HB2    sing N N 280 
LYS CB    HB3    sing N N 281 
LYS CG    CD     sing N N 282 
LYS CG    HG2    sing N N 283 
LYS CG    HG3    sing N N 284 
LYS CD    CE     sing N N 285 
LYS CD    HD2    sing N N 286 
LYS CD    HD3    sing N N 287 
LYS CE    NZ     sing N N 288 
LYS CE    HE2    sing N N 289 
LYS CE    HE3    sing N N 290 
LYS NZ    HZ1    sing N N 291 
LYS NZ    HZ2    sing N N 292 
LYS NZ    HZ3    sing N N 293 
LYS OXT   HXT    sing N N 294 
MET N     CA     sing N N 295 
MET N     H      sing N N 296 
MET N     H2     sing N N 297 
MET CA    C      sing N N 298 
MET CA    CB     sing N N 299 
MET CA    HA     sing N N 300 
MET C     O      doub N N 301 
MET C     OXT    sing N N 302 
MET CB    CG     sing N N 303 
MET CB    HB2    sing N N 304 
MET CB    HB3    sing N N 305 
MET CG    SD     sing N N 306 
MET CG    HG2    sing N N 307 
MET CG    HG3    sing N N 308 
MET SD    CE     sing N N 309 
MET CE    HE1    sing N N 310 
MET CE    HE2    sing N N 311 
MET CE    HE3    sing N N 312 
MET OXT   HXT    sing N N 313 
PHE N     CA     sing N N 314 
PHE N     H      sing N N 315 
PHE N     H2     sing N N 316 
PHE CA    C      sing N N 317 
PHE CA    CB     sing N N 318 
PHE CA    HA     sing N N 319 
PHE C     O      doub N N 320 
PHE C     OXT    sing N N 321 
PHE CB    CG     sing N N 322 
PHE CB    HB2    sing N N 323 
PHE CB    HB3    sing N N 324 
PHE CG    CD1    doub Y N 325 
PHE CG    CD2    sing Y N 326 
PHE CD1   CE1    sing Y N 327 
PHE CD1   HD1    sing N N 328 
PHE CD2   CE2    doub Y N 329 
PHE CD2   HD2    sing N N 330 
PHE CE1   CZ     doub Y N 331 
PHE CE1   HE1    sing N N 332 
PHE CE2   CZ     sing Y N 333 
PHE CE2   HE2    sing N N 334 
PHE CZ    HZ     sing N N 335 
PHE OXT   HXT    sing N N 336 
PRO N     CA     sing N N 337 
PRO N     CD     sing N N 338 
PRO N     H      sing N N 339 
PRO CA    C      sing N N 340 
PRO CA    CB     sing N N 341 
PRO CA    HA     sing N N 342 
PRO C     O      doub N N 343 
PRO C     OXT    sing N N 344 
PRO CB    CG     sing N N 345 
PRO CB    HB2    sing N N 346 
PRO CB    HB3    sing N N 347 
PRO CG    CD     sing N N 348 
PRO CG    HG2    sing N N 349 
PRO CG    HG3    sing N N 350 
PRO CD    HD2    sing N N 351 
PRO CD    HD3    sing N N 352 
PRO OXT   HXT    sing N N 353 
SER N     CA     sing N N 354 
SER N     H      sing N N 355 
SER N     H2     sing N N 356 
SER CA    C      sing N N 357 
SER CA    CB     sing N N 358 
SER CA    HA     sing N N 359 
SER C     O      doub N N 360 
SER C     OXT    sing N N 361 
SER CB    OG     sing N N 362 
SER CB    HB2    sing N N 363 
SER CB    HB3    sing N N 364 
SER OG    HG     sing N N 365 
SER OXT   HXT    sing N N 366 
SO4 S     O1     doub N N 367 
SO4 S     O2     doub N N 368 
SO4 S     O3     sing N N 369 
SO4 S     O4     sing N N 370 
THR N     CA     sing N N 371 
THR N     H      sing N N 372 
THR N     H2     sing N N 373 
THR CA    C      sing N N 374 
THR CA    CB     sing N N 375 
THR CA    HA     sing N N 376 
THR C     O      doub N N 377 
THR C     OXT    sing N N 378 
THR CB    OG1    sing N N 379 
THR CB    CG2    sing N N 380 
THR CB    HB     sing N N 381 
THR OG1   HG1    sing N N 382 
THR CG2   HG21   sing N N 383 
THR CG2   HG22   sing N N 384 
THR CG2   HG23   sing N N 385 
THR OXT   HXT    sing N N 386 
TRP N     CA     sing N N 387 
TRP N     H      sing N N 388 
TRP N     H2     sing N N 389 
TRP CA    C      sing N N 390 
TRP CA    CB     sing N N 391 
TRP CA    HA     sing N N 392 
TRP C     O      doub N N 393 
TRP C     OXT    sing N N 394 
TRP CB    CG     sing N N 395 
TRP CB    HB2    sing N N 396 
TRP CB    HB3    sing N N 397 
TRP CG    CD1    doub Y N 398 
TRP CG    CD2    sing Y N 399 
TRP CD1   NE1    sing Y N 400 
TRP CD1   HD1    sing N N 401 
TRP CD2   CE2    doub Y N 402 
TRP CD2   CE3    sing Y N 403 
TRP NE1   CE2    sing Y N 404 
TRP NE1   HE1    sing N N 405 
TRP CE2   CZ2    sing Y N 406 
TRP CE3   CZ3    doub Y N 407 
TRP CE3   HE3    sing N N 408 
TRP CZ2   CH2    doub Y N 409 
TRP CZ2   HZ2    sing N N 410 
TRP CZ3   CH2    sing Y N 411 
TRP CZ3   HZ3    sing N N 412 
TRP CH2   HH2    sing N N 413 
TRP OXT   HXT    sing N N 414 
TYR N     CA     sing N N 415 
TYR N     H      sing N N 416 
TYR N     H2     sing N N 417 
TYR CA    C      sing N N 418 
TYR CA    CB     sing N N 419 
TYR CA    HA     sing N N 420 
TYR C     O      doub N N 421 
TYR C     OXT    sing N N 422 
TYR CB    CG     sing N N 423 
TYR CB    HB2    sing N N 424 
TYR CB    HB3    sing N N 425 
TYR CG    CD1    doub Y N 426 
TYR CG    CD2    sing Y N 427 
TYR CD1   CE1    sing Y N 428 
TYR CD1   HD1    sing N N 429 
TYR CD2   CE2    doub Y N 430 
TYR CD2   HD2    sing N N 431 
TYR CE1   CZ     doub Y N 432 
TYR CE1   HE1    sing N N 433 
TYR CE2   CZ     sing Y N 434 
TYR CE2   HE2    sing N N 435 
TYR CZ    OH     sing N N 436 
TYR OH    HH     sing N N 437 
TYR OXT   HXT    sing N N 438 
VAL N     CA     sing N N 439 
VAL N     H      sing N N 440 
VAL N     H2     sing N N 441 
VAL CA    C      sing N N 442 
VAL CA    CB     sing N N 443 
VAL CA    HA     sing N N 444 
VAL C     O      doub N N 445 
VAL C     OXT    sing N N 446 
VAL CB    CG1    sing N N 447 
VAL CB    CG2    sing N N 448 
VAL CB    HB     sing N N 449 
VAL CG1   HG11   sing N N 450 
VAL CG1   HG12   sing N N 451 
VAL CG1   HG13   sing N N 452 
VAL CG2   HG21   sing N N 453 
VAL CG2   HG22   sing N N 454 
VAL CG2   HG23   sing N N 455 
VAL OXT   HXT    sing N N 456 
# 
_pdbx_audit_support.funding_organization   'Ministry of Education, Culture, Sports, Science and Technology (Japan)' 
_pdbx_audit_support.country                Japan 
_pdbx_audit_support.grant_number           ? 
_pdbx_audit_support.ordinal                1 
# 
loop_
_pdbx_entity_instance_feature.ordinal 
_pdbx_entity_instance_feature.comp_id 
_pdbx_entity_instance_feature.asym_id 
_pdbx_entity_instance_feature.seq_num 
_pdbx_entity_instance_feature.auth_comp_id 
_pdbx_entity_instance_feature.auth_asym_id 
_pdbx_entity_instance_feature.auth_seq_num 
_pdbx_entity_instance_feature.feature_type 
_pdbx_entity_instance_feature.details 
1 8DG ? ? 8DG ? ? 'SUBJECT OF INVESTIGATION' ? 
2 8OG ? ? 8OG ? ? 'SUBJECT OF INVESTIGATION' ? 
# 
loop_
_pdbx_entity_nonpoly.entity_id 
_pdbx_entity_nonpoly.name 
_pdbx_entity_nonpoly.comp_id 
2 'SULFATE ION'                               SO4 
3 "8-OXO-2'-DEOXYGUANOSINE-5'-TRIPHOSPHATE"   8DG 
4 "8-OXO-2'-DEOXY-GUANOSINE-5'-MONOPHOSPHATE" 8OG 
5 'MAGNESIUM ION'                             MG  
6 water                                       HOH 
# 
_pdbx_initial_refinement_model.id               1 
_pdbx_initial_refinement_model.entity_id_list   ? 
_pdbx_initial_refinement_model.type             'experimental model' 
_pdbx_initial_refinement_model.source_name      PDB 
_pdbx_initial_refinement_model.accession_code   3A6T 
_pdbx_initial_refinement_model.details          ? 
# 
_pdbx_struct_assembly_auth_evidence.id                     1 
_pdbx_struct_assembly_auth_evidence.assembly_id            1 
_pdbx_struct_assembly_auth_evidence.experimental_support   'gel filtration' 
_pdbx_struct_assembly_auth_evidence.details                ? 
# 
_space_group.name_H-M_alt     'P 21 21 21' 
_space_group.name_Hall        'P 2ac 2ab' 
_space_group.IT_number        19 
_space_group.crystal_system   orthorhombic 
_space_group.id               1 
# 
